data_1WXB
#
_entry.id   1WXB
#
_entity_poly.entity_id   1
_entity_poly.type   'polypeptide(L)'
_entity_poly.pdbx_seq_one_letter_code
;GSSGSSGKYVKILYDFTARNANELSVLKDEVLEVLEDGRQWWKLRSRSGQAGYVPCNILGEASGPSSG
;
_entity_poly.pdbx_strand_id   A
#
# COMPACT_ATOMS: atom_id res chain seq x y z
N GLY A 1 10.87 11.31 14.33
CA GLY A 1 9.42 11.45 14.28
C GLY A 1 8.92 11.41 12.84
N SER A 2 7.63 11.72 12.69
CA SER A 2 7.02 11.74 11.38
C SER A 2 7.67 12.79 10.49
N SER A 3 7.92 12.42 9.25
CA SER A 3 8.55 13.32 8.31
C SER A 3 7.47 14.06 7.50
N GLY A 4 6.63 13.27 6.86
CA GLY A 4 5.54 13.83 6.05
C GLY A 4 4.18 13.41 6.60
N SER A 5 3.22 14.30 6.43
CA SER A 5 1.86 14.04 6.89
C SER A 5 0.93 13.83 5.70
N SER A 6 1.38 14.29 4.54
CA SER A 6 0.60 14.16 3.33
C SER A 6 1.45 13.55 2.21
N GLY A 7 1.22 12.28 1.97
CA GLY A 7 1.95 11.56 0.93
C GLY A 7 1.00 10.97 -0.10
N LYS A 8 1.21 9.69 -0.38
CA LYS A 8 0.38 9.00 -1.36
C LYS A 8 -0.07 7.66 -0.77
N TYR A 9 -1.00 7.03 -1.48
CA TYR A 9 -1.53 5.75 -1.04
C TYR A 9 -1.87 4.86 -2.24
N VAL A 10 -2.15 3.59 -1.94
CA VAL A 10 -2.50 2.64 -2.98
C VAL A 10 -3.77 1.89 -2.58
N LYS A 11 -4.64 1.72 -3.56
CA LYS A 11 -5.90 1.02 -3.33
C LYS A 11 -5.81 -0.39 -3.90
N ILE A 12 -5.76 -1.36 -3.00
CA ILE A 12 -5.68 -2.76 -3.41
C ILE A 12 -6.80 -3.06 -4.41
N LEU A 13 -6.44 -3.81 -5.44
CA LEU A 13 -7.41 -4.18 -6.46
C LEU A 13 -7.85 -5.63 -6.25
N TYR A 14 -6.89 -6.45 -5.83
CA TYR A 14 -7.15 -7.85 -5.59
C TYR A 14 -6.70 -8.26 -4.19
N ASP A 15 -7.56 -9.02 -3.52
CA ASP A 15 -7.26 -9.48 -2.18
C ASP A 15 -6.05 -10.40 -2.22
N PHE A 16 -5.02 -10.01 -1.49
CA PHE A 16 -3.80 -10.80 -1.43
C PHE A 16 -3.57 -11.37 -0.02
N THR A 17 -3.10 -12.61 0.00
CA THR A 17 -2.84 -13.29 1.26
C THR A 17 -1.33 -13.49 1.46
N ALA A 18 -0.73 -12.57 2.19
CA ALA A 18 0.70 -12.64 2.46
C ALA A 18 1.09 -14.10 2.73
N ARG A 19 1.92 -14.63 1.85
CA ARG A 19 2.38 -16.01 1.99
C ARG A 19 3.34 -16.13 3.17
N ASN A 20 4.07 -15.04 3.42
CA ASN A 20 5.03 -15.01 4.50
C ASN A 20 4.98 -13.65 5.19
N ALA A 21 5.87 -13.47 6.16
CA ALA A 21 5.93 -12.23 6.90
C ALA A 21 6.36 -11.10 5.96
N ASN A 22 7.43 -11.37 5.22
CA ASN A 22 7.96 -10.39 4.29
C ASN A 22 6.81 -9.81 3.46
N GLU A 23 5.79 -10.63 3.27
CA GLU A 23 4.63 -10.21 2.49
C GLU A 23 3.56 -9.64 3.43
N LEU A 24 2.74 -8.75 2.87
CA LEU A 24 1.68 -8.12 3.63
C LEU A 24 0.33 -8.67 3.16
N SER A 25 -0.54 -8.92 4.13
CA SER A 25 -1.86 -9.44 3.83
C SER A 25 -2.86 -8.29 3.74
N VAL A 26 -3.44 -8.14 2.55
CA VAL A 26 -4.42 -7.09 2.32
C VAL A 26 -5.68 -7.70 1.70
N LEU A 27 -6.69 -6.85 1.54
CA LEU A 27 -7.95 -7.30 0.97
C LEU A 27 -8.30 -6.40 -0.23
N LYS A 28 -9.43 -6.72 -0.84
CA LYS A 28 -9.89 -5.97 -2.00
C LYS A 28 -10.63 -4.72 -1.51
N ASP A 29 -10.41 -3.62 -2.23
CA ASP A 29 -11.05 -2.36 -1.90
C ASP A 29 -10.38 -1.78 -0.65
N GLU A 30 -9.12 -2.16 -0.44
CA GLU A 30 -8.37 -1.69 0.70
C GLU A 30 -7.37 -0.63 0.27
N VAL A 31 -6.95 0.17 1.24
CA VAL A 31 -5.99 1.23 0.98
C VAL A 31 -4.88 1.18 2.03
N LEU A 32 -3.66 0.89 1.57
CA LEU A 32 -2.52 0.81 2.46
C LEU A 32 -1.65 2.04 2.27
N GLU A 33 -0.57 2.10 3.04
CA GLU A 33 0.35 3.22 2.97
C GLU A 33 1.65 2.78 2.28
N VAL A 34 1.87 3.36 1.10
CA VAL A 34 3.06 3.05 0.33
C VAL A 34 4.28 3.69 1.01
N LEU A 35 5.32 2.89 1.17
CA LEU A 35 6.54 3.36 1.79
C LEU A 35 7.68 3.31 0.77
N GLU A 36 7.75 2.21 0.05
CA GLU A 36 8.78 2.02 -0.95
C GLU A 36 8.14 1.77 -2.32
N ASP A 37 8.52 2.62 -3.28
CA ASP A 37 8.00 2.50 -4.63
C ASP A 37 9.16 2.50 -5.62
N GLY A 38 8.81 2.33 -6.88
CA GLY A 38 9.82 2.30 -7.94
C GLY A 38 10.69 1.04 -7.84
N ARG A 39 10.15 0.06 -7.13
CA ARG A 39 10.87 -1.20 -6.95
C ARG A 39 9.97 -2.38 -7.34
N GLN A 40 10.59 -3.52 -7.55
CA GLN A 40 9.88 -4.72 -7.92
C GLN A 40 8.55 -4.80 -7.16
N TRP A 41 8.67 -5.01 -5.85
CA TRP A 41 7.50 -5.11 -5.00
C TRP A 41 7.47 -3.88 -4.08
N TRP A 42 6.28 -3.32 -3.92
CA TRP A 42 6.11 -2.15 -3.08
C TRP A 42 5.97 -2.62 -1.63
N LYS A 43 6.27 -1.71 -0.71
CA LYS A 43 6.18 -2.03 0.70
C LYS A 43 5.11 -1.16 1.35
N LEU A 44 3.94 -1.75 1.54
CA LEU A 44 2.83 -1.04 2.14
C LEU A 44 2.78 -1.35 3.64
N ARG A 45 1.99 -0.56 4.35
CA ARG A 45 1.85 -0.74 5.78
C ARG A 45 0.38 -0.60 6.20
N SER A 46 -0.11 -1.65 6.84
CA SER A 46 -1.49 -1.67 7.29
C SER A 46 -1.65 -0.75 8.50
N ARG A 47 -2.91 -0.51 8.85
CA ARG A 47 -3.21 0.35 9.99
C ARG A 47 -2.86 -0.35 11.29
N SER A 48 -2.70 -1.65 11.20
CA SER A 48 -2.36 -2.46 12.37
C SER A 48 -0.93 -2.14 12.82
N GLY A 49 -0.15 -1.65 11.88
CA GLY A 49 1.24 -1.31 12.16
C GLY A 49 2.20 -2.32 11.54
N GLN A 50 1.67 -3.08 10.59
CA GLN A 50 2.46 -4.10 9.91
C GLN A 50 2.94 -3.56 8.56
N ALA A 51 4.07 -4.10 8.11
CA ALA A 51 4.64 -3.70 6.84
C ALA A 51 5.20 -4.93 6.12
N GLY A 52 4.83 -5.06 4.86
CA GLY A 52 5.29 -6.17 4.05
C GLY A 52 5.40 -5.78 2.58
N TYR A 53 5.89 -6.72 1.78
CA TYR A 53 6.05 -6.49 0.36
C TYR A 53 4.98 -7.23 -0.45
N VAL A 54 4.52 -6.58 -1.51
CA VAL A 54 3.50 -7.16 -2.35
C VAL A 54 3.77 -6.76 -3.81
N PRO A 55 3.11 -7.50 -4.74
CA PRO A 55 3.27 -7.23 -6.16
C PRO A 55 2.50 -5.96 -6.57
N CYS A 56 3.12 -5.22 -7.48
CA CYS A 56 2.52 -3.99 -7.97
C CYS A 56 1.45 -4.35 -9.00
N ASN A 57 1.38 -5.63 -9.30
CA ASN A 57 0.41 -6.13 -10.27
C ASN A 57 -1.00 -5.93 -9.72
N ILE A 58 -1.13 -6.15 -8.42
CA ILE A 58 -2.42 -5.99 -7.77
C ILE A 58 -2.60 -4.54 -7.33
N LEU A 59 -1.47 -3.87 -7.15
CA LEU A 59 -1.48 -2.48 -6.74
C LEU A 59 -2.14 -1.63 -7.83
N GLY A 60 -2.53 -0.43 -7.44
CA GLY A 60 -3.17 0.49 -8.36
C GLY A 60 -3.15 1.93 -7.82
N GLU A 61 -3.19 2.88 -8.74
CA GLU A 61 -3.18 4.28 -8.38
C GLU A 61 -4.45 4.63 -7.60
N ALA A 62 -4.24 5.28 -6.46
CA ALA A 62 -5.36 5.68 -5.62
C ALA A 62 -5.60 7.18 -5.78
N SER A 63 -6.84 7.53 -6.10
CA SER A 63 -7.21 8.91 -6.28
C SER A 63 -8.63 9.15 -5.74
N GLY A 64 -8.92 10.42 -5.47
CA GLY A 64 -10.22 10.79 -4.96
C GLY A 64 -10.94 11.74 -5.92
N PRO A 65 -12.28 11.86 -5.71
CA PRO A 65 -13.09 12.72 -6.55
C PRO A 65 -12.87 14.20 -6.20
N SER A 66 -13.03 14.51 -4.93
CA SER A 66 -12.85 15.87 -4.46
C SER A 66 -11.83 15.90 -3.31
N SER A 67 -10.59 16.16 -3.68
CA SER A 67 -9.51 16.22 -2.70
C SER A 67 -8.24 16.76 -3.35
N GLY A 68 -8.01 18.04 -3.14
CA GLY A 68 -6.83 18.69 -3.69
C GLY A 68 -5.64 18.60 -2.73
N GLY A 1 1.07 16.09 14.43
CA GLY A 1 0.71 15.91 13.04
C GLY A 1 -0.08 17.12 12.52
N SER A 2 0.66 18.07 11.96
CA SER A 2 0.05 19.27 11.42
C SER A 2 1.09 20.07 10.61
N SER A 3 0.58 20.75 9.60
CA SER A 3 1.45 21.55 8.74
C SER A 3 2.24 20.64 7.79
N GLY A 4 3.01 19.75 8.41
CA GLY A 4 3.82 18.82 7.64
C GLY A 4 3.25 17.40 7.72
N SER A 5 2.23 17.16 6.91
CA SER A 5 1.59 15.85 6.87
C SER A 5 1.10 15.55 5.46
N SER A 6 1.57 14.43 4.93
CA SER A 6 1.18 14.00 3.59
C SER A 6 1.81 12.65 3.27
N GLY A 7 1.26 12.00 2.25
CA GLY A 7 1.75 10.71 1.83
C GLY A 7 0.82 10.08 0.79
N LYS A 8 1.43 9.34 -0.13
CA LYS A 8 0.67 8.68 -1.17
C LYS A 8 0.06 7.39 -0.63
N TYR A 9 -0.94 6.88 -1.33
CA TYR A 9 -1.61 5.66 -0.93
C TYR A 9 -1.88 4.76 -2.12
N VAL A 10 -2.07 3.48 -1.84
CA VAL A 10 -2.33 2.51 -2.88
C VAL A 10 -3.63 1.76 -2.56
N LYS A 11 -4.40 1.50 -3.60
CA LYS A 11 -5.66 0.79 -3.45
C LYS A 11 -5.52 -0.63 -3.98
N ILE A 12 -5.78 -1.59 -3.10
CA ILE A 12 -5.68 -2.99 -3.47
C ILE A 12 -6.77 -3.32 -4.49
N LEU A 13 -6.32 -3.78 -5.66
CA LEU A 13 -7.25 -4.14 -6.72
C LEU A 13 -7.75 -5.56 -6.50
N TYR A 14 -6.93 -6.34 -5.81
CA TYR A 14 -7.27 -7.73 -5.52
C TYR A 14 -6.79 -8.14 -4.13
N ASP A 15 -7.59 -8.97 -3.49
CA ASP A 15 -7.27 -9.45 -2.15
C ASP A 15 -6.03 -10.35 -2.22
N PHE A 16 -5.08 -10.06 -1.35
CA PHE A 16 -3.85 -10.82 -1.31
C PHE A 16 -3.57 -11.35 0.11
N THR A 17 -3.03 -12.55 0.17
CA THR A 17 -2.72 -13.17 1.45
C THR A 17 -1.21 -13.44 1.55
N ALA A 18 -0.56 -12.70 2.43
CA ALA A 18 0.86 -12.86 2.63
C ALA A 18 1.22 -14.35 2.60
N ARG A 19 2.00 -14.72 1.59
CA ARG A 19 2.40 -16.10 1.44
C ARG A 19 3.73 -16.35 2.17
N ASN A 20 4.43 -15.25 2.44
CA ASN A 20 5.71 -15.34 3.12
C ASN A 20 5.67 -14.43 4.35
N ALA A 21 6.83 -14.31 4.99
CA ALA A 21 6.95 -13.49 6.18
C ALA A 21 7.25 -12.05 5.77
N ASN A 22 7.88 -11.92 4.61
CA ASN A 22 8.23 -10.61 4.08
C ASN A 22 7.12 -10.12 3.15
N GLU A 23 5.89 -10.38 3.56
CA GLU A 23 4.74 -9.97 2.76
C GLU A 23 3.62 -9.46 3.66
N LEU A 24 2.71 -8.73 3.06
CA LEU A 24 1.58 -8.16 3.80
C LEU A 24 0.28 -8.78 3.28
N SER A 25 -0.70 -8.85 4.17
CA SER A 25 -1.99 -9.41 3.81
C SER A 25 -3.04 -8.29 3.73
N VAL A 26 -3.59 -8.14 2.54
CA VAL A 26 -4.60 -7.12 2.30
C VAL A 26 -5.77 -7.73 1.54
N LEU A 27 -6.87 -6.98 1.50
CA LEU A 27 -8.06 -7.44 0.80
C LEU A 27 -8.37 -6.47 -0.35
N LYS A 28 -9.43 -6.80 -1.09
CA LYS A 28 -9.85 -5.97 -2.20
C LYS A 28 -10.62 -4.77 -1.68
N ASP A 29 -10.39 -3.63 -2.32
CA ASP A 29 -11.06 -2.41 -1.93
C ASP A 29 -10.41 -1.86 -0.65
N GLU A 30 -9.14 -2.15 -0.50
CA GLU A 30 -8.39 -1.70 0.67
C GLU A 30 -7.38 -0.63 0.26
N VAL A 31 -6.91 0.11 1.25
CA VAL A 31 -5.94 1.16 1.02
C VAL A 31 -4.83 1.07 2.06
N LEU A 32 -3.60 1.00 1.57
CA LEU A 32 -2.44 0.90 2.43
C LEU A 32 -1.59 2.16 2.27
N GLU A 33 -0.51 2.20 3.05
CA GLU A 33 0.41 3.34 2.99
C GLU A 33 1.73 2.93 2.35
N VAL A 34 1.88 3.31 1.09
CA VAL A 34 3.09 2.98 0.35
C VAL A 34 4.25 3.82 0.89
N LEU A 35 5.31 3.13 1.28
CA LEU A 35 6.49 3.78 1.81
C LEU A 35 7.62 3.72 0.78
N GLU A 36 7.76 2.54 0.18
CA GLU A 36 8.79 2.33 -0.82
C GLU A 36 8.16 1.98 -2.17
N ASP A 37 8.55 2.73 -3.19
CA ASP A 37 8.04 2.52 -4.53
C ASP A 37 9.19 2.62 -5.53
N GLY A 38 8.86 2.33 -6.78
CA GLY A 38 9.85 2.39 -7.85
C GLY A 38 10.45 1.01 -8.12
N ARG A 39 10.18 0.10 -7.19
CA ARG A 39 10.69 -1.26 -7.31
C ARG A 39 9.56 -2.23 -7.65
N GLN A 40 9.94 -3.40 -8.15
CA GLN A 40 8.97 -4.41 -8.52
C GLN A 40 7.88 -4.52 -7.44
N TRP A 41 8.30 -4.97 -6.27
CA TRP A 41 7.38 -5.12 -5.15
C TRP A 41 7.48 -3.87 -4.28
N TRP A 42 6.31 -3.35 -3.91
CA TRP A 42 6.25 -2.16 -3.08
C TRP A 42 6.13 -2.61 -1.62
N LYS A 43 6.38 -1.66 -0.73
CA LYS A 43 6.31 -1.94 0.69
C LYS A 43 5.19 -1.10 1.32
N LEU A 44 4.04 -1.73 1.51
CA LEU A 44 2.90 -1.04 2.10
C LEU A 44 2.88 -1.30 3.61
N ARG A 45 2.06 -0.52 4.29
CA ARG A 45 1.93 -0.65 5.73
C ARG A 45 0.48 -0.40 6.16
N SER A 46 -0.14 -1.44 6.69
CA SER A 46 -1.51 -1.35 7.13
C SER A 46 -1.58 -0.54 8.43
N ARG A 47 -2.78 -0.05 8.71
CA ARG A 47 -3.00 0.74 9.91
C ARG A 47 -2.62 -0.06 11.16
N SER A 48 -2.55 -1.37 10.98
CA SER A 48 -2.19 -2.26 12.07
C SER A 48 -0.72 -2.07 12.45
N GLY A 49 -0.03 -1.29 11.63
CA GLY A 49 1.37 -1.03 11.85
C GLY A 49 2.25 -2.02 11.09
N GLN A 50 1.62 -3.11 10.67
CA GLN A 50 2.33 -4.15 9.95
C GLN A 50 2.81 -3.61 8.59
N ALA A 51 3.88 -4.21 8.10
CA ALA A 51 4.45 -3.80 6.82
C ALA A 51 5.02 -5.03 6.11
N GLY A 52 4.62 -5.18 4.86
CA GLY A 52 5.08 -6.30 4.06
C GLY A 52 5.14 -5.93 2.57
N TYR A 53 5.81 -6.78 1.81
CA TYR A 53 5.94 -6.54 0.38
C TYR A 53 4.85 -7.28 -0.40
N VAL A 54 4.45 -6.68 -1.51
CA VAL A 54 3.42 -7.27 -2.35
C VAL A 54 3.69 -6.89 -3.81
N PRO A 55 2.97 -7.61 -4.72
CA PRO A 55 3.12 -7.36 -6.15
C PRO A 55 2.41 -6.06 -6.55
N CYS A 56 3.03 -5.36 -7.49
CA CYS A 56 2.47 -4.11 -7.97
C CYS A 56 1.36 -4.43 -8.98
N ASN A 57 1.18 -5.72 -9.21
CA ASN A 57 0.17 -6.18 -10.15
C ASN A 57 -1.21 -5.93 -9.55
N ILE A 58 -1.29 -6.07 -8.24
CA ILE A 58 -2.54 -5.87 -7.53
C ILE A 58 -2.63 -4.41 -7.06
N LEU A 59 -1.48 -3.77 -7.01
CA LEU A 59 -1.41 -2.39 -6.60
C LEU A 59 -2.03 -1.50 -7.68
N GLY A 60 -2.51 -0.34 -7.26
CA GLY A 60 -3.12 0.61 -8.17
C GLY A 60 -2.87 2.05 -7.73
N GLU A 61 -2.48 2.86 -8.69
CA GLU A 61 -2.20 4.27 -8.41
C GLU A 61 -3.46 4.97 -7.89
N ALA A 62 -3.43 5.28 -6.61
CA ALA A 62 -4.56 5.94 -5.99
C ALA A 62 -4.29 7.44 -5.91
N SER A 63 -5.14 8.21 -6.58
CA SER A 63 -5.00 9.66 -6.59
C SER A 63 -4.88 10.19 -5.16
N GLY A 64 -4.28 11.36 -5.06
CA GLY A 64 -4.09 11.99 -3.75
C GLY A 64 -5.17 13.04 -3.49
N PRO A 65 -5.35 13.37 -2.18
CA PRO A 65 -6.33 14.36 -1.79
C PRO A 65 -5.85 15.78 -2.12
N SER A 66 -6.81 16.67 -2.27
CA SER A 66 -6.51 18.06 -2.58
C SER A 66 -7.79 18.88 -2.63
N SER A 67 -8.18 19.39 -1.46
CA SER A 67 -9.39 20.19 -1.36
C SER A 67 -9.23 21.21 -0.23
N GLY A 68 -9.09 22.47 -0.62
CA GLY A 68 -8.94 23.55 0.34
C GLY A 68 -8.82 24.90 -0.37
N GLY A 1 -6.07 20.57 10.51
CA GLY A 1 -5.20 19.66 9.77
C GLY A 1 -4.14 19.05 10.70
N SER A 2 -3.48 18.02 10.18
CA SER A 2 -2.45 17.34 10.95
C SER A 2 -1.49 16.63 10.01
N SER A 3 -2.04 15.72 9.22
CA SER A 3 -1.25 14.95 8.26
C SER A 3 -2.07 14.67 7.01
N GLY A 4 -1.77 15.42 5.96
CA GLY A 4 -2.47 15.26 4.69
C GLY A 4 -1.79 16.08 3.58
N SER A 5 -0.64 15.60 3.17
CA SER A 5 0.12 16.28 2.12
C SER A 5 1.35 15.46 1.75
N SER A 6 1.62 15.40 0.45
CA SER A 6 2.76 14.66 -0.05
C SER A 6 2.47 13.16 0.00
N GLY A 7 2.19 12.68 1.21
CA GLY A 7 1.90 11.27 1.41
C GLY A 7 1.07 10.71 0.26
N LYS A 8 1.28 9.44 -0.03
CA LYS A 8 0.57 8.77 -1.09
C LYS A 8 -0.05 7.48 -0.56
N TYR A 9 -0.94 6.91 -1.37
CA TYR A 9 -1.60 5.68 -1.00
C TYR A 9 -1.88 4.81 -2.22
N VAL A 10 -2.25 3.56 -1.96
CA VAL A 10 -2.54 2.62 -3.03
C VAL A 10 -3.83 1.87 -2.71
N LYS A 11 -4.65 1.68 -3.73
CA LYS A 11 -5.90 0.98 -3.56
C LYS A 11 -5.74 -0.47 -4.03
N ILE A 12 -6.03 -1.38 -3.12
CA ILE A 12 -5.92 -2.81 -3.42
C ILE A 12 -6.99 -3.19 -4.44
N LEU A 13 -6.53 -3.74 -5.56
CA LEU A 13 -7.44 -4.15 -6.61
C LEU A 13 -7.90 -5.59 -6.36
N TYR A 14 -7.03 -6.34 -5.69
CA TYR A 14 -7.33 -7.72 -5.37
C TYR A 14 -6.89 -8.07 -3.95
N ASP A 15 -7.74 -8.81 -3.26
CA ASP A 15 -7.46 -9.22 -1.89
C ASP A 15 -6.22 -10.12 -1.88
N PHE A 16 -5.21 -9.68 -1.15
CA PHE A 16 -3.97 -10.43 -1.04
C PHE A 16 -3.66 -10.79 0.41
N THR A 17 -3.15 -12.00 0.59
CA THR A 17 -2.81 -12.49 1.92
C THR A 17 -1.34 -12.86 1.99
N ALA A 18 -0.61 -12.12 2.81
CA ALA A 18 0.81 -12.36 2.99
C ALA A 18 1.06 -13.87 3.01
N ARG A 19 1.78 -14.34 2.02
CA ARG A 19 2.10 -15.76 1.92
C ARG A 19 3.40 -16.06 2.67
N ASN A 20 4.14 -15.00 2.96
CA ASN A 20 5.40 -15.14 3.67
C ASN A 20 5.46 -14.11 4.80
N ALA A 21 6.61 -14.04 5.43
CA ALA A 21 6.82 -13.10 6.53
C ALA A 21 7.13 -11.71 5.96
N ASN A 22 7.73 -11.72 4.78
CA ASN A 22 8.08 -10.47 4.12
C ASN A 22 6.95 -10.07 3.16
N GLU A 23 5.73 -10.25 3.63
CA GLU A 23 4.57 -9.91 2.84
C GLU A 23 3.45 -9.34 3.73
N LEU A 24 2.65 -8.48 3.14
CA LEU A 24 1.55 -7.86 3.86
C LEU A 24 0.22 -8.39 3.32
N SER A 25 -0.70 -8.65 4.24
CA SER A 25 -2.00 -9.16 3.87
C SER A 25 -3.02 -8.01 3.81
N VAL A 26 -3.64 -7.88 2.65
CA VAL A 26 -4.63 -6.83 2.45
C VAL A 26 -5.87 -7.43 1.80
N LEU A 27 -6.91 -6.60 1.71
CA LEU A 27 -8.16 -7.03 1.11
C LEU A 27 -8.47 -6.14 -0.10
N LYS A 28 -9.59 -6.46 -0.75
CA LYS A 28 -10.01 -5.69 -1.91
C LYS A 28 -10.75 -4.44 -1.46
N ASP A 29 -10.50 -3.35 -2.18
CA ASP A 29 -11.14 -2.09 -1.85
C ASP A 29 -10.44 -1.46 -0.65
N GLU A 30 -9.32 -2.07 -0.27
CA GLU A 30 -8.55 -1.58 0.85
C GLU A 30 -7.41 -0.68 0.37
N VAL A 31 -7.05 0.27 1.21
CA VAL A 31 -5.98 1.19 0.88
C VAL A 31 -4.90 1.13 1.96
N LEU A 32 -3.67 0.93 1.52
CA LEU A 32 -2.54 0.84 2.44
C LEU A 32 -1.65 2.06 2.26
N GLU A 33 -0.62 2.13 3.08
CA GLU A 33 0.32 3.25 3.03
C GLU A 33 1.61 2.83 2.32
N VAL A 34 1.83 3.44 1.17
CA VAL A 34 3.02 3.15 0.39
C VAL A 34 4.22 3.90 0.98
N LEU A 35 5.29 3.15 1.20
CA LEU A 35 6.50 3.72 1.76
C LEU A 35 7.64 3.61 0.74
N GLU A 36 7.73 2.43 0.15
CA GLU A 36 8.77 2.16 -0.84
C GLU A 36 8.13 1.80 -2.19
N ASP A 37 8.52 2.55 -3.21
CA ASP A 37 8.00 2.32 -4.54
C ASP A 37 9.15 2.39 -5.56
N GLY A 38 8.80 2.14 -6.81
CA GLY A 38 9.79 2.17 -7.88
C GLY A 38 10.65 0.91 -7.88
N ARG A 39 10.16 -0.10 -7.17
CA ARG A 39 10.88 -1.36 -7.08
C ARG A 39 9.95 -2.52 -7.44
N GLN A 40 10.56 -3.68 -7.68
CA GLN A 40 9.80 -4.87 -8.03
C GLN A 40 8.50 -4.92 -7.23
N TRP A 41 8.64 -5.13 -5.93
CA TRP A 41 7.50 -5.21 -5.05
C TRP A 41 7.50 -3.96 -4.15
N TRP A 42 6.32 -3.41 -3.96
CA TRP A 42 6.17 -2.23 -3.12
C TRP A 42 6.08 -2.69 -1.67
N LYS A 43 6.39 -1.76 -0.77
CA LYS A 43 6.34 -2.04 0.65
C LYS A 43 5.28 -1.18 1.32
N LEU A 44 4.12 -1.79 1.55
CA LEU A 44 3.02 -1.09 2.18
C LEU A 44 3.00 -1.42 3.67
N ARG A 45 2.23 -0.62 4.41
CA ARG A 45 2.10 -0.82 5.84
C ARG A 45 0.64 -0.75 6.27
N SER A 46 0.20 -1.79 6.97
CA SER A 46 -1.17 -1.85 7.44
C SER A 46 -1.36 -0.91 8.63
N ARG A 47 -2.62 -0.73 9.00
CA ARG A 47 -2.95 0.14 10.11
C ARG A 47 -2.58 -0.53 11.44
N SER A 48 -2.13 -1.77 11.33
CA SER A 48 -1.74 -2.53 12.51
C SER A 48 -0.24 -2.37 12.76
N GLY A 49 0.33 -1.37 12.11
CA GLY A 49 1.75 -1.10 12.25
C GLY A 49 2.59 -2.17 11.56
N GLN A 50 1.91 -2.97 10.73
CA GLN A 50 2.58 -4.02 10.00
C GLN A 50 3.06 -3.51 8.65
N ALA A 51 4.13 -4.14 8.17
CA ALA A 51 4.71 -3.76 6.88
C ALA A 51 5.18 -5.02 6.15
N GLY A 52 4.77 -5.12 4.90
CA GLY A 52 5.14 -6.26 4.08
C GLY A 52 5.23 -5.87 2.60
N TYR A 53 5.80 -6.77 1.81
CA TYR A 53 5.96 -6.53 0.38
C TYR A 53 4.87 -7.25 -0.41
N VAL A 54 4.45 -6.61 -1.49
CA VAL A 54 3.41 -7.17 -2.34
C VAL A 54 3.67 -6.74 -3.79
N PRO A 55 2.97 -7.45 -4.72
CA PRO A 55 3.11 -7.15 -6.14
C PRO A 55 2.37 -5.86 -6.50
N CYS A 56 3.00 -5.07 -7.36
CA CYS A 56 2.41 -3.82 -7.80
C CYS A 56 1.34 -4.13 -8.84
N ASN A 57 1.25 -5.41 -9.18
CA ASN A 57 0.27 -5.85 -10.16
C ASN A 57 -1.14 -5.61 -9.61
N ILE A 58 -1.31 -6.00 -8.35
CA ILE A 58 -2.60 -5.84 -7.70
C ILE A 58 -2.76 -4.39 -7.24
N LEU A 59 -1.63 -3.74 -7.01
CA LEU A 59 -1.62 -2.37 -6.58
C LEU A 59 -2.14 -1.47 -7.70
N GLY A 60 -2.66 -0.32 -7.32
CA GLY A 60 -3.19 0.63 -8.29
C GLY A 60 -2.70 2.05 -7.99
N GLU A 61 -3.45 3.01 -8.51
CA GLU A 61 -3.11 4.41 -8.31
C GLU A 61 -4.25 5.14 -7.59
N ALA A 62 -3.99 5.50 -6.34
CA ALA A 62 -4.98 6.20 -5.55
C ALA A 62 -4.67 7.70 -5.55
N SER A 63 -5.74 8.49 -5.52
CA SER A 63 -5.60 9.93 -5.52
C SER A 63 -4.91 10.40 -4.23
N GLY A 64 -4.53 11.67 -4.23
CA GLY A 64 -3.86 12.24 -3.07
C GLY A 64 -3.58 13.73 -3.28
N PRO A 65 -2.90 14.34 -2.28
CA PRO A 65 -2.56 15.74 -2.35
C PRO A 65 -1.41 15.99 -3.33
N SER A 66 -1.76 16.06 -4.60
CA SER A 66 -0.77 16.28 -5.64
C SER A 66 -1.36 17.19 -6.74
N SER A 67 -2.44 16.73 -7.32
CA SER A 67 -3.11 17.49 -8.38
C SER A 67 -4.51 17.90 -7.92
N GLY A 68 -4.73 19.21 -7.91
CA GLY A 68 -6.03 19.73 -7.49
C GLY A 68 -6.76 20.34 -8.68
N GLY A 1 -2.42 21.98 4.88
CA GLY A 1 -1.31 22.74 4.31
C GLY A 1 0.02 22.33 4.93
N SER A 2 0.54 21.21 4.45
CA SER A 2 1.80 20.69 4.95
C SER A 2 2.96 21.23 4.11
N SER A 3 2.89 20.94 2.82
CA SER A 3 3.93 21.39 1.91
C SER A 3 5.29 20.85 2.34
N GLY A 4 5.53 19.60 2.00
CA GLY A 4 6.79 18.96 2.36
C GLY A 4 6.66 17.44 2.32
N SER A 5 5.83 16.93 3.22
CA SER A 5 5.61 15.49 3.30
C SER A 5 4.50 15.08 2.33
N SER A 6 4.93 14.37 1.28
CA SER A 6 3.99 13.91 0.26
C SER A 6 3.62 12.46 0.53
N GLY A 7 2.51 12.28 1.23
CA GLY A 7 2.03 10.95 1.55
C GLY A 7 1.18 10.38 0.42
N LYS A 8 1.61 9.23 -0.08
CA LYS A 8 0.91 8.57 -1.17
C LYS A 8 0.25 7.29 -0.64
N TYR A 9 -0.77 6.84 -1.37
CA TYR A 9 -1.49 5.64 -0.99
C TYR A 9 -1.77 4.76 -2.20
N VAL A 10 -2.07 3.51 -1.93
CA VAL A 10 -2.36 2.55 -2.99
C VAL A 10 -3.68 1.83 -2.68
N LYS A 11 -4.48 1.65 -3.73
CA LYS A 11 -5.76 0.99 -3.57
C LYS A 11 -5.64 -0.45 -4.10
N ILE A 12 -5.75 -1.40 -3.18
CA ILE A 12 -5.67 -2.80 -3.54
C ILE A 12 -6.75 -3.13 -4.57
N LEU A 13 -6.30 -3.60 -5.72
CA LEU A 13 -7.22 -3.96 -6.80
C LEU A 13 -7.73 -5.39 -6.57
N TYR A 14 -6.94 -6.15 -5.83
CA TYR A 14 -7.30 -7.53 -5.54
C TYR A 14 -6.75 -7.96 -4.18
N ASP A 15 -7.56 -8.75 -3.47
CA ASP A 15 -7.16 -9.23 -2.16
C ASP A 15 -5.92 -10.11 -2.30
N PHE A 16 -4.99 -9.92 -1.36
CA PHE A 16 -3.76 -10.69 -1.37
C PHE A 16 -3.47 -11.27 0.03
N THR A 17 -2.91 -12.47 0.02
CA THR A 17 -2.58 -13.15 1.27
C THR A 17 -1.06 -13.28 1.40
N ALA A 18 -0.51 -12.55 2.36
CA ALA A 18 0.92 -12.58 2.60
C ALA A 18 1.35 -14.03 2.88
N ARG A 19 2.15 -14.57 1.96
CA ARG A 19 2.63 -15.93 2.09
C ARG A 19 3.80 -15.97 3.08
N ASN A 20 4.38 -14.80 3.32
CA ASN A 20 5.50 -14.70 4.23
C ASN A 20 5.30 -13.51 5.17
N ALA A 21 6.26 -13.32 6.06
CA ALA A 21 6.18 -12.23 7.01
C ALA A 21 6.60 -10.93 6.32
N ASN A 22 7.57 -11.05 5.43
CA ASN A 22 8.06 -9.89 4.70
C ASN A 22 6.95 -9.34 3.81
N GLU A 23 5.91 -10.16 3.65
CA GLU A 23 4.77 -9.76 2.83
C GLU A 23 3.65 -9.22 3.72
N LEU A 24 2.77 -8.45 3.10
CA LEU A 24 1.65 -7.86 3.81
C LEU A 24 0.34 -8.42 3.25
N SER A 25 -0.59 -8.68 4.15
CA SER A 25 -1.88 -9.21 3.77
C SER A 25 -2.92 -8.09 3.69
N VAL A 26 -3.54 -7.98 2.52
CA VAL A 26 -4.54 -6.95 2.31
C VAL A 26 -5.72 -7.55 1.55
N LEU A 27 -6.78 -6.77 1.44
CA LEU A 27 -7.97 -7.21 0.73
C LEU A 27 -8.27 -6.26 -0.44
N LYS A 28 -9.33 -6.57 -1.16
CA LYS A 28 -9.72 -5.76 -2.30
C LYS A 28 -10.52 -4.56 -1.80
N ASP A 29 -10.34 -3.43 -2.48
CA ASP A 29 -11.04 -2.22 -2.12
C ASP A 29 -10.36 -1.57 -0.90
N GLU A 30 -9.26 -2.19 -0.48
CA GLU A 30 -8.52 -1.70 0.66
C GLU A 30 -7.39 -0.77 0.20
N VAL A 31 -7.02 0.14 1.09
CA VAL A 31 -5.96 1.08 0.78
C VAL A 31 -4.90 1.02 1.88
N LEU A 32 -3.65 0.86 1.45
CA LEU A 32 -2.55 0.78 2.38
C LEU A 32 -1.65 2.01 2.22
N GLU A 33 -0.65 2.11 3.07
CA GLU A 33 0.27 3.23 3.03
C GLU A 33 1.59 2.80 2.38
N VAL A 34 1.83 3.33 1.19
CA VAL A 34 3.05 3.02 0.46
C VAL A 34 4.22 3.78 1.08
N LEU A 35 5.29 3.05 1.32
CA LEU A 35 6.48 3.65 1.91
C LEU A 35 7.62 3.60 0.89
N GLU A 36 7.74 2.45 0.23
CA GLU A 36 8.78 2.27 -0.77
C GLU A 36 8.16 1.87 -2.11
N ASP A 37 8.55 2.60 -3.14
CA ASP A 37 8.04 2.34 -4.48
C ASP A 37 9.19 2.43 -5.49
N GLY A 38 8.89 2.05 -6.72
CA GLY A 38 9.88 2.09 -7.78
C GLY A 38 10.62 0.75 -7.88
N ARG A 39 10.09 -0.24 -7.19
CA ARG A 39 10.68 -1.57 -7.20
C ARG A 39 9.63 -2.62 -7.56
N GLN A 40 10.12 -3.80 -7.92
CA GLN A 40 9.24 -4.89 -8.29
C GLN A 40 8.01 -4.91 -7.39
N TRP A 41 8.27 -5.10 -6.10
CA TRP A 41 7.19 -5.15 -5.12
C TRP A 41 7.33 -3.93 -4.22
N TRP A 42 6.19 -3.29 -3.96
CA TRP A 42 6.18 -2.11 -3.11
C TRP A 42 6.08 -2.58 -1.66
N LYS A 43 6.41 -1.66 -0.76
CA LYS A 43 6.36 -1.95 0.67
C LYS A 43 5.27 -1.12 1.33
N LEU A 44 4.13 -1.75 1.55
CA LEU A 44 3.00 -1.08 2.17
C LEU A 44 3.00 -1.38 3.68
N ARG A 45 2.20 -0.62 4.40
CA ARG A 45 2.09 -0.80 5.84
C ARG A 45 0.62 -0.77 6.26
N SER A 46 0.24 -1.77 7.06
CA SER A 46 -1.12 -1.86 7.54
C SER A 46 -1.36 -0.83 8.64
N ARG A 47 -2.62 -0.68 9.01
CA ARG A 47 -3.00 0.26 10.04
C ARG A 47 -2.55 -0.27 11.42
N SER A 48 -2.05 -1.49 11.42
CA SER A 48 -1.59 -2.11 12.65
C SER A 48 -0.10 -1.81 12.87
N GLY A 49 0.48 -1.11 11.90
CA GLY A 49 1.88 -0.75 11.97
C GLY A 49 2.74 -1.77 11.21
N GLN A 50 2.09 -2.84 10.78
CA GLN A 50 2.78 -3.90 10.05
C GLN A 50 3.19 -3.39 8.67
N ALA A 51 4.25 -4.01 8.14
CA ALA A 51 4.75 -3.63 6.83
C ALA A 51 5.23 -4.89 6.10
N GLY A 52 4.78 -5.03 4.86
CA GLY A 52 5.16 -6.17 4.06
C GLY A 52 5.16 -5.82 2.57
N TYR A 53 5.85 -6.64 1.80
CA TYR A 53 5.93 -6.42 0.36
C TYR A 53 4.79 -7.13 -0.37
N VAL A 54 4.43 -6.57 -1.52
CA VAL A 54 3.35 -7.13 -2.32
C VAL A 54 3.60 -6.80 -3.79
N PRO A 55 2.90 -7.56 -4.67
CA PRO A 55 3.02 -7.36 -6.10
C PRO A 55 2.28 -6.10 -6.55
N CYS A 56 2.87 -5.41 -7.52
CA CYS A 56 2.28 -4.20 -8.05
C CYS A 56 1.21 -4.58 -9.07
N ASN A 57 1.03 -5.88 -9.23
CA ASN A 57 0.05 -6.39 -10.17
C ASN A 57 -1.35 -6.15 -9.61
N ILE A 58 -1.41 -5.98 -8.30
CA ILE A 58 -2.68 -5.73 -7.63
C ILE A 58 -2.75 -4.28 -7.18
N LEU A 59 -1.59 -3.64 -7.17
CA LEU A 59 -1.49 -2.25 -6.76
C LEU A 59 -2.13 -1.37 -7.83
N GLY A 60 -2.60 -0.20 -7.39
CA GLY A 60 -3.23 0.74 -8.31
C GLY A 60 -3.00 2.18 -7.84
N GLU A 61 -2.66 3.03 -8.80
CA GLU A 61 -2.41 4.43 -8.50
C GLU A 61 -3.68 5.08 -7.93
N ALA A 62 -3.59 5.47 -6.67
CA ALA A 62 -4.70 6.10 -5.99
C ALA A 62 -4.52 7.62 -6.01
N SER A 63 -5.62 8.32 -5.81
CA SER A 63 -5.59 9.78 -5.79
C SER A 63 -4.79 10.27 -4.59
N GLY A 64 -4.24 11.47 -4.73
CA GLY A 64 -3.45 12.06 -3.67
C GLY A 64 -4.34 12.84 -2.70
N PRO A 65 -3.73 13.23 -1.54
CA PRO A 65 -4.45 13.98 -0.53
C PRO A 65 -4.64 15.44 -0.96
N SER A 66 -5.57 15.64 -1.87
CA SER A 66 -5.84 16.97 -2.37
C SER A 66 -6.35 17.86 -1.23
N SER A 67 -7.44 17.43 -0.62
CA SER A 67 -8.04 18.16 0.48
C SER A 67 -8.95 17.25 1.30
N GLY A 68 -8.55 17.04 2.54
CA GLY A 68 -9.32 16.19 3.44
C GLY A 68 -10.68 16.81 3.74
N GLY A 1 3.70 11.45 16.72
CA GLY A 1 4.58 11.70 15.59
C GLY A 1 4.34 13.10 15.01
N SER A 2 5.44 13.80 14.80
CA SER A 2 5.37 15.15 14.26
C SER A 2 5.48 15.10 12.73
N SER A 3 6.59 14.54 12.27
CA SER A 3 6.84 14.42 10.85
C SER A 3 6.03 13.24 10.27
N GLY A 4 5.59 13.43 9.04
CA GLY A 4 4.82 12.40 8.36
C GLY A 4 3.34 12.50 8.72
N SER A 5 2.56 12.99 7.77
CA SER A 5 1.13 13.14 7.97
C SER A 5 0.40 13.18 6.63
N SER A 6 -0.28 12.09 6.33
CA SER A 6 -1.01 11.99 5.07
C SER A 6 -0.05 12.06 3.89
N GLY A 7 -0.51 11.54 2.77
CA GLY A 7 0.30 11.54 1.56
C GLY A 7 -0.35 10.69 0.46
N LYS A 8 0.49 9.97 -0.26
CA LYS A 8 0.01 9.12 -1.34
C LYS A 8 -0.39 7.76 -0.76
N TYR A 9 -1.27 7.07 -1.48
CA TYR A 9 -1.74 5.77 -1.06
C TYR A 9 -1.98 4.86 -2.27
N VAL A 10 -2.24 3.59 -1.96
CA VAL A 10 -2.48 2.62 -3.01
C VAL A 10 -3.75 1.82 -2.67
N LYS A 11 -4.59 1.66 -3.68
CA LYS A 11 -5.83 0.92 -3.51
C LYS A 11 -5.65 -0.51 -4.01
N ILE A 12 -5.97 -1.45 -3.13
CA ILE A 12 -5.84 -2.86 -3.47
C ILE A 12 -6.94 -3.24 -4.47
N LEU A 13 -6.51 -3.68 -5.64
CA LEU A 13 -7.43 -4.07 -6.69
C LEU A 13 -7.88 -5.51 -6.45
N TYR A 14 -7.05 -6.23 -5.69
CA TYR A 14 -7.34 -7.62 -5.39
C TYR A 14 -6.78 -8.01 -4.02
N ASP A 15 -7.56 -8.80 -3.29
CA ASP A 15 -7.16 -9.24 -1.97
C ASP A 15 -5.93 -10.17 -2.11
N PHE A 16 -4.96 -9.94 -1.24
CA PHE A 16 -3.75 -10.74 -1.25
C PHE A 16 -3.47 -11.32 0.14
N THR A 17 -2.92 -12.53 0.13
CA THR A 17 -2.60 -13.21 1.38
C THR A 17 -1.08 -13.37 1.52
N ALA A 18 -0.50 -12.47 2.31
CA ALA A 18 0.94 -12.49 2.54
C ALA A 18 1.39 -13.94 2.75
N ARG A 19 2.20 -14.42 1.81
CA ARG A 19 2.71 -15.78 1.87
C ARG A 19 3.77 -15.89 2.96
N ASN A 20 4.48 -14.79 3.18
CA ASN A 20 5.53 -14.75 4.19
C ASN A 20 5.31 -13.53 5.09
N ALA A 21 6.26 -13.35 6.01
CA ALA A 21 6.19 -12.23 6.93
C ALA A 21 6.61 -10.95 6.20
N ASN A 22 7.64 -11.08 5.39
CA ASN A 22 8.15 -9.95 4.63
C ASN A 22 7.01 -9.36 3.78
N GLU A 23 5.98 -10.17 3.60
CA GLU A 23 4.83 -9.74 2.81
C GLU A 23 3.72 -9.24 3.73
N LEU A 24 2.83 -8.46 3.15
CA LEU A 24 1.70 -7.91 3.89
C LEU A 24 0.40 -8.46 3.32
N SER A 25 -0.52 -8.77 4.23
CA SER A 25 -1.81 -9.31 3.84
C SER A 25 -2.84 -8.18 3.78
N VAL A 26 -3.44 -8.02 2.60
CA VAL A 26 -4.45 -6.99 2.40
C VAL A 26 -5.66 -7.61 1.69
N LEU A 27 -6.70 -6.80 1.60
CA LEU A 27 -7.93 -7.25 0.95
C LEU A 27 -8.21 -6.35 -0.27
N LYS A 28 -9.29 -6.67 -0.96
CA LYS A 28 -9.68 -5.91 -2.12
C LYS A 28 -10.46 -4.67 -1.70
N ASP A 29 -10.18 -3.56 -2.38
CA ASP A 29 -10.85 -2.31 -2.07
C ASP A 29 -10.14 -1.64 -0.89
N GLU A 30 -9.16 -2.35 -0.35
CA GLU A 30 -8.40 -1.84 0.78
C GLU A 30 -7.30 -0.90 0.30
N VAL A 31 -6.98 0.06 1.15
CA VAL A 31 -5.95 1.04 0.83
C VAL A 31 -4.86 1.01 1.91
N LEU A 32 -3.64 0.82 1.46
CA LEU A 32 -2.50 0.77 2.38
C LEU A 32 -1.65 2.01 2.19
N GLU A 33 -0.61 2.11 3.01
CA GLU A 33 0.30 3.25 2.94
C GLU A 33 1.61 2.84 2.27
N VAL A 34 1.92 3.53 1.18
CA VAL A 34 3.15 3.25 0.44
C VAL A 34 4.33 3.89 1.17
N LEU A 35 5.38 3.10 1.34
CA LEU A 35 6.58 3.57 2.00
C LEU A 35 7.77 3.48 1.04
N GLU A 36 7.82 2.37 0.32
CA GLU A 36 8.89 2.15 -0.63
C GLU A 36 8.31 1.75 -1.99
N ASP A 37 8.70 2.53 -3.01
CA ASP A 37 8.23 2.27 -4.35
C ASP A 37 9.41 2.37 -5.33
N GLY A 38 9.12 2.05 -6.58
CA GLY A 38 10.15 2.10 -7.62
C GLY A 38 10.88 0.76 -7.71
N ARG A 39 10.33 -0.23 -7.03
CA ARG A 39 10.92 -1.57 -7.04
C ARG A 39 9.88 -2.61 -7.43
N GLN A 40 10.37 -3.79 -7.77
CA GLN A 40 9.49 -4.88 -8.17
C GLN A 40 8.22 -4.88 -7.30
N TRP A 41 8.42 -5.21 -6.03
CA TRP A 41 7.31 -5.26 -5.10
C TRP A 41 7.40 -4.04 -4.19
N TRP A 42 6.26 -3.39 -4.00
CA TRP A 42 6.20 -2.21 -3.16
C TRP A 42 6.06 -2.66 -1.70
N LYS A 43 6.46 -1.78 -0.79
CA LYS A 43 6.38 -2.09 0.62
C LYS A 43 5.30 -1.21 1.27
N LEU A 44 4.14 -1.82 1.46
CA LEU A 44 3.02 -1.11 2.06
C LEU A 44 2.96 -1.44 3.56
N ARG A 45 2.16 -0.65 4.27
CA ARG A 45 2.01 -0.85 5.71
C ARG A 45 0.52 -0.84 6.08
N SER A 46 0.15 -1.83 6.88
CA SER A 46 -1.23 -1.96 7.31
C SER A 46 -1.47 -1.07 8.55
N ARG A 47 -2.73 -0.89 8.87
CA ARG A 47 -3.11 -0.08 10.02
C ARG A 47 -2.70 -0.77 11.32
N SER A 48 -2.27 -2.02 11.18
CA SER A 48 -1.84 -2.80 12.33
C SER A 48 -0.37 -2.52 12.65
N GLY A 49 0.17 -1.53 11.95
CA GLY A 49 1.55 -1.14 12.15
C GLY A 49 2.49 -2.15 11.50
N GLN A 50 1.92 -3.00 10.66
CA GLN A 50 2.69 -4.02 9.97
C GLN A 50 3.09 -3.54 8.58
N ALA A 51 4.25 -4.00 8.13
CA ALA A 51 4.74 -3.62 6.82
C ALA A 51 5.26 -4.87 6.10
N GLY A 52 4.80 -5.04 4.86
CA GLY A 52 5.22 -6.17 4.06
C GLY A 52 5.20 -5.83 2.57
N TYR A 53 5.92 -6.63 1.81
CA TYR A 53 6.00 -6.43 0.37
C TYR A 53 4.84 -7.11 -0.35
N VAL A 54 4.45 -6.53 -1.48
CA VAL A 54 3.36 -7.07 -2.26
C VAL A 54 3.56 -6.70 -3.73
N PRO A 55 2.82 -7.42 -4.61
CA PRO A 55 2.91 -7.17 -6.05
C PRO A 55 2.18 -5.88 -6.43
N CYS A 56 2.81 -5.12 -7.31
CA CYS A 56 2.22 -3.87 -7.77
C CYS A 56 1.14 -4.19 -8.80
N ASN A 57 1.01 -5.47 -9.09
CA ASN A 57 0.02 -5.92 -10.06
C ASN A 57 -1.38 -5.71 -9.48
N ILE A 58 -1.51 -5.99 -8.20
CA ILE A 58 -2.78 -5.83 -7.52
C ILE A 58 -2.94 -4.38 -7.06
N LEU A 59 -1.80 -3.70 -6.97
CA LEU A 59 -1.80 -2.30 -6.55
C LEU A 59 -2.54 -1.46 -7.60
N GLY A 60 -2.87 -0.24 -7.19
CA GLY A 60 -3.59 0.67 -8.08
C GLY A 60 -3.52 2.10 -7.54
N GLU A 61 -3.42 3.04 -8.48
CA GLU A 61 -3.36 4.45 -8.12
C GLU A 61 -4.63 4.87 -7.39
N ALA A 62 -4.45 5.29 -6.14
CA ALA A 62 -5.56 5.72 -5.32
C ALA A 62 -5.64 7.25 -5.32
N SER A 63 -6.69 7.76 -4.72
CA SER A 63 -6.89 9.20 -4.65
C SER A 63 -5.91 9.81 -3.65
N GLY A 64 -5.66 11.10 -3.84
CA GLY A 64 -4.74 11.82 -2.97
C GLY A 64 -4.82 13.33 -3.21
N PRO A 65 -4.26 14.10 -2.22
CA PRO A 65 -4.27 15.55 -2.32
C PRO A 65 -3.23 16.03 -3.33
N SER A 66 -3.68 16.91 -4.22
CA SER A 66 -2.80 17.45 -5.25
C SER A 66 -1.44 17.79 -4.64
N SER A 67 -0.43 17.10 -5.12
CA SER A 67 0.93 17.32 -4.65
C SER A 67 1.82 17.76 -5.80
N GLY A 68 1.91 16.91 -6.81
CA GLY A 68 2.72 17.20 -7.97
C GLY A 68 4.22 17.14 -7.62
N GLY A 1 7.14 18.11 12.73
CA GLY A 1 7.61 19.20 11.86
C GLY A 1 7.80 18.70 10.44
N SER A 2 9.07 18.67 10.02
CA SER A 2 9.40 18.22 8.69
C SER A 2 8.82 19.18 7.65
N SER A 3 9.49 19.26 6.52
CA SER A 3 9.05 20.13 5.44
C SER A 3 8.65 19.30 4.22
N GLY A 4 7.68 19.83 3.48
CA GLY A 4 7.19 19.15 2.29
C GLY A 4 6.29 17.98 2.66
N SER A 5 4.99 18.21 2.54
CA SER A 5 4.01 17.18 2.85
C SER A 5 3.83 16.24 1.67
N SER A 6 4.22 14.99 1.89
CA SER A 6 4.12 13.98 0.85
C SER A 6 3.71 12.64 1.47
N GLY A 7 2.54 12.16 1.05
CA GLY A 7 2.02 10.90 1.54
C GLY A 7 0.93 10.35 0.62
N LYS A 8 1.35 9.46 -0.27
CA LYS A 8 0.42 8.86 -1.21
C LYS A 8 0.05 7.46 -0.72
N TYR A 9 -0.97 6.90 -1.36
CA TYR A 9 -1.44 5.57 -1.01
C TYR A 9 -1.76 4.74 -2.25
N VAL A 10 -2.12 3.49 -2.02
CA VAL A 10 -2.46 2.59 -3.11
C VAL A 10 -3.73 1.81 -2.74
N LYS A 11 -4.56 1.59 -3.75
CA LYS A 11 -5.79 0.86 -3.55
C LYS A 11 -5.62 -0.58 -4.03
N ILE A 12 -5.90 -1.52 -3.13
CA ILE A 12 -5.77 -2.93 -3.45
C ILE A 12 -6.91 -3.34 -4.39
N LEU A 13 -6.52 -3.97 -5.49
CA LEU A 13 -7.51 -4.42 -6.47
C LEU A 13 -7.92 -5.85 -6.16
N TYR A 14 -7.00 -6.58 -5.54
CA TYR A 14 -7.26 -7.97 -5.17
C TYR A 14 -6.83 -8.24 -3.73
N ASP A 15 -7.62 -9.06 -3.05
CA ASP A 15 -7.32 -9.41 -1.68
C ASP A 15 -6.13 -10.36 -1.64
N PHE A 16 -5.05 -9.89 -1.05
CA PHE A 16 -3.84 -10.69 -0.93
C PHE A 16 -3.55 -11.06 0.52
N THR A 17 -2.95 -12.22 0.70
CA THR A 17 -2.62 -12.70 2.02
C THR A 17 -1.13 -13.01 2.12
N ALA A 18 -0.46 -12.25 2.97
CA ALA A 18 0.97 -12.42 3.18
C ALA A 18 1.30 -13.91 3.20
N ARG A 19 2.06 -14.33 2.20
CA ARG A 19 2.45 -15.72 2.09
C ARG A 19 3.77 -15.97 2.84
N ASN A 20 4.44 -14.88 3.16
CA ASN A 20 5.71 -14.95 3.87
C ASN A 20 5.79 -13.79 4.87
N ALA A 21 6.93 -13.73 5.54
CA ALA A 21 7.16 -12.68 6.52
C ALA A 21 7.35 -11.34 5.80
N ASN A 22 7.94 -11.42 4.62
CA ASN A 22 8.18 -10.23 3.82
C ASN A 22 6.97 -9.97 2.92
N GLU A 23 5.79 -10.12 3.50
CA GLU A 23 4.56 -9.91 2.77
C GLU A 23 3.49 -9.32 3.69
N LEU A 24 2.59 -8.55 3.09
CA LEU A 24 1.52 -7.92 3.83
C LEU A 24 0.17 -8.47 3.34
N SER A 25 -0.74 -8.64 4.28
CA SER A 25 -2.06 -9.14 3.96
C SER A 25 -3.05 -7.99 3.82
N VAL A 26 -3.61 -7.88 2.62
CA VAL A 26 -4.57 -6.82 2.33
C VAL A 26 -5.78 -7.42 1.61
N LEU A 27 -6.94 -6.82 1.86
CA LEU A 27 -8.17 -7.27 1.25
C LEU A 27 -8.43 -6.45 -0.02
N LYS A 28 -9.53 -6.78 -0.69
CA LYS A 28 -9.90 -6.10 -1.91
C LYS A 28 -10.64 -4.80 -1.54
N ASP A 29 -10.30 -3.74 -2.26
CA ASP A 29 -10.92 -2.45 -2.03
C ASP A 29 -10.31 -1.81 -0.78
N GLU A 30 -9.09 -2.23 -0.48
CA GLU A 30 -8.39 -1.71 0.68
C GLU A 30 -7.27 -0.76 0.25
N VAL A 31 -6.95 0.18 1.12
CA VAL A 31 -5.92 1.16 0.84
C VAL A 31 -4.86 1.10 1.93
N LEU A 32 -3.62 0.90 1.51
CA LEU A 32 -2.50 0.82 2.43
C LEU A 32 -1.60 2.05 2.25
N GLU A 33 -0.59 2.13 3.10
CA GLU A 33 0.34 3.24 3.05
C GLU A 33 1.63 2.81 2.34
N VAL A 34 1.85 3.37 1.16
CA VAL A 34 3.03 3.06 0.38
C VAL A 34 4.25 3.71 1.03
N LEU A 35 5.29 2.91 1.22
CA LEU A 35 6.52 3.41 1.81
C LEU A 35 7.64 3.39 0.77
N GLU A 36 7.78 2.24 0.13
CA GLU A 36 8.81 2.08 -0.89
C GLU A 36 8.16 1.83 -2.26
N ASP A 37 8.53 2.67 -3.20
CA ASP A 37 7.99 2.55 -4.55
C ASP A 37 9.15 2.57 -5.56
N GLY A 38 8.79 2.40 -6.83
CA GLY A 38 9.78 2.39 -7.89
C GLY A 38 10.61 1.10 -7.85
N ARG A 39 10.09 0.11 -7.14
CA ARG A 39 10.77 -1.16 -7.02
C ARG A 39 9.83 -2.31 -7.42
N GLN A 40 10.43 -3.47 -7.66
CA GLN A 40 9.66 -4.64 -8.04
C GLN A 40 8.35 -4.70 -7.24
N TRP A 41 8.50 -4.95 -5.95
CA TRP A 41 7.34 -5.04 -5.07
C TRP A 41 7.35 -3.82 -4.15
N TRP A 42 6.17 -3.25 -3.95
CA TRP A 42 6.03 -2.09 -3.10
C TRP A 42 5.94 -2.56 -1.66
N LYS A 43 6.30 -1.67 -0.74
CA LYS A 43 6.27 -1.99 0.68
C LYS A 43 5.20 -1.13 1.36
N LEU A 44 4.05 -1.76 1.58
CA LEU A 44 2.94 -1.06 2.22
C LEU A 44 2.97 -1.36 3.72
N ARG A 45 2.18 -0.59 4.46
CA ARG A 45 2.10 -0.75 5.90
C ARG A 45 0.64 -0.69 6.35
N SER A 46 0.20 -1.78 6.97
CA SER A 46 -1.17 -1.85 7.46
C SER A 46 -1.35 -0.90 8.65
N ARG A 47 -2.59 -0.46 8.83
CA ARG A 47 -2.90 0.44 9.92
C ARG A 47 -2.45 -0.15 11.25
N SER A 48 -2.30 -1.46 11.26
CA SER A 48 -1.88 -2.16 12.46
C SER A 48 -0.41 -1.84 12.76
N GLY A 49 0.24 -1.23 11.77
CA GLY A 49 1.64 -0.87 11.92
C GLY A 49 2.54 -1.85 11.16
N GLN A 50 1.95 -2.98 10.80
CA GLN A 50 2.68 -4.01 10.08
C GLN A 50 3.12 -3.49 8.71
N ALA A 51 4.18 -4.10 8.19
CA ALA A 51 4.70 -3.70 6.89
C ALA A 51 5.19 -4.94 6.14
N GLY A 52 4.75 -5.04 4.90
CA GLY A 52 5.13 -6.18 4.07
C GLY A 52 5.17 -5.78 2.59
N TYR A 53 5.81 -6.64 1.80
CA TYR A 53 5.93 -6.38 0.38
C TYR A 53 4.84 -7.13 -0.40
N VAL A 54 4.44 -6.52 -1.51
CA VAL A 54 3.41 -7.12 -2.35
C VAL A 54 3.65 -6.71 -3.80
N PRO A 55 2.97 -7.44 -4.73
CA PRO A 55 3.10 -7.17 -6.16
C PRO A 55 2.33 -5.91 -6.54
N CYS A 56 2.91 -5.15 -7.45
CA CYS A 56 2.29 -3.92 -7.90
C CYS A 56 1.19 -4.29 -8.91
N ASN A 57 1.09 -5.58 -9.18
CA ASN A 57 0.09 -6.07 -10.12
C ASN A 57 -1.30 -5.84 -9.53
N ILE A 58 -1.42 -6.15 -8.24
CA ILE A 58 -2.69 -6.00 -7.55
C ILE A 58 -2.86 -4.54 -7.14
N LEU A 59 -1.73 -3.86 -6.97
CA LEU A 59 -1.75 -2.47 -6.58
C LEU A 59 -2.36 -1.63 -7.71
N GLY A 60 -2.82 -0.44 -7.34
CA GLY A 60 -3.41 0.46 -8.31
C GLY A 60 -3.11 1.92 -7.97
N GLU A 61 -4.08 2.77 -8.24
CA GLU A 61 -3.94 4.19 -7.97
C GLU A 61 -4.99 4.66 -6.96
N ALA A 62 -4.55 5.53 -6.06
CA ALA A 62 -5.46 6.07 -5.04
C ALA A 62 -5.50 7.59 -5.16
N SER A 63 -6.69 8.13 -4.94
CA SER A 63 -6.88 9.57 -5.02
C SER A 63 -6.36 10.23 -3.74
N GLY A 64 -5.09 10.61 -3.78
CA GLY A 64 -4.46 11.24 -2.64
C GLY A 64 -4.68 12.76 -2.67
N PRO A 65 -4.03 13.46 -1.70
CA PRO A 65 -4.14 14.90 -1.61
C PRO A 65 -3.32 15.58 -2.70
N SER A 66 -2.16 15.01 -2.96
CA SER A 66 -1.26 15.56 -3.97
C SER A 66 -0.76 16.94 -3.55
N SER A 67 0.55 17.06 -3.44
CA SER A 67 1.16 18.31 -3.05
C SER A 67 0.89 19.38 -4.11
N GLY A 68 1.36 19.09 -5.32
CA GLY A 68 1.18 20.01 -6.42
C GLY A 68 -0.22 20.62 -6.42
N GLY A 1 6.76 23.30 13.67
CA GLY A 1 7.56 23.35 12.46
C GLY A 1 6.89 22.58 11.32
N SER A 2 7.70 22.16 10.37
CA SER A 2 7.20 21.42 9.22
C SER A 2 7.34 19.92 9.47
N SER A 3 6.30 19.19 9.09
CA SER A 3 6.30 17.75 9.26
C SER A 3 5.10 17.14 8.53
N GLY A 4 5.36 16.67 7.32
CA GLY A 4 4.32 16.06 6.50
C GLY A 4 4.44 16.50 5.04
N SER A 5 4.99 15.60 4.24
CA SER A 5 5.18 15.87 2.82
C SER A 5 5.32 14.55 2.05
N SER A 6 4.77 14.54 0.85
CA SER A 6 4.81 13.36 0.01
C SER A 6 4.04 12.22 0.66
N GLY A 7 2.72 12.33 0.60
CA GLY A 7 1.87 11.31 1.18
C GLY A 7 0.94 10.72 0.12
N LYS A 8 1.31 9.53 -0.35
CA LYS A 8 0.52 8.85 -1.36
C LYS A 8 0.05 7.50 -0.81
N TYR A 9 -1.01 6.98 -1.41
CA TYR A 9 -1.56 5.70 -0.99
C TYR A 9 -1.90 4.83 -2.20
N VAL A 10 -2.06 3.54 -1.93
CA VAL A 10 -2.39 2.60 -2.98
C VAL A 10 -3.71 1.90 -2.64
N LYS A 11 -4.54 1.76 -3.67
CA LYS A 11 -5.83 1.12 -3.49
C LYS A 11 -5.78 -0.31 -4.06
N ILE A 12 -5.69 -1.26 -3.15
CA ILE A 12 -5.62 -2.66 -3.54
C ILE A 12 -6.69 -2.95 -4.60
N LEU A 13 -6.38 -3.89 -5.47
CA LEU A 13 -7.30 -4.26 -6.53
C LEU A 13 -7.79 -5.69 -6.29
N TYR A 14 -6.89 -6.52 -5.78
CA TYR A 14 -7.22 -7.90 -5.50
C TYR A 14 -6.82 -8.29 -4.08
N ASP A 15 -7.66 -9.11 -3.46
CA ASP A 15 -7.41 -9.55 -2.10
C ASP A 15 -6.25 -10.56 -2.11
N PHE A 16 -5.13 -10.11 -1.57
CA PHE A 16 -3.95 -10.96 -1.51
C PHE A 16 -3.73 -11.51 -0.09
N THR A 17 -3.18 -12.72 -0.05
CA THR A 17 -2.92 -13.36 1.23
C THR A 17 -1.42 -13.53 1.45
N ALA A 18 -0.86 -12.62 2.23
CA ALA A 18 0.56 -12.65 2.52
C ALA A 18 0.99 -14.10 2.75
N ARG A 19 1.90 -14.56 1.89
CA ARG A 19 2.40 -15.92 1.98
C ARG A 19 3.36 -16.05 3.17
N ASN A 20 4.04 -14.95 3.47
CA ASN A 20 4.98 -14.93 4.57
C ASN A 20 4.92 -13.56 5.26
N ALA A 21 5.81 -13.38 6.22
CA ALA A 21 5.88 -12.13 6.96
C ALA A 21 6.32 -11.02 6.03
N ASN A 22 7.39 -11.29 5.31
CA ASN A 22 7.93 -10.30 4.37
C ASN A 22 6.80 -9.74 3.52
N GLU A 23 5.74 -10.53 3.39
CA GLU A 23 4.58 -10.12 2.62
C GLU A 23 3.49 -9.55 3.54
N LEU A 24 2.55 -8.87 2.92
CA LEU A 24 1.44 -8.28 3.67
C LEU A 24 0.12 -8.77 3.09
N SER A 25 -0.84 -9.00 3.98
CA SER A 25 -2.15 -9.47 3.58
C SER A 25 -3.11 -8.28 3.44
N VAL A 26 -3.64 -8.12 2.24
CA VAL A 26 -4.56 -7.03 1.97
C VAL A 26 -5.77 -7.58 1.19
N LEU A 27 -6.93 -6.99 1.46
CA LEU A 27 -8.15 -7.40 0.80
C LEU A 27 -8.40 -6.51 -0.42
N LYS A 28 -9.49 -6.80 -1.11
CA LYS A 28 -9.85 -6.03 -2.29
C LYS A 28 -10.60 -4.77 -1.86
N ASP A 29 -10.24 -3.66 -2.49
CA ASP A 29 -10.87 -2.39 -2.18
C ASP A 29 -10.23 -1.80 -0.92
N GLU A 30 -9.03 -2.27 -0.63
CA GLU A 30 -8.31 -1.80 0.54
C GLU A 30 -7.30 -0.71 0.15
N VAL A 31 -6.91 0.07 1.15
CA VAL A 31 -5.97 1.15 0.92
C VAL A 31 -4.85 1.07 1.97
N LEU A 32 -3.63 0.87 1.49
CA LEU A 32 -2.48 0.77 2.37
C LEU A 32 -1.63 2.03 2.21
N GLU A 33 -0.62 2.14 3.08
CA GLU A 33 0.27 3.27 3.04
C GLU A 33 1.59 2.89 2.36
N VAL A 34 1.77 3.43 1.17
CA VAL A 34 2.98 3.16 0.40
C VAL A 34 4.16 3.86 1.06
N LEU A 35 5.25 3.11 1.21
CA LEU A 35 6.45 3.64 1.82
C LEU A 35 7.60 3.57 0.81
N GLU A 36 7.73 2.41 0.17
CA GLU A 36 8.77 2.22 -0.81
C GLU A 36 8.16 1.81 -2.16
N ASP A 37 8.49 2.59 -3.18
CA ASP A 37 7.99 2.32 -4.52
C ASP A 37 9.15 2.40 -5.52
N GLY A 38 8.83 2.10 -6.77
CA GLY A 38 9.82 2.14 -7.82
C GLY A 38 10.64 0.85 -7.85
N ARG A 39 10.13 -0.15 -7.16
CA ARG A 39 10.80 -1.44 -7.09
C ARG A 39 9.83 -2.56 -7.48
N GLN A 40 10.41 -3.73 -7.74
CA GLN A 40 9.61 -4.89 -8.12
C GLN A 40 8.33 -4.94 -7.30
N TRP A 41 8.50 -5.11 -6.00
CA TRP A 41 7.36 -5.17 -5.09
C TRP A 41 7.40 -3.93 -4.20
N TRP A 42 6.22 -3.35 -3.98
CA TRP A 42 6.11 -2.17 -3.15
C TRP A 42 6.01 -2.63 -1.69
N LYS A 43 6.38 -1.72 -0.80
CA LYS A 43 6.35 -2.02 0.63
C LYS A 43 5.28 -1.14 1.29
N LEU A 44 4.13 -1.76 1.52
CA LEU A 44 3.01 -1.06 2.14
C LEU A 44 2.98 -1.40 3.64
N ARG A 45 2.22 -0.60 4.37
CA ARG A 45 2.09 -0.81 5.80
C ARG A 45 0.62 -0.74 6.22
N SER A 46 0.17 -1.82 6.86
CA SER A 46 -1.21 -1.89 7.30
C SER A 46 -1.41 -1.00 8.54
N ARG A 47 -2.68 -0.77 8.86
CA ARG A 47 -3.01 0.05 10.01
C ARG A 47 -2.66 -0.67 11.31
N SER A 48 -2.30 -1.94 11.16
CA SER A 48 -1.94 -2.74 12.32
C SER A 48 -0.46 -2.56 12.64
N GLY A 49 0.13 -1.56 12.00
CA GLY A 49 1.54 -1.25 12.22
C GLY A 49 2.44 -2.30 11.55
N GLN A 50 1.81 -3.10 10.69
CA GLN A 50 2.53 -4.14 9.97
C GLN A 50 2.98 -3.64 8.60
N ALA A 51 4.13 -4.12 8.18
CA ALA A 51 4.69 -3.73 6.90
C ALA A 51 5.19 -4.97 6.16
N GLY A 52 4.75 -5.10 4.92
CA GLY A 52 5.15 -6.23 4.09
C GLY A 52 5.17 -5.85 2.61
N TYR A 53 5.83 -6.70 1.83
CA TYR A 53 5.94 -6.47 0.40
C TYR A 53 4.82 -7.18 -0.36
N VAL A 54 4.48 -6.63 -1.51
CA VAL A 54 3.43 -7.20 -2.34
C VAL A 54 3.69 -6.84 -3.80
N PRO A 55 3.02 -7.60 -4.71
CA PRO A 55 3.17 -7.38 -6.14
C PRO A 55 2.42 -6.12 -6.57
N CYS A 56 2.99 -5.43 -7.54
CA CYS A 56 2.39 -4.22 -8.07
C CYS A 56 1.33 -4.61 -9.10
N ASN A 57 1.20 -5.91 -9.30
CA ASN A 57 0.22 -6.43 -10.24
C ASN A 57 -1.18 -6.22 -9.69
N ILE A 58 -1.25 -6.12 -8.37
CA ILE A 58 -2.53 -5.92 -7.69
C ILE A 58 -2.64 -4.47 -7.24
N LEU A 59 -1.48 -3.83 -7.13
CA LEU A 59 -1.44 -2.44 -6.71
C LEU A 59 -1.91 -1.54 -7.86
N GLY A 60 -2.31 -0.34 -7.50
CA GLY A 60 -2.79 0.62 -8.48
C GLY A 60 -2.72 2.05 -7.94
N GLU A 61 -2.51 2.99 -8.85
CA GLU A 61 -2.42 4.39 -8.48
C GLU A 61 -3.72 4.85 -7.84
N ALA A 62 -3.63 5.20 -6.56
CA ALA A 62 -4.79 5.67 -5.83
C ALA A 62 -5.04 7.14 -6.13
N SER A 63 -6.19 7.42 -6.71
CA SER A 63 -6.54 8.78 -7.05
C SER A 63 -6.51 9.67 -5.80
N GLY A 64 -5.81 10.79 -5.93
CA GLY A 64 -5.68 11.72 -4.83
C GLY A 64 -4.95 12.99 -5.26
N PRO A 65 -4.65 13.85 -4.26
CA PRO A 65 -3.96 15.10 -4.52
C PRO A 65 -2.47 14.86 -4.80
N SER A 66 -2.22 14.10 -5.87
CA SER A 66 -0.86 13.79 -6.26
C SER A 66 -0.71 13.90 -7.77
N SER A 67 0.53 13.84 -8.22
CA SER A 67 0.83 13.94 -9.64
C SER A 67 1.02 12.54 -10.23
N GLY A 68 0.34 12.29 -11.33
CA GLY A 68 0.43 11.00 -12.00
C GLY A 68 0.08 11.12 -13.48
N GLY A 1 13.32 18.55 -0.47
CA GLY A 1 12.72 19.03 -1.71
C GLY A 1 11.93 20.32 -1.46
N SER A 2 11.11 20.67 -2.45
CA SER A 2 10.29 21.87 -2.36
C SER A 2 9.23 21.69 -1.27
N SER A 3 9.47 22.35 -0.14
CA SER A 3 8.55 22.27 0.97
C SER A 3 8.54 20.86 1.56
N GLY A 4 7.90 19.96 0.84
CA GLY A 4 7.81 18.57 1.27
C GLY A 4 6.36 18.19 1.60
N SER A 5 6.22 17.08 2.31
CA SER A 5 4.90 16.60 2.69
C SER A 5 4.13 16.16 1.45
N SER A 6 4.02 14.85 1.30
CA SER A 6 3.30 14.29 0.15
C SER A 6 3.05 12.80 0.38
N GLY A 7 2.03 12.51 1.17
CA GLY A 7 1.69 11.12 1.46
C GLY A 7 0.80 10.54 0.37
N LYS A 8 1.22 9.39 -0.14
CA LYS A 8 0.49 8.72 -1.19
C LYS A 8 0.00 7.36 -0.69
N TYR A 9 -1.03 6.84 -1.34
CA TYR A 9 -1.58 5.56 -0.96
C TYR A 9 -1.80 4.67 -2.19
N VAL A 10 -2.23 3.44 -1.93
CA VAL A 10 -2.48 2.49 -3.00
C VAL A 10 -3.76 1.71 -2.70
N LYS A 11 -4.60 1.61 -3.71
CA LYS A 11 -5.86 0.90 -3.57
C LYS A 11 -5.70 -0.53 -4.10
N ILE A 12 -5.84 -1.49 -3.19
CA ILE A 12 -5.71 -2.89 -3.56
C ILE A 12 -6.82 -3.26 -4.56
N LEU A 13 -6.39 -3.84 -5.67
CA LEU A 13 -7.33 -4.24 -6.70
C LEU A 13 -7.78 -5.68 -6.45
N TYR A 14 -6.89 -6.45 -5.83
CA TYR A 14 -7.17 -7.84 -5.52
C TYR A 14 -6.70 -8.20 -4.11
N ASP A 15 -7.47 -9.06 -3.47
CA ASP A 15 -7.14 -9.50 -2.13
C ASP A 15 -5.92 -10.41 -2.17
N PHE A 16 -4.89 -10.03 -1.43
CA PHE A 16 -3.67 -10.81 -1.38
C PHE A 16 -3.39 -11.30 0.05
N THR A 17 -2.97 -12.55 0.12
CA THR A 17 -2.67 -13.16 1.41
C THR A 17 -1.15 -13.26 1.61
N ALA A 18 -0.64 -12.36 2.44
CA ALA A 18 0.78 -12.33 2.72
C ALA A 18 1.28 -13.76 2.99
N ARG A 19 2.13 -14.24 2.11
CA ARG A 19 2.68 -15.58 2.24
C ARG A 19 3.55 -15.67 3.49
N ASN A 20 4.20 -14.57 3.81
CA ASN A 20 5.07 -14.52 4.97
C ASN A 20 4.99 -13.13 5.60
N ALA A 21 5.80 -12.93 6.63
CA ALA A 21 5.83 -11.66 7.32
C ALA A 21 6.30 -10.56 6.35
N ASN A 22 7.39 -10.86 5.66
CA ASN A 22 7.94 -9.91 4.71
C ASN A 22 6.82 -9.38 3.82
N GLU A 23 5.77 -10.17 3.70
CA GLU A 23 4.63 -9.78 2.89
C GLU A 23 3.51 -9.22 3.77
N LEU A 24 2.70 -8.36 3.17
CA LEU A 24 1.60 -7.75 3.89
C LEU A 24 0.27 -8.32 3.36
N SER A 25 -0.61 -8.61 4.30
CA SER A 25 -1.92 -9.16 3.96
C SER A 25 -2.93 -8.04 3.77
N VAL A 26 -3.50 -7.97 2.57
CA VAL A 26 -4.47 -6.96 2.25
C VAL A 26 -5.67 -7.61 1.56
N LEU A 27 -6.74 -6.83 1.45
CA LEU A 27 -7.95 -7.32 0.81
C LEU A 27 -8.30 -6.41 -0.37
N LYS A 28 -9.38 -6.77 -1.05
CA LYS A 28 -9.84 -6.00 -2.20
C LYS A 28 -10.64 -4.80 -1.72
N ASP A 29 -10.39 -3.66 -2.36
CA ASP A 29 -11.09 -2.44 -2.01
C ASP A 29 -10.44 -1.84 -0.76
N GLU A 30 -9.19 -2.20 -0.55
CA GLU A 30 -8.45 -1.71 0.60
C GLU A 30 -7.42 -0.67 0.18
N VAL A 31 -6.98 0.13 1.14
CA VAL A 31 -6.00 1.16 0.88
C VAL A 31 -4.90 1.10 1.94
N LEU A 32 -3.69 0.84 1.47
CA LEU A 32 -2.54 0.76 2.36
C LEU A 32 -1.68 2.02 2.21
N GLU A 33 -0.61 2.06 3.00
CA GLU A 33 0.29 3.20 2.96
C GLU A 33 1.61 2.80 2.28
N VAL A 34 1.91 3.50 1.20
CA VAL A 34 3.13 3.23 0.45
C VAL A 34 4.31 3.84 1.19
N LEU A 35 5.36 3.04 1.33
CA LEU A 35 6.56 3.50 2.01
C LEU A 35 7.74 3.47 1.04
N GLU A 36 7.85 2.36 0.31
CA GLU A 36 8.93 2.19 -0.65
C GLU A 36 8.35 1.85 -2.02
N ASP A 37 8.72 2.66 -3.01
CA ASP A 37 8.25 2.45 -4.37
C ASP A 37 9.43 2.57 -5.33
N GLY A 38 9.16 2.26 -6.59
CA GLY A 38 10.18 2.34 -7.62
C GLY A 38 10.81 0.96 -7.87
N ARG A 39 10.53 0.04 -6.95
CA ARG A 39 11.06 -1.31 -7.06
C ARG A 39 9.95 -2.28 -7.44
N GLN A 40 10.36 -3.48 -7.84
CA GLN A 40 9.42 -4.50 -8.24
C GLN A 40 8.20 -4.49 -7.31
N TRP A 41 8.37 -5.10 -6.15
CA TRP A 41 7.30 -5.16 -5.18
C TRP A 41 7.42 -3.94 -4.26
N TRP A 42 6.26 -3.36 -3.95
CA TRP A 42 6.23 -2.18 -3.10
C TRP A 42 6.06 -2.66 -1.65
N LYS A 43 6.47 -1.81 -0.73
CA LYS A 43 6.37 -2.13 0.69
C LYS A 43 5.31 -1.23 1.33
N LEU A 44 4.13 -1.80 1.50
CA LEU A 44 3.02 -1.06 2.10
C LEU A 44 2.98 -1.36 3.60
N ARG A 45 2.20 -0.55 4.31
CA ARG A 45 2.05 -0.72 5.75
C ARG A 45 0.58 -0.66 6.15
N SER A 46 0.18 -1.62 6.96
CA SER A 46 -1.20 -1.69 7.42
C SER A 46 -1.39 -0.78 8.64
N ARG A 47 -2.65 -0.56 8.99
CA ARG A 47 -2.97 0.27 10.12
C ARG A 47 -2.56 -0.41 11.44
N SER A 48 -2.14 -1.66 11.30
CA SER A 48 -1.71 -2.43 12.45
C SER A 48 -0.23 -2.18 12.74
N GLY A 49 0.32 -1.20 12.03
CA GLY A 49 1.72 -0.85 12.19
C GLY A 49 2.63 -1.89 11.54
N GLN A 50 2.02 -2.73 10.71
CA GLN A 50 2.76 -3.77 10.02
C GLN A 50 3.17 -3.29 8.63
N ALA A 51 4.25 -3.89 8.12
CA ALA A 51 4.76 -3.54 6.82
C ALA A 51 5.22 -4.81 6.09
N GLY A 52 4.78 -4.95 4.86
CA GLY A 52 5.13 -6.11 4.05
C GLY A 52 5.18 -5.75 2.57
N TYR A 53 5.78 -6.63 1.79
CA TYR A 53 5.90 -6.42 0.35
C TYR A 53 4.76 -7.12 -0.39
N VAL A 54 4.38 -6.53 -1.51
CA VAL A 54 3.31 -7.09 -2.33
C VAL A 54 3.56 -6.72 -3.79
N PRO A 55 2.85 -7.46 -4.70
CA PRO A 55 2.98 -7.22 -6.13
C PRO A 55 2.25 -5.95 -6.54
N CYS A 56 2.84 -5.25 -7.50
CA CYS A 56 2.26 -4.01 -7.99
C CYS A 56 1.22 -4.36 -9.04
N ASN A 57 1.01 -5.67 -9.23
CA ASN A 57 0.05 -6.14 -10.20
C ASN A 57 -1.36 -6.03 -9.62
N ILE A 58 -1.41 -6.03 -8.30
CA ILE A 58 -2.68 -5.93 -7.60
C ILE A 58 -2.89 -4.50 -7.12
N LEU A 59 -1.78 -3.77 -7.03
CA LEU A 59 -1.82 -2.39 -6.59
C LEU A 59 -2.57 -1.55 -7.63
N GLY A 60 -2.81 -0.29 -7.27
CA GLY A 60 -3.50 0.62 -8.15
C GLY A 60 -3.50 2.04 -7.59
N GLU A 61 -3.47 3.01 -8.49
CA GLU A 61 -3.46 4.40 -8.10
C GLU A 61 -4.73 4.74 -7.32
N ALA A 62 -4.54 5.24 -6.11
CA ALA A 62 -5.65 5.61 -5.26
C ALA A 62 -5.78 7.13 -5.22
N SER A 63 -7.03 7.59 -5.30
CA SER A 63 -7.30 9.02 -5.29
C SER A 63 -8.27 9.34 -4.15
N GLY A 64 -7.73 9.93 -3.09
CA GLY A 64 -8.53 10.29 -1.93
C GLY A 64 -8.91 11.78 -1.98
N PRO A 65 -9.48 12.26 -0.85
CA PRO A 65 -9.90 13.65 -0.76
C PRO A 65 -8.69 14.56 -0.57
N SER A 66 -8.45 15.39 -1.58
CA SER A 66 -7.33 16.32 -1.55
C SER A 66 -6.02 15.55 -1.58
N SER A 67 -5.05 16.11 -2.29
CA SER A 67 -3.74 15.50 -2.41
C SER A 67 -2.66 16.44 -1.88
N GLY A 68 -2.34 16.24 -0.61
CA GLY A 68 -1.32 17.07 0.04
C GLY A 68 -1.85 17.66 1.35
N GLY A 1 5.96 24.74 5.82
CA GLY A 1 6.50 23.56 5.16
C GLY A 1 7.10 23.93 3.80
N SER A 2 6.39 23.55 2.75
CA SER A 2 6.84 23.84 1.40
C SER A 2 5.65 23.79 0.43
N SER A 3 4.99 22.66 0.40
CA SER A 3 3.85 22.47 -0.47
C SER A 3 2.99 21.31 0.03
N GLY A 4 2.18 21.59 1.04
CA GLY A 4 1.30 20.58 1.61
C GLY A 4 2.12 19.48 2.28
N SER A 5 1.52 18.90 3.31
CA SER A 5 2.18 17.83 4.06
C SER A 5 1.35 16.55 3.96
N SER A 6 1.77 15.67 3.06
CA SER A 6 1.08 14.41 2.85
C SER A 6 1.84 13.56 1.83
N GLY A 7 1.64 12.25 1.93
CA GLY A 7 2.30 11.33 1.02
C GLY A 7 1.30 10.76 0.00
N LYS A 8 1.58 9.56 -0.45
CA LYS A 8 0.72 8.90 -1.43
C LYS A 8 0.15 7.61 -0.82
N TYR A 9 -0.82 7.05 -1.53
CA TYR A 9 -1.45 5.82 -1.07
C TYR A 9 -1.71 4.88 -2.24
N VAL A 10 -2.11 3.66 -1.90
CA VAL A 10 -2.40 2.66 -2.90
C VAL A 10 -3.70 1.93 -2.54
N LYS A 11 -4.51 1.68 -3.57
CA LYS A 11 -5.78 1.00 -3.37
C LYS A 11 -5.69 -0.41 -3.97
N ILE A 12 -5.71 -1.41 -3.09
CA ILE A 12 -5.63 -2.79 -3.52
C ILE A 12 -6.71 -3.05 -4.57
N LEU A 13 -6.38 -3.91 -5.52
CA LEU A 13 -7.30 -4.25 -6.59
C LEU A 13 -7.78 -5.69 -6.39
N TYR A 14 -6.90 -6.50 -5.82
CA TYR A 14 -7.22 -7.90 -5.58
C TYR A 14 -6.84 -8.31 -4.16
N ASP A 15 -7.66 -9.17 -3.58
CA ASP A 15 -7.43 -9.64 -2.23
C ASP A 15 -6.24 -10.60 -2.23
N PHE A 16 -5.20 -10.20 -1.51
CA PHE A 16 -4.00 -11.02 -1.42
C PHE A 16 -3.76 -11.48 0.02
N THR A 17 -3.03 -12.58 0.14
CA THR A 17 -2.72 -13.14 1.44
C THR A 17 -1.21 -13.26 1.62
N ALA A 18 -0.68 -12.43 2.51
CA ALA A 18 0.74 -12.43 2.78
C ALA A 18 1.22 -13.86 2.98
N ARG A 19 2.05 -14.32 2.04
CA ARG A 19 2.58 -15.67 2.11
C ARG A 19 3.51 -15.82 3.31
N ASN A 20 4.15 -14.72 3.67
CA ASN A 20 5.06 -14.72 4.80
C ASN A 20 4.96 -13.38 5.53
N ALA A 21 5.86 -13.20 6.49
CA ALA A 21 5.88 -11.97 7.27
C ALA A 21 6.33 -10.82 6.38
N ASN A 22 7.42 -11.05 5.65
CA ASN A 22 7.97 -10.05 4.76
C ASN A 22 6.84 -9.49 3.87
N GLU A 23 5.81 -10.30 3.72
CA GLU A 23 4.67 -9.90 2.92
C GLU A 23 3.53 -9.40 3.79
N LEU A 24 2.76 -8.48 3.25
CA LEU A 24 1.64 -7.91 3.97
C LEU A 24 0.33 -8.49 3.43
N SER A 25 -0.57 -8.79 4.34
CA SER A 25 -1.86 -9.35 3.97
C SER A 25 -2.89 -8.23 3.81
N VAL A 26 -3.37 -8.09 2.59
CA VAL A 26 -4.36 -7.07 2.28
C VAL A 26 -5.60 -7.72 1.66
N LEU A 27 -6.62 -6.91 1.45
CA LEU A 27 -7.85 -7.39 0.86
C LEU A 27 -8.23 -6.50 -0.33
N LYS A 28 -9.33 -6.85 -0.97
CA LYS A 28 -9.81 -6.10 -2.11
C LYS A 28 -10.52 -4.83 -1.62
N ASP A 29 -10.45 -3.79 -2.44
CA ASP A 29 -11.06 -2.52 -2.11
C ASP A 29 -10.46 -1.98 -0.81
N GLU A 30 -9.15 -2.17 -0.69
CA GLU A 30 -8.45 -1.71 0.50
C GLU A 30 -7.43 -0.63 0.12
N VAL A 31 -7.03 0.13 1.12
CA VAL A 31 -6.06 1.20 0.91
C VAL A 31 -4.95 1.09 1.96
N LEU A 32 -3.73 0.92 1.45
CA LEU A 32 -2.58 0.80 2.33
C LEU A 32 -1.70 2.05 2.19
N GLU A 33 -0.67 2.10 3.02
CA GLU A 33 0.25 3.23 3.00
C GLU A 33 1.57 2.83 2.33
N VAL A 34 1.76 3.36 1.14
CA VAL A 34 2.97 3.07 0.39
C VAL A 34 4.15 3.81 1.02
N LEU A 35 5.20 3.06 1.29
CA LEU A 35 6.39 3.62 1.90
C LEU A 35 7.53 3.62 0.87
N GLU A 36 7.66 2.50 0.17
CA GLU A 36 8.68 2.34 -0.84
C GLU A 36 8.08 1.87 -2.16
N ASP A 37 8.41 2.59 -3.22
CA ASP A 37 7.91 2.24 -4.54
C ASP A 37 9.04 2.39 -5.56
N GLY A 38 8.75 1.95 -6.77
CA GLY A 38 9.73 2.01 -7.85
C GLY A 38 10.45 0.68 -8.02
N ARG A 39 10.13 -0.25 -7.13
CA ARG A 39 10.74 -1.57 -7.17
C ARG A 39 9.71 -2.61 -7.57
N GLN A 40 10.21 -3.78 -7.97
CA GLN A 40 9.33 -4.86 -8.39
C GLN A 40 8.14 -4.98 -7.43
N TRP A 41 8.46 -5.08 -6.15
CA TRP A 41 7.43 -5.19 -5.13
C TRP A 41 7.48 -3.94 -4.25
N TRP A 42 6.31 -3.40 -3.96
CA TRP A 42 6.22 -2.20 -3.15
C TRP A 42 6.13 -2.65 -1.68
N LYS A 43 6.41 -1.70 -0.79
CA LYS A 43 6.38 -1.99 0.64
C LYS A 43 5.29 -1.13 1.29
N LEU A 44 4.15 -1.75 1.52
CA LEU A 44 3.03 -1.06 2.14
C LEU A 44 2.98 -1.40 3.63
N ARG A 45 2.19 -0.63 4.35
CA ARG A 45 2.05 -0.83 5.79
C ARG A 45 0.58 -0.75 6.19
N SER A 46 0.12 -1.80 6.86
CA SER A 46 -1.25 -1.87 7.31
C SER A 46 -1.45 -0.98 8.54
N ARG A 47 -2.71 -0.76 8.87
CA ARG A 47 -3.05 0.08 10.01
C ARG A 47 -2.65 -0.62 11.32
N SER A 48 -2.28 -1.90 11.18
CA SER A 48 -1.88 -2.69 12.32
C SER A 48 -0.41 -2.45 12.64
N GLY A 49 0.17 -1.47 11.95
CA GLY A 49 1.56 -1.13 12.14
C GLY A 49 2.48 -2.18 11.50
N GLN A 50 1.87 -3.02 10.68
CA GLN A 50 2.61 -4.07 9.99
C GLN A 50 3.06 -3.59 8.61
N ALA A 51 4.19 -4.10 8.17
CA ALA A 51 4.74 -3.73 6.88
C ALA A 51 5.22 -4.99 6.15
N GLY A 52 4.78 -5.11 4.91
CA GLY A 52 5.15 -6.26 4.10
C GLY A 52 5.19 -5.89 2.61
N TYR A 53 5.84 -6.75 1.84
CA TYR A 53 5.96 -6.53 0.41
C TYR A 53 4.85 -7.25 -0.36
N VAL A 54 4.47 -6.66 -1.48
CA VAL A 54 3.43 -7.24 -2.31
C VAL A 54 3.68 -6.86 -3.77
N PRO A 55 2.97 -7.59 -4.68
CA PRO A 55 3.11 -7.33 -6.11
C PRO A 55 2.36 -6.06 -6.51
N CYS A 56 2.92 -5.38 -7.50
CA CYS A 56 2.32 -4.14 -7.98
C CYS A 56 1.26 -4.51 -9.02
N ASN A 57 1.14 -5.79 -9.28
CA ASN A 57 0.17 -6.29 -10.25
C ASN A 57 -1.24 -6.14 -9.67
N ILE A 58 -1.29 -6.07 -8.34
CA ILE A 58 -2.57 -5.93 -7.66
C ILE A 58 -2.73 -4.49 -7.17
N LEU A 59 -1.60 -3.81 -7.05
CA LEU A 59 -1.60 -2.43 -6.60
C LEU A 59 -2.28 -1.56 -7.65
N GLY A 60 -2.56 -0.32 -7.27
CA GLY A 60 -3.22 0.62 -8.16
C GLY A 60 -3.18 2.03 -7.59
N GLU A 61 -3.21 3.00 -8.50
CA GLU A 61 -3.17 4.41 -8.10
C GLU A 61 -4.39 4.73 -7.23
N ALA A 62 -4.18 5.67 -6.31
CA ALA A 62 -5.24 6.09 -5.42
C ALA A 62 -5.43 7.60 -5.51
N SER A 63 -6.69 8.01 -5.64
CA SER A 63 -7.02 9.42 -5.75
C SER A 63 -7.34 9.99 -4.37
N GLY A 64 -8.23 9.29 -3.67
CA GLY A 64 -8.63 9.72 -2.34
C GLY A 64 -10.16 9.83 -2.24
N PRO A 65 -10.64 9.96 -0.97
CA PRO A 65 -12.07 10.07 -0.72
C PRO A 65 -12.58 11.47 -1.11
N SER A 66 -11.71 12.46 -0.90
CA SER A 66 -12.07 13.83 -1.22
C SER A 66 -11.83 14.10 -2.70
N SER A 67 -12.78 14.81 -3.30
CA SER A 67 -12.68 15.15 -4.71
C SER A 67 -12.54 13.87 -5.54
N GLY A 68 -13.68 13.24 -5.79
CA GLY A 68 -13.70 12.01 -6.57
C GLY A 68 -14.63 12.14 -7.78
N GLY A 1 5.34 23.26 11.45
CA GLY A 1 6.13 22.92 10.27
C GLY A 1 6.06 21.42 9.98
N SER A 2 5.92 21.11 8.70
CA SER A 2 5.85 19.72 8.27
C SER A 2 5.99 19.64 6.75
N SER A 3 6.27 18.43 6.28
CA SER A 3 6.44 18.20 4.85
C SER A 3 5.11 18.42 4.13
N GLY A 4 5.21 18.78 2.87
CA GLY A 4 4.03 19.01 2.05
C GLY A 4 3.66 17.77 1.23
N SER A 5 3.04 18.02 0.08
CA SER A 5 2.63 16.93 -0.79
C SER A 5 1.87 15.87 0.01
N SER A 6 0.56 15.98 -0.04
CA SER A 6 -0.29 15.03 0.67
C SER A 6 0.20 13.59 0.43
N GLY A 7 0.48 12.92 1.53
CA GLY A 7 0.96 11.54 1.46
C GLY A 7 0.26 10.78 0.33
N LYS A 8 0.96 9.79 -0.19
CA LYS A 8 0.43 8.98 -1.27
C LYS A 8 -0.04 7.63 -0.70
N TYR A 9 -0.94 6.99 -1.44
CA TYR A 9 -1.47 5.71 -1.02
C TYR A 9 -1.72 4.80 -2.23
N VAL A 10 -2.07 3.56 -1.93
CA VAL A 10 -2.32 2.59 -2.98
C VAL A 10 -3.64 1.85 -2.68
N LYS A 11 -4.38 1.58 -3.74
CA LYS A 11 -5.65 0.89 -3.60
C LYS A 11 -5.49 -0.57 -4.04
N ILE A 12 -5.82 -1.47 -3.14
CA ILE A 12 -5.72 -2.90 -3.42
C ILE A 12 -6.87 -3.31 -4.34
N LEU A 13 -6.49 -3.71 -5.55
CA LEU A 13 -7.47 -4.13 -6.53
C LEU A 13 -7.87 -5.58 -6.26
N TYR A 14 -6.93 -6.32 -5.68
CA TYR A 14 -7.17 -7.71 -5.36
C TYR A 14 -6.76 -8.03 -3.92
N ASP A 15 -7.54 -8.89 -3.29
CA ASP A 15 -7.26 -9.27 -1.91
C ASP A 15 -6.07 -10.22 -1.89
N PHE A 16 -4.96 -9.72 -1.34
CA PHE A 16 -3.74 -10.51 -1.25
C PHE A 16 -3.55 -11.06 0.16
N THR A 17 -2.97 -12.25 0.22
CA THR A 17 -2.72 -12.88 1.50
C THR A 17 -1.23 -13.16 1.69
N ALA A 18 -0.67 -12.53 2.71
CA ALA A 18 0.75 -12.69 2.99
C ALA A 18 1.09 -14.18 3.01
N ARG A 19 1.91 -14.56 2.03
CA ARG A 19 2.32 -15.95 1.91
C ARG A 19 3.73 -16.14 2.48
N ASN A 20 4.26 -15.05 3.03
CA ASN A 20 5.59 -15.08 3.60
C ASN A 20 5.69 -14.00 4.68
N ALA A 21 6.87 -13.92 5.28
CA ALA A 21 7.11 -12.94 6.33
C ALA A 21 7.35 -11.56 5.68
N ASN A 22 7.97 -11.60 4.51
CA ASN A 22 8.26 -10.37 3.78
C ASN A 22 7.08 -10.04 2.87
N GLU A 23 5.88 -10.20 3.41
CA GLU A 23 4.67 -9.91 2.65
C GLU A 23 3.57 -9.38 3.58
N LEU A 24 2.80 -8.45 3.06
CA LEU A 24 1.71 -7.86 3.82
C LEU A 24 0.38 -8.42 3.33
N SER A 25 -0.57 -8.51 4.26
CA SER A 25 -1.88 -9.02 3.93
C SER A 25 -2.88 -7.86 3.79
N VAL A 26 -3.51 -7.80 2.63
CA VAL A 26 -4.48 -6.75 2.37
C VAL A 26 -5.70 -7.36 1.69
N LEU A 27 -6.80 -6.62 1.74
CA LEU A 27 -8.04 -7.07 1.13
C LEU A 27 -8.33 -6.23 -0.12
N LYS A 28 -9.43 -6.57 -0.77
CA LYS A 28 -9.84 -5.85 -1.97
C LYS A 28 -10.60 -4.59 -1.57
N ASP A 29 -10.31 -3.51 -2.29
CA ASP A 29 -10.97 -2.24 -2.02
C ASP A 29 -10.35 -1.61 -0.78
N GLU A 30 -9.14 -2.03 -0.48
CA GLU A 30 -8.42 -1.52 0.68
C GLU A 30 -7.35 -0.51 0.25
N VAL A 31 -7.00 0.37 1.16
CA VAL A 31 -6.00 1.38 0.89
C VAL A 31 -4.91 1.32 1.97
N LEU A 32 -3.73 0.89 1.55
CA LEU A 32 -2.61 0.78 2.46
C LEU A 32 -1.69 1.98 2.27
N GLU A 33 -0.71 2.09 3.17
CA GLU A 33 0.24 3.19 3.11
C GLU A 33 1.52 2.74 2.39
N VAL A 34 1.75 3.34 1.24
CA VAL A 34 2.92 3.03 0.45
C VAL A 34 4.16 3.65 1.10
N LEU A 35 5.20 2.84 1.21
CA LEU A 35 6.45 3.30 1.81
C LEU A 35 7.55 3.27 0.76
N GLU A 36 7.66 2.14 0.09
CA GLU A 36 8.67 1.98 -0.95
C GLU A 36 8.02 1.74 -2.30
N ASP A 37 8.38 2.56 -3.27
CA ASP A 37 7.84 2.46 -4.61
C ASP A 37 8.97 2.53 -5.62
N GLY A 38 8.62 2.33 -6.89
CA GLY A 38 9.60 2.37 -7.96
C GLY A 38 10.45 1.10 -7.97
N ARG A 39 9.97 0.09 -7.24
CA ARG A 39 10.67 -1.17 -7.16
C ARG A 39 9.73 -2.33 -7.51
N GLN A 40 10.33 -3.49 -7.75
CA GLN A 40 9.55 -4.68 -8.08
C GLN A 40 8.27 -4.72 -7.26
N TRP A 41 8.43 -4.95 -5.96
CA TRP A 41 7.30 -5.03 -5.06
C TRP A 41 7.35 -3.81 -4.14
N TRP A 42 6.19 -3.21 -3.95
CA TRP A 42 6.08 -2.02 -3.10
C TRP A 42 5.97 -2.50 -1.64
N LYS A 43 6.33 -1.61 -0.74
CA LYS A 43 6.28 -1.93 0.69
C LYS A 43 5.19 -1.09 1.34
N LEU A 44 4.04 -1.72 1.55
CA LEU A 44 2.91 -1.04 2.17
C LEU A 44 2.92 -1.31 3.67
N ARG A 45 2.11 -0.54 4.38
CA ARG A 45 2.02 -0.69 5.82
C ARG A 45 0.60 -0.41 6.30
N SER A 46 0.10 -1.30 7.14
CA SER A 46 -1.25 -1.15 7.68
C SER A 46 -1.22 -0.37 8.99
N ARG A 47 -2.40 0.00 9.46
CA ARG A 47 -2.51 0.76 10.70
C ARG A 47 -2.13 -0.13 11.88
N SER A 48 -1.99 -1.41 11.61
CA SER A 48 -1.63 -2.36 12.65
C SER A 48 -0.13 -2.31 12.91
N GLY A 49 0.54 -1.41 12.20
CA GLY A 49 1.97 -1.24 12.34
C GLY A 49 2.73 -2.34 11.61
N GLN A 50 2.02 -3.00 10.71
CA GLN A 50 2.61 -4.08 9.92
C GLN A 50 3.11 -3.55 8.58
N ALA A 51 4.20 -4.14 8.12
CA ALA A 51 4.80 -3.74 6.86
C ALA A 51 5.28 -4.98 6.11
N GLY A 52 4.88 -5.08 4.85
CA GLY A 52 5.26 -6.20 4.02
C GLY A 52 5.32 -5.80 2.55
N TYR A 53 5.90 -6.69 1.76
CA TYR A 53 6.04 -6.45 0.33
C TYR A 53 4.99 -7.22 -0.47
N VAL A 54 4.44 -6.54 -1.48
CA VAL A 54 3.42 -7.16 -2.32
C VAL A 54 3.70 -6.80 -3.77
N PRO A 55 3.03 -7.56 -4.69
CA PRO A 55 3.19 -7.33 -6.11
C PRO A 55 2.45 -6.07 -6.56
N CYS A 56 3.01 -5.41 -7.55
CA CYS A 56 2.41 -4.19 -8.08
C CYS A 56 1.38 -4.58 -9.13
N ASN A 57 1.16 -5.89 -9.25
CA ASN A 57 0.21 -6.40 -10.21
C ASN A 57 -1.22 -6.21 -9.67
N ILE A 58 -1.31 -6.17 -8.34
CA ILE A 58 -2.59 -5.99 -7.69
C ILE A 58 -2.72 -4.55 -7.22
N LEU A 59 -1.58 -3.90 -7.05
CA LEU A 59 -1.55 -2.52 -6.61
C LEU A 59 -2.20 -1.63 -7.68
N GLY A 60 -2.55 -0.43 -7.27
CA GLY A 60 -3.18 0.52 -8.17
C GLY A 60 -3.25 1.92 -7.54
N GLU A 61 -3.42 2.91 -8.40
CA GLU A 61 -3.50 4.29 -7.95
C GLU A 61 -4.74 4.49 -7.07
N ALA A 62 -4.52 5.14 -5.94
CA ALA A 62 -5.60 5.40 -5.02
C ALA A 62 -6.21 6.77 -5.31
N SER A 63 -7.51 6.77 -5.55
CA SER A 63 -8.22 8.00 -5.85
C SER A 63 -9.62 7.98 -5.22
N GLY A 64 -9.65 8.31 -3.94
CA GLY A 64 -10.91 8.32 -3.21
C GLY A 64 -11.70 9.61 -3.49
N PRO A 65 -13.02 9.56 -3.18
CA PRO A 65 -13.88 10.70 -3.40
C PRO A 65 -13.63 11.78 -2.34
N SER A 66 -13.40 12.99 -2.82
CA SER A 66 -13.15 14.12 -1.92
C SER A 66 -11.92 13.82 -1.05
N SER A 67 -11.41 14.88 -0.44
CA SER A 67 -10.25 14.76 0.42
C SER A 67 -9.07 14.19 -0.38
N GLY A 68 -8.07 15.05 -0.58
CA GLY A 68 -6.88 14.64 -1.32
C GLY A 68 -5.89 15.79 -1.42
N GLY A 1 9.23 19.87 9.75
CA GLY A 1 10.08 18.88 9.10
C GLY A 1 11.18 19.55 8.29
N SER A 2 11.81 18.75 7.44
CA SER A 2 12.90 19.24 6.61
C SER A 2 12.72 18.74 5.17
N SER A 3 11.84 19.42 4.45
CA SER A 3 11.57 19.05 3.07
C SER A 3 11.54 17.53 2.92
N GLY A 4 10.35 16.98 3.13
CA GLY A 4 10.17 15.55 3.02
C GLY A 4 8.78 15.13 3.51
N SER A 5 7.77 15.59 2.79
CA SER A 5 6.40 15.28 3.13
C SER A 5 5.62 14.85 1.88
N SER A 6 5.09 13.64 1.93
CA SER A 6 4.33 13.11 0.81
C SER A 6 3.62 11.83 1.23
N GLY A 7 2.40 11.99 1.73
CA GLY A 7 1.61 10.86 2.16
C GLY A 7 0.79 10.28 1.02
N LYS A 8 1.33 9.24 0.40
CA LYS A 8 0.67 8.59 -0.71
C LYS A 8 0.05 7.28 -0.24
N TYR A 9 -0.86 6.76 -1.05
CA TYR A 9 -1.53 5.51 -0.74
C TYR A 9 -1.83 4.71 -2.00
N VAL A 10 -2.22 3.46 -1.79
CA VAL A 10 -2.53 2.57 -2.89
C VAL A 10 -3.80 1.77 -2.56
N LYS A 11 -4.63 1.60 -3.58
CA LYS A 11 -5.87 0.86 -3.40
C LYS A 11 -5.68 -0.57 -3.92
N ILE A 12 -5.95 -1.52 -3.04
CA ILE A 12 -5.81 -2.93 -3.39
C ILE A 12 -6.91 -3.31 -4.38
N LEU A 13 -6.50 -3.53 -5.61
CA LEU A 13 -7.44 -3.91 -6.66
C LEU A 13 -7.84 -5.37 -6.47
N TYR A 14 -6.98 -6.12 -5.81
CA TYR A 14 -7.24 -7.53 -5.56
C TYR A 14 -6.72 -7.94 -4.18
N ASP A 15 -7.51 -8.75 -3.51
CA ASP A 15 -7.15 -9.22 -2.18
C ASP A 15 -5.92 -10.13 -2.29
N PHE A 16 -5.00 -9.95 -1.35
CA PHE A 16 -3.78 -10.74 -1.32
C PHE A 16 -3.53 -11.31 0.07
N THR A 17 -3.27 -12.61 0.11
CA THR A 17 -3.00 -13.28 1.38
C THR A 17 -1.49 -13.48 1.55
N ALA A 18 -0.91 -12.65 2.41
CA ALA A 18 0.52 -12.75 2.67
C ALA A 18 0.89 -14.20 3.00
N ARG A 19 1.67 -14.77 2.11
CA ARG A 19 2.11 -16.15 2.28
C ARG A 19 3.13 -16.25 3.42
N ASN A 20 3.87 -15.16 3.59
CA ASN A 20 4.88 -15.11 4.64
C ASN A 20 4.81 -13.76 5.35
N ALA A 21 5.70 -13.58 6.30
CA ALA A 21 5.75 -12.35 7.07
C ALA A 21 6.20 -11.20 6.15
N ASN A 22 7.25 -11.47 5.39
CA ASN A 22 7.78 -10.48 4.47
C ASN A 22 6.64 -9.89 3.64
N GLU A 23 5.64 -10.72 3.40
CA GLU A 23 4.48 -10.30 2.62
C GLU A 23 3.39 -9.75 3.55
N LEU A 24 2.67 -8.77 3.03
CA LEU A 24 1.60 -8.15 3.80
C LEU A 24 0.25 -8.69 3.31
N SER A 25 -0.65 -8.88 4.27
CA SER A 25 -1.97 -9.40 3.96
C SER A 25 -2.97 -8.24 3.85
N VAL A 26 -3.49 -8.06 2.64
CA VAL A 26 -4.45 -7.01 2.39
C VAL A 26 -5.64 -7.57 1.63
N LEU A 27 -6.74 -6.82 1.67
CA LEU A 27 -7.95 -7.25 0.99
C LEU A 27 -8.17 -6.37 -0.24
N LYS A 28 -9.24 -6.66 -0.96
CA LYS A 28 -9.59 -5.91 -2.16
C LYS A 28 -10.39 -4.67 -1.77
N ASP A 29 -10.11 -3.58 -2.45
CA ASP A 29 -10.81 -2.33 -2.19
C ASP A 29 -10.14 -1.62 -1.00
N GLU A 30 -9.20 -2.32 -0.39
CA GLU A 30 -8.49 -1.78 0.75
C GLU A 30 -7.58 -0.63 0.31
N VAL A 31 -7.08 0.11 1.29
CA VAL A 31 -6.20 1.23 1.02
C VAL A 31 -5.01 1.18 1.97
N LEU A 32 -3.84 0.94 1.41
CA LEU A 32 -2.62 0.87 2.20
C LEU A 32 -1.76 2.11 1.92
N GLU A 33 -0.72 2.26 2.71
CA GLU A 33 0.19 3.38 2.56
C GLU A 33 1.51 2.92 1.96
N VAL A 34 1.95 3.67 0.95
CA VAL A 34 3.20 3.36 0.28
C VAL A 34 4.35 4.11 0.96
N LEU A 35 5.40 3.37 1.26
CA LEU A 35 6.57 3.95 1.91
C LEU A 35 7.78 3.84 0.98
N GLU A 36 7.93 2.67 0.38
CA GLU A 36 9.03 2.42 -0.54
C GLU A 36 8.49 2.00 -1.90
N ASP A 37 8.90 2.75 -2.92
CA ASP A 37 8.47 2.45 -4.27
C ASP A 37 9.69 2.41 -5.19
N GLY A 38 9.43 2.11 -6.45
CA GLY A 38 10.51 2.03 -7.44
C GLY A 38 11.18 0.66 -7.39
N ARG A 39 10.51 -0.28 -6.75
CA ARG A 39 11.04 -1.64 -6.62
C ARG A 39 10.00 -2.65 -7.10
N GLN A 40 10.49 -3.84 -7.44
CA GLN A 40 9.63 -4.90 -7.92
C GLN A 40 8.33 -4.94 -7.10
N TRP A 41 8.49 -5.21 -5.81
CA TRP A 41 7.35 -5.27 -4.91
C TRP A 41 7.36 -4.02 -4.03
N TRP A 42 6.20 -3.40 -3.92
CA TRP A 42 6.07 -2.19 -3.13
C TRP A 42 5.93 -2.62 -1.66
N LYS A 43 6.43 -1.76 -0.78
CA LYS A 43 6.37 -2.03 0.65
C LYS A 43 5.28 -1.16 1.28
N LEU A 44 4.13 -1.76 1.50
CA LEU A 44 3.01 -1.06 2.09
C LEU A 44 2.98 -1.33 3.60
N ARG A 45 2.17 -0.54 4.29
CA ARG A 45 2.04 -0.69 5.73
C ARG A 45 0.62 -0.34 6.18
N SER A 46 -0.01 -1.31 6.81
CA SER A 46 -1.37 -1.13 7.29
C SER A 46 -1.38 -0.25 8.55
N ARG A 47 -2.57 0.16 8.95
CA ARG A 47 -2.71 0.99 10.13
C ARG A 47 -2.38 0.20 11.39
N SER A 48 -2.27 -1.11 11.21
CA SER A 48 -1.96 -1.99 12.33
C SER A 48 -0.48 -1.85 12.71
N GLY A 49 0.30 -1.40 11.73
CA GLY A 49 1.73 -1.22 11.94
C GLY A 49 2.53 -2.30 11.22
N GLN A 50 1.81 -3.17 10.52
CA GLN A 50 2.44 -4.24 9.79
C GLN A 50 2.97 -3.73 8.45
N ALA A 51 4.09 -4.30 8.03
CA ALA A 51 4.70 -3.91 6.77
C ALA A 51 5.20 -5.16 6.04
N GLY A 52 4.83 -5.26 4.77
CA GLY A 52 5.23 -6.40 3.97
C GLY A 52 5.35 -6.01 2.50
N TYR A 53 5.87 -6.95 1.71
CA TYR A 53 6.03 -6.71 0.28
C TYR A 53 4.95 -7.42 -0.52
N VAL A 54 4.37 -6.68 -1.45
CA VAL A 54 3.31 -7.23 -2.29
C VAL A 54 3.58 -6.84 -3.75
N PRO A 55 2.91 -7.58 -4.67
CA PRO A 55 3.07 -7.32 -6.10
C PRO A 55 2.32 -6.05 -6.52
N CYS A 56 2.94 -5.34 -7.45
CA CYS A 56 2.34 -4.10 -7.95
C CYS A 56 1.30 -4.46 -9.02
N ASN A 57 1.16 -5.76 -9.24
CA ASN A 57 0.21 -6.25 -10.23
C ASN A 57 -1.21 -6.08 -9.70
N ILE A 58 -1.29 -5.89 -8.39
CA ILE A 58 -2.58 -5.72 -7.73
C ILE A 58 -2.68 -4.28 -7.21
N LEU A 59 -1.55 -3.61 -7.20
CA LEU A 59 -1.50 -2.23 -6.73
C LEU A 59 -2.14 -1.31 -7.77
N GLY A 60 -2.70 -0.21 -7.29
CA GLY A 60 -3.34 0.75 -8.17
C GLY A 60 -2.97 2.18 -7.76
N GLU A 61 -3.92 3.09 -8.01
CA GLU A 61 -3.72 4.49 -7.68
C GLU A 61 -4.77 4.95 -6.67
N ALA A 62 -4.32 5.78 -5.74
CA ALA A 62 -5.22 6.30 -4.71
C ALA A 62 -5.19 7.84 -4.77
N SER A 63 -6.38 8.41 -4.85
CA SER A 63 -6.52 9.85 -4.91
C SER A 63 -6.96 10.39 -3.55
N GLY A 64 -6.35 11.49 -3.15
CA GLY A 64 -6.67 12.11 -1.88
C GLY A 64 -7.33 13.49 -2.08
N PRO A 65 -7.44 14.24 -0.96
CA PRO A 65 -8.05 15.57 -1.01
C PRO A 65 -7.11 16.58 -1.66
N SER A 66 -7.71 17.52 -2.38
CA SER A 66 -6.94 18.55 -3.05
C SER A 66 -7.84 19.76 -3.35
N SER A 67 -7.19 20.89 -3.61
CA SER A 67 -7.91 22.11 -3.91
C SER A 67 -8.73 21.93 -5.18
N GLY A 68 -10.03 22.20 -5.07
CA GLY A 68 -10.92 22.08 -6.20
C GLY A 68 -12.11 21.17 -5.88
N GLY A 1 -4.76 20.12 8.89
CA GLY A 1 -3.99 21.14 9.57
C GLY A 1 -3.02 21.83 8.59
N SER A 2 -1.74 21.53 8.79
CA SER A 2 -0.71 22.12 7.94
C SER A 2 -0.55 21.28 6.67
N SER A 3 -0.21 21.97 5.59
CA SER A 3 -0.02 21.30 4.31
C SER A 3 1.46 21.29 3.93
N GLY A 4 2.19 20.38 4.56
CA GLY A 4 3.62 20.26 4.31
C GLY A 4 3.90 19.15 3.29
N SER A 5 3.82 17.92 3.77
CA SER A 5 4.06 16.78 2.90
C SER A 5 2.74 16.13 2.51
N SER A 6 2.70 15.60 1.29
CA SER A 6 1.51 14.94 0.79
C SER A 6 1.72 13.43 0.76
N GLY A 7 1.06 12.75 1.70
CA GLY A 7 1.17 11.31 1.79
C GLY A 7 0.56 10.64 0.56
N LYS A 8 1.08 9.46 0.24
CA LYS A 8 0.59 8.71 -0.90
C LYS A 8 0.11 7.34 -0.43
N TYR A 9 -0.80 6.77 -1.22
CA TYR A 9 -1.34 5.46 -0.90
C TYR A 9 -1.64 4.65 -2.18
N VAL A 10 -2.07 3.42 -1.97
CA VAL A 10 -2.39 2.55 -3.10
C VAL A 10 -3.71 1.83 -2.81
N LYS A 11 -4.49 1.68 -3.87
CA LYS A 11 -5.78 1.02 -3.75
C LYS A 11 -5.66 -0.42 -4.27
N ILE A 12 -5.84 -1.36 -3.35
CA ILE A 12 -5.75 -2.77 -3.70
C ILE A 12 -6.88 -3.13 -4.67
N LEU A 13 -6.53 -3.95 -5.64
CA LEU A 13 -7.50 -4.38 -6.65
C LEU A 13 -7.86 -5.84 -6.41
N TYR A 14 -6.97 -6.53 -5.71
CA TYR A 14 -7.17 -7.94 -5.42
C TYR A 14 -6.72 -8.26 -3.99
N ASP A 15 -7.54 -9.07 -3.31
CA ASP A 15 -7.24 -9.47 -1.95
C ASP A 15 -6.05 -10.44 -1.96
N PHE A 16 -4.95 -9.99 -1.38
CA PHE A 16 -3.75 -10.79 -1.30
C PHE A 16 -3.54 -11.34 0.11
N THR A 17 -3.00 -12.55 0.17
CA THR A 17 -2.73 -13.20 1.44
C THR A 17 -1.24 -13.45 1.61
N ALA A 18 -0.60 -12.57 2.36
CA ALA A 18 0.83 -12.69 2.61
C ALA A 18 1.17 -14.17 2.85
N ARG A 19 1.95 -14.71 1.94
CA ARG A 19 2.37 -16.10 2.04
C ARG A 19 3.74 -16.21 2.70
N ASN A 20 4.41 -15.06 2.79
CA ASN A 20 5.73 -15.01 3.40
C ASN A 20 5.70 -14.01 4.56
N ALA A 21 6.83 -13.95 5.26
CA ALA A 21 6.95 -13.03 6.39
C ALA A 21 7.26 -11.63 5.88
N ASN A 22 7.90 -11.58 4.72
CA ASN A 22 8.25 -10.31 4.11
C ASN A 22 7.14 -9.87 3.15
N GLU A 23 5.91 -10.11 3.57
CA GLU A 23 4.75 -9.75 2.77
C GLU A 23 3.62 -9.24 3.66
N LEU A 24 2.75 -8.44 3.06
CA LEU A 24 1.62 -7.89 3.78
C LEU A 24 0.32 -8.41 3.16
N SER A 25 -0.66 -8.64 4.03
CA SER A 25 -1.95 -9.14 3.59
C SER A 25 -2.94 -7.98 3.47
N VAL A 26 -3.48 -7.83 2.27
CA VAL A 26 -4.44 -6.77 2.01
C VAL A 26 -5.64 -7.35 1.25
N LEU A 27 -6.80 -6.76 1.49
CA LEU A 27 -8.01 -7.20 0.84
C LEU A 27 -8.23 -6.37 -0.43
N LYS A 28 -9.31 -6.69 -1.14
CA LYS A 28 -9.65 -5.97 -2.36
C LYS A 28 -10.41 -4.70 -2.00
N ASP A 29 -10.06 -3.63 -2.69
CA ASP A 29 -10.71 -2.35 -2.45
C ASP A 29 -10.16 -1.72 -1.17
N GLU A 30 -9.00 -2.22 -0.76
CA GLU A 30 -8.36 -1.72 0.44
C GLU A 30 -7.29 -0.68 0.07
N VAL A 31 -6.87 0.08 1.08
CA VAL A 31 -5.87 1.11 0.88
C VAL A 31 -4.82 1.00 1.99
N LEU A 32 -3.57 0.91 1.55
CA LEU A 32 -2.46 0.80 2.50
C LEU A 32 -1.57 2.03 2.36
N GLU A 33 -0.54 2.07 3.20
CA GLU A 33 0.39 3.18 3.20
C GLU A 33 1.67 2.80 2.45
N VAL A 34 1.86 3.43 1.30
CA VAL A 34 3.04 3.17 0.48
C VAL A 34 4.25 3.85 1.11
N LEU A 35 5.30 3.06 1.33
CA LEU A 35 6.51 3.57 1.93
C LEU A 35 7.64 3.50 0.89
N GLU A 36 7.65 2.41 0.15
CA GLU A 36 8.66 2.20 -0.88
C GLU A 36 8.01 1.84 -2.21
N ASP A 37 8.33 2.61 -3.23
CA ASP A 37 7.79 2.37 -4.56
C ASP A 37 8.90 2.50 -5.60
N GLY A 38 8.56 2.17 -6.84
CA GLY A 38 9.51 2.26 -7.92
C GLY A 38 10.27 0.93 -8.09
N ARG A 39 10.10 0.06 -7.11
CA ARG A 39 10.75 -1.23 -7.13
C ARG A 39 9.75 -2.32 -7.50
N GLN A 40 10.28 -3.50 -7.83
CA GLN A 40 9.44 -4.63 -8.21
C GLN A 40 8.19 -4.66 -7.33
N TRP A 41 8.37 -5.03 -6.08
CA TRP A 41 7.27 -5.11 -5.15
C TRP A 41 7.33 -3.88 -4.24
N TRP A 42 6.16 -3.30 -4.01
CA TRP A 42 6.06 -2.13 -3.16
C TRP A 42 5.98 -2.59 -1.70
N LYS A 43 6.26 -1.66 -0.80
CA LYS A 43 6.22 -1.97 0.62
C LYS A 43 5.16 -1.10 1.29
N LEU A 44 4.00 -1.72 1.52
CA LEU A 44 2.89 -1.02 2.16
C LEU A 44 2.89 -1.34 3.64
N ARG A 45 2.11 -0.57 4.38
CA ARG A 45 2.00 -0.75 5.82
C ARG A 45 0.54 -0.70 6.26
N SER A 46 0.10 -1.80 6.86
CA SER A 46 -1.27 -1.91 7.32
C SER A 46 -1.49 -0.95 8.50
N ARG A 47 -2.76 -0.71 8.79
CA ARG A 47 -3.13 0.17 9.88
C ARG A 47 -2.77 -0.45 11.22
N SER A 48 -2.54 -1.76 11.18
CA SER A 48 -2.18 -2.49 12.39
C SER A 48 -0.75 -2.16 12.80
N GLY A 49 0.02 -1.67 11.84
CA GLY A 49 1.41 -1.30 12.08
C GLY A 49 2.35 -2.33 11.46
N GLN A 50 1.80 -3.16 10.59
CA GLN A 50 2.59 -4.17 9.92
C GLN A 50 2.97 -3.72 8.51
N ALA A 51 4.22 -3.99 8.16
CA ALA A 51 4.73 -3.61 6.85
C ALA A 51 5.22 -4.86 6.12
N GLY A 52 4.78 -5.00 4.88
CA GLY A 52 5.17 -6.14 4.08
C GLY A 52 5.18 -5.77 2.58
N TYR A 53 5.85 -6.62 1.80
CA TYR A 53 5.94 -6.39 0.37
C TYR A 53 4.84 -7.15 -0.37
N VAL A 54 4.45 -6.60 -1.51
CA VAL A 54 3.41 -7.20 -2.33
C VAL A 54 3.65 -6.84 -3.80
N PRO A 55 2.97 -7.61 -4.69
CA PRO A 55 3.08 -7.37 -6.11
C PRO A 55 2.31 -6.12 -6.54
N CYS A 56 2.85 -5.44 -7.54
CA CYS A 56 2.21 -4.23 -8.05
C CYS A 56 1.16 -4.63 -9.07
N ASN A 57 1.00 -5.94 -9.23
CA ASN A 57 0.02 -6.47 -10.17
C ASN A 57 -1.39 -6.29 -9.59
N ILE A 58 -1.43 -6.09 -8.28
CA ILE A 58 -2.69 -5.91 -7.60
C ILE A 58 -2.81 -4.45 -7.14
N LEU A 59 -1.67 -3.78 -7.12
CA LEU A 59 -1.64 -2.38 -6.72
C LEU A 59 -2.27 -1.52 -7.81
N GLY A 60 -2.75 -0.35 -7.39
CA GLY A 60 -3.38 0.57 -8.32
C GLY A 60 -3.08 2.02 -7.95
N GLU A 61 -3.98 2.90 -8.33
CA GLU A 61 -3.82 4.32 -8.04
C GLU A 61 -4.83 4.77 -6.98
N ALA A 62 -4.36 5.63 -6.09
CA ALA A 62 -5.20 6.14 -5.03
C ALA A 62 -5.44 7.64 -5.25
N SER A 63 -6.65 8.07 -4.91
CA SER A 63 -7.02 9.46 -5.06
C SER A 63 -7.16 10.13 -3.70
N GLY A 64 -7.98 9.50 -2.86
CA GLY A 64 -8.21 10.02 -1.51
C GLY A 64 -9.21 9.14 -0.75
N PRO A 65 -9.35 9.45 0.57
CA PRO A 65 -10.26 8.70 1.41
C PRO A 65 -11.72 9.08 1.13
N SER A 66 -12.13 8.86 -0.11
CA SER A 66 -13.48 9.17 -0.52
C SER A 66 -13.69 10.68 -0.49
N SER A 67 -13.45 11.32 -1.63
CA SER A 67 -13.62 12.75 -1.74
C SER A 67 -13.80 13.15 -3.21
N GLY A 68 -15.06 13.29 -3.60
CA GLY A 68 -15.38 13.66 -4.97
C GLY A 68 -16.64 14.53 -5.02
N GLY A 1 -1.16 17.73 18.25
CA GLY A 1 -0.10 17.17 17.43
C GLY A 1 -0.16 17.73 16.01
N SER A 2 0.48 17.01 15.10
CA SER A 2 0.51 17.42 13.70
C SER A 2 -0.90 17.29 13.10
N SER A 3 -1.43 16.08 13.16
CA SER A 3 -2.76 15.82 12.63
C SER A 3 -2.76 16.04 11.11
N GLY A 4 -3.14 14.99 10.40
CA GLY A 4 -3.20 15.04 8.94
C GLY A 4 -1.80 14.86 8.34
N SER A 5 -1.71 13.89 7.43
CA SER A 5 -0.45 13.61 6.77
C SER A 5 -0.67 13.43 5.27
N SER A 6 -0.06 14.32 4.50
CA SER A 6 -0.18 14.28 3.06
C SER A 6 0.90 13.39 2.47
N GLY A 7 0.46 12.25 1.95
CA GLY A 7 1.38 11.29 1.34
C GLY A 7 0.71 10.52 0.21
N LYS A 8 1.38 9.47 -0.23
CA LYS A 8 0.87 8.65 -1.31
C LYS A 8 0.27 7.37 -0.72
N TYR A 9 -0.75 6.86 -1.40
CA TYR A 9 -1.42 5.65 -0.96
C TYR A 9 -1.80 4.76 -2.15
N VAL A 10 -1.98 3.49 -1.86
CA VAL A 10 -2.35 2.54 -2.90
C VAL A 10 -3.67 1.86 -2.51
N LYS A 11 -4.51 1.66 -3.52
CA LYS A 11 -5.80 1.03 -3.30
C LYS A 11 -5.76 -0.40 -3.83
N ILE A 12 -5.66 -1.34 -2.89
CA ILE A 12 -5.61 -2.75 -3.26
C ILE A 12 -6.67 -3.03 -4.32
N LEU A 13 -6.31 -3.92 -5.23
CA LEU A 13 -7.20 -4.30 -6.31
C LEU A 13 -7.72 -5.72 -6.07
N TYR A 14 -6.82 -6.57 -5.59
CA TYR A 14 -7.16 -7.95 -5.32
C TYR A 14 -6.76 -8.34 -3.90
N ASP A 15 -7.65 -9.09 -3.25
CA ASP A 15 -7.40 -9.54 -1.90
C ASP A 15 -6.17 -10.44 -1.87
N PHE A 16 -5.10 -9.91 -1.32
CA PHE A 16 -3.84 -10.65 -1.23
C PHE A 16 -3.56 -11.07 0.21
N THR A 17 -3.14 -12.32 0.36
CA THR A 17 -2.82 -12.86 1.68
C THR A 17 -1.32 -13.12 1.80
N ALA A 18 -0.74 -12.58 2.86
CA ALA A 18 0.69 -12.76 3.10
C ALA A 18 1.00 -14.25 3.21
N ARG A 19 1.76 -14.73 2.23
CA ARG A 19 2.13 -16.13 2.21
C ARG A 19 3.60 -16.30 2.64
N ASN A 20 4.16 -15.21 3.15
CA ASN A 20 5.54 -15.22 3.59
C ASN A 20 5.74 -14.13 4.64
N ALA A 21 6.95 -14.09 5.19
CA ALA A 21 7.27 -13.10 6.21
C ALA A 21 7.43 -11.73 5.54
N ASN A 22 7.99 -11.75 4.35
CA ASN A 22 8.20 -10.51 3.61
C ASN A 22 6.97 -10.24 2.74
N GLU A 23 5.81 -10.38 3.35
CA GLU A 23 4.55 -10.14 2.65
C GLU A 23 3.51 -9.57 3.60
N LEU A 24 2.64 -8.73 3.05
CA LEU A 24 1.60 -8.10 3.84
C LEU A 24 0.25 -8.68 3.44
N SER A 25 -0.67 -8.69 4.40
CA SER A 25 -2.00 -9.21 4.17
C SER A 25 -3.01 -8.07 4.05
N VAL A 26 -3.57 -7.94 2.85
CA VAL A 26 -4.54 -6.90 2.60
C VAL A 26 -5.80 -7.51 1.97
N LEU A 27 -6.79 -6.66 1.76
CA LEU A 27 -8.05 -7.12 1.17
C LEU A 27 -8.38 -6.23 -0.04
N LYS A 28 -9.50 -6.55 -0.67
CA LYS A 28 -9.95 -5.80 -1.83
C LYS A 28 -10.68 -4.54 -1.37
N ASP A 29 -10.47 -3.47 -2.12
CA ASP A 29 -11.09 -2.20 -1.80
C ASP A 29 -10.44 -1.61 -0.56
N GLU A 30 -9.19 -1.98 -0.35
CA GLU A 30 -8.45 -1.51 0.80
C GLU A 30 -7.39 -0.49 0.37
N VAL A 31 -6.91 0.28 1.35
CA VAL A 31 -5.90 1.29 1.08
C VAL A 31 -4.81 1.21 2.14
N LEU A 32 -3.61 0.91 1.68
CA LEU A 32 -2.46 0.80 2.58
C LEU A 32 -1.53 1.99 2.37
N GLU A 33 -0.55 2.10 3.25
CA GLU A 33 0.41 3.19 3.17
C GLU A 33 1.64 2.74 2.37
N VAL A 34 1.82 3.38 1.22
CA VAL A 34 2.95 3.07 0.36
C VAL A 34 4.19 3.82 0.84
N LEU A 35 5.20 3.06 1.21
CA LEU A 35 6.44 3.64 1.70
C LEU A 35 7.52 3.53 0.62
N GLU A 36 7.62 2.34 0.04
CA GLU A 36 8.60 2.10 -1.00
C GLU A 36 7.89 1.89 -2.35
N ASP A 37 8.43 2.53 -3.37
CA ASP A 37 7.86 2.43 -4.69
C ASP A 37 8.99 2.49 -5.74
N GLY A 38 8.60 2.33 -6.99
CA GLY A 38 9.56 2.37 -8.08
C GLY A 38 10.49 1.15 -8.02
N ARG A 39 10.07 0.15 -7.29
CA ARG A 39 10.85 -1.08 -7.15
C ARG A 39 10.00 -2.30 -7.47
N GLN A 40 10.67 -3.42 -7.65
CA GLN A 40 9.99 -4.66 -7.97
C GLN A 40 8.68 -4.76 -7.18
N TRP A 41 8.82 -5.06 -5.90
CA TRP A 41 7.67 -5.18 -5.03
C TRP A 41 7.59 -3.93 -4.14
N TRP A 42 6.38 -3.43 -3.97
CA TRP A 42 6.17 -2.25 -3.16
C TRP A 42 6.06 -2.70 -1.70
N LYS A 43 6.26 -1.74 -0.81
CA LYS A 43 6.19 -2.02 0.62
C LYS A 43 5.08 -1.17 1.25
N LEU A 44 3.94 -1.80 1.46
CA LEU A 44 2.80 -1.12 2.05
C LEU A 44 2.80 -1.35 3.56
N ARG A 45 1.98 -0.57 4.25
CA ARG A 45 1.88 -0.68 5.70
C ARG A 45 0.43 -0.45 6.14
N SER A 46 -0.07 -1.42 6.89
CA SER A 46 -1.43 -1.34 7.39
C SER A 46 -1.47 -0.53 8.68
N ARG A 47 -2.68 -0.17 9.07
CA ARG A 47 -2.88 0.62 10.28
C ARG A 47 -2.49 -0.21 11.52
N SER A 48 -2.33 -1.51 11.29
CA SER A 48 -1.96 -2.41 12.37
C SER A 48 -0.49 -2.24 12.72
N GLY A 49 0.16 -1.36 11.97
CA GLY A 49 1.57 -1.10 12.21
C GLY A 49 2.45 -2.10 11.45
N GLN A 50 1.79 -3.01 10.77
CA GLN A 50 2.49 -4.04 10.01
C GLN A 50 2.78 -3.54 8.59
N ALA A 51 3.89 -4.03 8.04
CA ALA A 51 4.30 -3.63 6.71
C ALA A 51 4.98 -4.82 6.03
N GLY A 52 4.53 -5.10 4.81
CA GLY A 52 5.09 -6.21 4.04
C GLY A 52 5.19 -5.84 2.56
N TYR A 53 5.86 -6.71 1.82
CA TYR A 53 6.03 -6.49 0.39
C TYR A 53 4.98 -7.25 -0.41
N VAL A 54 4.58 -6.64 -1.52
CA VAL A 54 3.58 -7.24 -2.39
C VAL A 54 3.83 -6.80 -3.83
N PRO A 55 3.18 -7.54 -4.78
CA PRO A 55 3.32 -7.24 -6.19
C PRO A 55 2.53 -6.00 -6.57
N CYS A 56 3.10 -5.22 -7.48
CA CYS A 56 2.45 -4.00 -7.94
C CYS A 56 1.40 -4.38 -8.97
N ASN A 57 1.32 -5.67 -9.24
CA ASN A 57 0.35 -6.17 -10.22
C ASN A 57 -1.06 -6.01 -9.64
N ILE A 58 -1.15 -6.15 -8.34
CA ILE A 58 -2.44 -6.02 -7.67
C ILE A 58 -2.62 -4.57 -7.20
N LEU A 59 -1.49 -3.89 -7.06
CA LEU A 59 -1.51 -2.50 -6.62
C LEU A 59 -2.02 -1.61 -7.75
N GLY A 60 -2.49 -0.44 -7.38
CA GLY A 60 -3.01 0.52 -8.35
C GLY A 60 -2.90 1.95 -7.83
N GLU A 61 -2.71 2.87 -8.76
CA GLU A 61 -2.59 4.28 -8.41
C GLU A 61 -3.88 4.76 -7.74
N ALA A 62 -3.71 5.38 -6.57
CA ALA A 62 -4.84 5.90 -5.83
C ALA A 62 -4.95 7.40 -6.06
N SER A 63 -6.15 7.93 -5.80
CA SER A 63 -6.40 9.34 -5.97
C SER A 63 -5.24 10.15 -5.40
N GLY A 64 -4.66 10.98 -6.25
CA GLY A 64 -3.54 11.81 -5.85
C GLY A 64 -3.17 12.81 -6.95
N PRO A 65 -2.13 13.63 -6.66
CA PRO A 65 -1.67 14.63 -7.61
C PRO A 65 -0.87 13.97 -8.74
N SER A 66 -0.16 12.91 -8.39
CA SER A 66 0.65 12.19 -9.37
C SER A 66 1.70 13.11 -9.96
N SER A 67 1.34 13.75 -11.06
CA SER A 67 2.25 14.66 -11.74
C SER A 67 1.81 16.11 -11.51
N GLY A 68 2.45 16.73 -10.52
CA GLY A 68 2.15 18.10 -10.18
C GLY A 68 2.20 19.00 -11.42
N GLY A 1 2.42 12.55 11.68
CA GLY A 1 2.57 13.45 10.56
C GLY A 1 3.89 14.22 10.62
N SER A 2 4.91 13.62 10.02
CA SER A 2 6.23 14.23 10.00
C SER A 2 6.99 13.80 8.75
N SER A 3 7.69 14.76 8.15
CA SER A 3 8.46 14.48 6.95
C SER A 3 7.55 13.93 5.86
N GLY A 4 6.99 14.86 5.08
CA GLY A 4 6.11 14.46 3.99
C GLY A 4 4.76 15.19 4.11
N SER A 5 4.25 15.61 2.96
CA SER A 5 2.98 16.31 2.93
C SER A 5 1.85 15.34 2.54
N SER A 6 1.13 14.87 3.55
CA SER A 6 0.04 13.95 3.34
C SER A 6 0.59 12.56 3.00
N GLY A 7 1.23 12.48 1.83
CA GLY A 7 1.80 11.22 1.39
C GLY A 7 0.97 10.61 0.26
N LYS A 8 1.38 9.43 -0.17
CA LYS A 8 0.69 8.73 -1.24
C LYS A 8 0.18 7.39 -0.72
N TYR A 9 -0.83 6.87 -1.42
CA TYR A 9 -1.42 5.59 -1.03
C TYR A 9 -1.69 4.73 -2.26
N VAL A 10 -2.14 3.51 -2.01
CA VAL A 10 -2.44 2.58 -3.08
C VAL A 10 -3.70 1.79 -2.72
N LYS A 11 -4.62 1.74 -3.68
CA LYS A 11 -5.87 1.03 -3.49
C LYS A 11 -5.75 -0.38 -4.09
N ILE A 12 -5.64 -1.35 -3.20
CA ILE A 12 -5.51 -2.74 -3.62
C ILE A 12 -6.62 -3.05 -4.64
N LEU A 13 -6.24 -3.83 -5.64
CA LEU A 13 -7.17 -4.21 -6.69
C LEU A 13 -7.60 -5.67 -6.48
N TYR A 14 -6.65 -6.46 -6.02
CA TYR A 14 -6.90 -7.87 -5.77
C TYR A 14 -6.52 -8.27 -4.35
N ASP A 15 -7.33 -9.13 -3.77
CA ASP A 15 -7.08 -9.59 -2.41
C ASP A 15 -5.87 -10.53 -2.41
N PHE A 16 -4.86 -10.13 -1.64
CA PHE A 16 -3.65 -10.92 -1.54
C PHE A 16 -3.39 -11.35 -0.09
N THR A 17 -2.79 -12.53 0.04
CA THR A 17 -2.49 -13.06 1.36
C THR A 17 -0.97 -13.11 1.58
N ALA A 18 -0.56 -12.62 2.74
CA ALA A 18 0.85 -12.61 3.07
C ALA A 18 1.30 -14.02 3.46
N ARG A 19 2.21 -14.55 2.67
CA ARG A 19 2.73 -15.89 2.93
C ARG A 19 3.80 -15.86 4.02
N ASN A 20 4.42 -14.69 4.15
CA ASN A 20 5.45 -14.51 5.16
C ASN A 20 5.39 -13.08 5.69
N ALA A 21 6.32 -12.77 6.59
CA ALA A 21 6.38 -11.45 7.19
C ALA A 21 6.86 -10.45 6.13
N ASN A 22 7.66 -10.94 5.21
CA ASN A 22 8.18 -10.10 4.15
C ASN A 22 7.03 -9.60 3.28
N GLU A 23 5.87 -10.22 3.47
CA GLU A 23 4.69 -9.84 2.73
C GLU A 23 3.63 -9.26 3.67
N LEU A 24 2.76 -8.43 3.09
CA LEU A 24 1.70 -7.81 3.86
C LEU A 24 0.35 -8.33 3.37
N SER A 25 -0.48 -8.74 4.32
CA SER A 25 -1.80 -9.25 4.00
C SER A 25 -2.77 -8.09 3.77
N VAL A 26 -3.28 -8.02 2.55
CA VAL A 26 -4.22 -6.97 2.19
C VAL A 26 -5.49 -7.60 1.65
N LEU A 27 -6.46 -6.74 1.34
CA LEU A 27 -7.73 -7.20 0.82
C LEU A 27 -8.10 -6.37 -0.40
N LYS A 28 -9.12 -6.83 -1.12
CA LYS A 28 -9.58 -6.14 -2.31
C LYS A 28 -10.45 -4.95 -1.90
N ASP A 29 -10.16 -3.81 -2.52
CA ASP A 29 -10.90 -2.59 -2.22
C ASP A 29 -10.36 -1.97 -0.94
N GLU A 30 -9.09 -2.21 -0.70
CA GLU A 30 -8.44 -1.67 0.50
C GLU A 30 -7.45 -0.57 0.12
N VAL A 31 -7.01 0.16 1.12
CA VAL A 31 -6.06 1.23 0.91
C VAL A 31 -4.94 1.14 1.94
N LEU A 32 -3.74 0.86 1.43
CA LEU A 32 -2.58 0.72 2.29
C LEU A 32 -1.68 1.96 2.12
N GLU A 33 -0.69 2.05 2.99
CA GLU A 33 0.24 3.18 2.95
C GLU A 33 1.53 2.76 2.23
N VAL A 34 1.87 3.53 1.21
CA VAL A 34 3.06 3.26 0.44
C VAL A 34 4.24 4.05 1.04
N LEU A 35 5.27 3.30 1.40
CA LEU A 35 6.46 3.90 1.99
C LEU A 35 7.63 3.76 1.02
N GLU A 36 7.70 2.60 0.40
CA GLU A 36 8.77 2.32 -0.55
C GLU A 36 8.18 1.87 -1.89
N ASP A 37 8.62 2.54 -2.95
CA ASP A 37 8.15 2.21 -4.29
C ASP A 37 9.30 2.35 -5.27
N GLY A 38 9.00 2.09 -6.54
CA GLY A 38 9.99 2.19 -7.59
C GLY A 38 10.59 0.81 -7.90
N ARG A 39 10.20 -0.17 -7.10
CA ARG A 39 10.69 -1.52 -7.29
C ARG A 39 9.52 -2.45 -7.63
N GLN A 40 9.88 -3.63 -8.13
CA GLN A 40 8.88 -4.62 -8.51
C GLN A 40 7.77 -4.67 -7.46
N TRP A 41 8.14 -5.16 -6.27
CA TRP A 41 7.18 -5.26 -5.19
C TRP A 41 7.35 -4.04 -4.29
N TRP A 42 6.23 -3.41 -3.97
CA TRP A 42 6.24 -2.23 -3.13
C TRP A 42 6.10 -2.69 -1.68
N LYS A 43 6.51 -1.81 -0.77
CA LYS A 43 6.43 -2.11 0.66
C LYS A 43 5.34 -1.25 1.30
N LEU A 44 4.19 -1.86 1.49
CA LEU A 44 3.06 -1.17 2.09
C LEU A 44 3.01 -1.48 3.59
N ARG A 45 2.20 -0.70 4.29
CA ARG A 45 2.06 -0.89 5.74
C ARG A 45 0.59 -0.79 6.13
N SER A 46 0.14 -1.79 6.89
CA SER A 46 -1.23 -1.82 7.34
C SER A 46 -1.42 -0.86 8.52
N ARG A 47 -2.68 -0.59 8.82
CA ARG A 47 -3.01 0.31 9.92
C ARG A 47 -2.64 -0.34 11.26
N SER A 48 -2.34 -1.62 11.20
CA SER A 48 -1.98 -2.36 12.40
C SER A 48 -0.53 -2.06 12.77
N GLY A 49 0.20 -1.51 11.81
CA GLY A 49 1.60 -1.16 12.03
C GLY A 49 2.52 -2.19 11.38
N GLN A 50 1.90 -3.10 10.64
CA GLN A 50 2.66 -4.15 9.95
C GLN A 50 3.09 -3.66 8.57
N ALA A 51 4.30 -4.05 8.20
CA ALA A 51 4.84 -3.67 6.90
C ALA A 51 5.33 -4.92 6.16
N GLY A 52 4.88 -5.04 4.92
CA GLY A 52 5.26 -6.18 4.10
C GLY A 52 5.27 -5.81 2.62
N TYR A 53 5.85 -6.71 1.83
CA TYR A 53 5.94 -6.48 0.40
C TYR A 53 4.78 -7.18 -0.34
N VAL A 54 4.45 -6.62 -1.49
CA VAL A 54 3.37 -7.17 -2.30
C VAL A 54 3.62 -6.83 -3.77
N PRO A 55 2.84 -7.52 -4.66
CA PRO A 55 2.96 -7.29 -6.09
C PRO A 55 2.31 -5.97 -6.49
N CYS A 56 2.85 -5.39 -7.56
CA CYS A 56 2.32 -4.11 -8.05
C CYS A 56 1.28 -4.42 -9.11
N ASN A 57 1.29 -5.65 -9.58
CA ASN A 57 0.34 -6.08 -10.60
C ASN A 57 -1.08 -6.03 -10.03
N ILE A 58 -1.14 -5.87 -8.71
CA ILE A 58 -2.42 -5.81 -8.03
C ILE A 58 -2.67 -4.37 -7.55
N LEU A 59 -1.58 -3.69 -7.28
CA LEU A 59 -1.65 -2.31 -6.81
C LEU A 59 -2.27 -1.44 -7.91
N GLY A 60 -2.57 -0.20 -7.54
CA GLY A 60 -3.16 0.74 -8.48
C GLY A 60 -2.85 2.18 -8.07
N GLU A 61 -3.81 3.06 -8.35
CA GLU A 61 -3.66 4.46 -8.02
C GLU A 61 -4.75 4.90 -7.04
N ALA A 62 -4.35 5.77 -6.13
CA ALA A 62 -5.27 6.27 -5.12
C ALA A 62 -5.35 7.79 -5.21
N SER A 63 -6.57 8.28 -5.35
CA SER A 63 -6.79 9.72 -5.45
C SER A 63 -6.27 10.23 -6.80
N GLY A 64 -7.15 10.14 -7.80
CA GLY A 64 -6.80 10.58 -9.14
C GLY A 64 -6.25 12.01 -9.12
N PRO A 65 -5.46 12.35 -10.17
CA PRO A 65 -4.87 13.67 -10.28
C PRO A 65 -5.92 14.71 -10.68
N SER A 66 -6.43 15.41 -9.68
CA SER A 66 -7.43 16.44 -9.92
C SER A 66 -8.45 15.94 -10.95
N SER A 67 -9.50 15.31 -10.44
CA SER A 67 -10.55 14.79 -11.30
C SER A 67 -11.79 14.47 -10.48
N GLY A 68 -12.93 14.44 -11.16
CA GLY A 68 -14.19 14.14 -10.51
C GLY A 68 -15.03 15.42 -10.33
N GLY A 1 4.04 16.93 14.48
CA GLY A 1 2.76 17.56 14.16
C GLY A 1 1.77 16.52 13.63
N SER A 2 1.04 16.92 12.59
CA SER A 2 0.06 16.04 11.99
C SER A 2 0.70 14.68 11.66
N SER A 3 1.75 14.74 10.85
CA SER A 3 2.44 13.53 10.45
C SER A 3 3.73 13.90 9.71
N GLY A 4 3.56 14.63 8.62
CA GLY A 4 4.69 15.05 7.81
C GLY A 4 4.31 15.10 6.33
N SER A 5 3.44 16.06 6.02
CA SER A 5 2.99 16.23 4.64
C SER A 5 2.23 14.98 4.17
N SER A 6 1.09 15.21 3.56
CA SER A 6 0.27 14.12 3.06
C SER A 6 1.09 13.22 2.13
N GLY A 7 1.09 11.94 2.44
CA GLY A 7 1.83 10.98 1.65
C GLY A 7 0.96 10.42 0.52
N LYS A 8 1.39 9.28 -0.01
CA LYS A 8 0.66 8.63 -1.08
C LYS A 8 0.08 7.31 -0.58
N TYR A 9 -0.92 6.83 -1.31
CA TYR A 9 -1.58 5.58 -0.95
C TYR A 9 -1.86 4.73 -2.20
N VAL A 10 -2.15 3.46 -1.95
CA VAL A 10 -2.44 2.54 -3.03
C VAL A 10 -3.76 1.82 -2.74
N LYS A 11 -4.57 1.69 -3.78
CA LYS A 11 -5.86 1.02 -3.65
C LYS A 11 -5.73 -0.42 -4.13
N ILE A 12 -5.82 -1.34 -3.18
CA ILE A 12 -5.72 -2.75 -3.49
C ILE A 12 -6.83 -3.15 -4.47
N LEU A 13 -6.45 -3.88 -5.50
CA LEU A 13 -7.41 -4.32 -6.51
C LEU A 13 -7.86 -5.74 -6.20
N TYR A 14 -6.92 -6.51 -5.67
CA TYR A 14 -7.20 -7.89 -5.31
C TYR A 14 -6.72 -8.20 -3.89
N ASP A 15 -7.60 -8.86 -3.14
CA ASP A 15 -7.28 -9.22 -1.77
C ASP A 15 -6.12 -10.21 -1.76
N PHE A 16 -5.00 -9.75 -1.22
CA PHE A 16 -3.81 -10.58 -1.15
C PHE A 16 -3.59 -11.11 0.28
N THR A 17 -3.05 -12.32 0.34
CA THR A 17 -2.79 -12.95 1.63
C THR A 17 -1.29 -13.20 1.81
N ALA A 18 -0.70 -12.44 2.72
CA ALA A 18 0.72 -12.58 2.99
C ALA A 18 1.09 -14.06 3.06
N ARG A 19 1.89 -14.48 2.10
CA ARG A 19 2.33 -15.87 2.03
C ARG A 19 3.76 -16.00 2.52
N ASN A 20 4.26 -14.93 3.13
CA ASN A 20 5.61 -14.91 3.64
C ASN A 20 5.73 -13.83 4.73
N ALA A 21 6.86 -13.85 5.42
CA ALA A 21 7.11 -12.88 6.47
C ALA A 21 7.33 -11.50 5.84
N ASN A 22 7.92 -11.52 4.65
CA ASN A 22 8.19 -10.28 3.94
C ASN A 22 7.02 -9.96 3.01
N GLU A 23 5.82 -10.14 3.56
CA GLU A 23 4.61 -9.87 2.79
C GLU A 23 3.50 -9.34 3.72
N LEU A 24 2.69 -8.45 3.16
CA LEU A 24 1.60 -7.86 3.92
C LEU A 24 0.27 -8.42 3.40
N SER A 25 -0.67 -8.58 4.33
CA SER A 25 -1.98 -9.10 3.99
C SER A 25 -2.98 -7.94 3.84
N VAL A 26 -3.54 -7.83 2.65
CA VAL A 26 -4.50 -6.78 2.37
C VAL A 26 -5.70 -7.39 1.65
N LEU A 27 -6.83 -6.69 1.76
CA LEU A 27 -8.07 -7.15 1.14
C LEU A 27 -8.36 -6.27 -0.08
N LYS A 28 -9.45 -6.60 -0.75
CA LYS A 28 -9.86 -5.86 -1.93
C LYS A 28 -10.59 -4.59 -1.50
N ASP A 29 -10.36 -3.52 -2.25
CA ASP A 29 -11.00 -2.25 -1.96
C ASP A 29 -10.37 -1.65 -0.70
N GLU A 30 -9.11 -2.00 -0.47
CA GLU A 30 -8.39 -1.51 0.69
C GLU A 30 -7.34 -0.47 0.27
N VAL A 31 -6.90 0.30 1.25
CA VAL A 31 -5.90 1.32 0.99
C VAL A 31 -4.82 1.26 2.07
N LEU A 32 -3.59 1.01 1.62
CA LEU A 32 -2.47 0.92 2.53
C LEU A 32 -1.57 2.16 2.35
N GLU A 33 -0.52 2.21 3.16
CA GLU A 33 0.40 3.32 3.11
C GLU A 33 1.70 2.90 2.40
N VAL A 34 1.83 3.34 1.16
CA VAL A 34 3.00 3.02 0.37
C VAL A 34 4.22 3.72 0.97
N LEU A 35 5.17 2.91 1.41
CA LEU A 35 6.39 3.45 2.00
C LEU A 35 7.50 3.46 0.95
N GLU A 36 7.64 2.33 0.27
CA GLU A 36 8.65 2.18 -0.76
C GLU A 36 8.03 1.68 -2.06
N ASP A 37 8.24 2.45 -3.12
CA ASP A 37 7.71 2.09 -4.42
C ASP A 37 8.78 2.29 -5.48
N GLY A 38 8.40 2.05 -6.73
CA GLY A 38 9.32 2.20 -7.84
C GLY A 38 10.06 0.89 -8.13
N ARG A 39 9.90 -0.05 -7.21
CA ARG A 39 10.54 -1.35 -7.35
C ARG A 39 9.50 -2.43 -7.66
N GLN A 40 10.00 -3.58 -8.10
CA GLN A 40 9.13 -4.68 -8.44
C GLN A 40 7.98 -4.79 -7.43
N TRP A 41 8.34 -5.05 -6.19
CA TRP A 41 7.35 -5.16 -5.13
C TRP A 41 7.43 -3.91 -4.26
N TRP A 42 6.26 -3.34 -3.99
CA TRP A 42 6.18 -2.13 -3.18
C TRP A 42 6.11 -2.55 -1.72
N LYS A 43 6.38 -1.59 -0.84
CA LYS A 43 6.35 -1.84 0.59
C LYS A 43 5.22 -1.02 1.22
N LEU A 44 4.11 -1.68 1.46
CA LEU A 44 2.96 -1.03 2.07
C LEU A 44 2.89 -1.40 3.55
N ARG A 45 2.10 -0.63 4.28
CA ARG A 45 1.94 -0.86 5.70
C ARG A 45 0.45 -0.86 6.07
N SER A 46 0.08 -1.83 6.90
CA SER A 46 -1.30 -1.95 7.33
C SER A 46 -1.55 -1.05 8.55
N ARG A 47 -2.83 -0.84 8.85
CA ARG A 47 -3.20 -0.02 9.97
C ARG A 47 -2.84 -0.71 11.28
N SER A 48 -2.57 -2.01 11.18
CA SER A 48 -2.20 -2.79 12.35
C SER A 48 -0.75 -2.49 12.75
N GLY A 49 -0.12 -1.63 11.96
CA GLY A 49 1.26 -1.25 12.22
C GLY A 49 2.22 -2.30 11.65
N GLN A 50 1.79 -2.94 10.57
CA GLN A 50 2.60 -3.95 9.92
C GLN A 50 3.03 -3.47 8.54
N ALA A 51 4.16 -4.01 8.09
CA ALA A 51 4.69 -3.65 6.79
C ALA A 51 5.19 -4.91 6.08
N GLY A 52 4.74 -5.07 4.83
CA GLY A 52 5.12 -6.23 4.05
C GLY A 52 5.13 -5.88 2.55
N TYR A 53 5.95 -6.62 1.82
CA TYR A 53 6.07 -6.41 0.38
C TYR A 53 5.00 -7.20 -0.37
N VAL A 54 4.51 -6.59 -1.44
CA VAL A 54 3.49 -7.22 -2.26
C VAL A 54 3.74 -6.87 -3.74
N PRO A 55 3.04 -7.63 -4.62
CA PRO A 55 3.18 -7.42 -6.06
C PRO A 55 2.43 -6.15 -6.49
N CYS A 56 3.00 -5.47 -7.47
CA CYS A 56 2.41 -4.25 -7.98
C CYS A 56 1.35 -4.63 -9.02
N ASN A 57 1.21 -5.93 -9.22
CA ASN A 57 0.24 -6.44 -10.17
C ASN A 57 -1.17 -6.24 -9.62
N ILE A 58 -1.27 -6.25 -8.30
CA ILE A 58 -2.55 -6.05 -7.65
C ILE A 58 -2.70 -4.60 -7.21
N LEU A 59 -1.55 -3.93 -7.11
CA LEU A 59 -1.53 -2.53 -6.71
C LEU A 59 -2.21 -1.69 -7.79
N GLY A 60 -2.55 -0.47 -7.42
CA GLY A 60 -3.20 0.44 -8.36
C GLY A 60 -3.29 1.85 -7.77
N GLU A 61 -3.27 2.83 -8.67
CA GLU A 61 -3.35 4.22 -8.25
C GLU A 61 -4.66 4.48 -7.52
N ALA A 62 -4.54 4.92 -6.28
CA ALA A 62 -5.71 5.21 -5.46
C ALA A 62 -6.07 6.70 -5.60
N SER A 63 -7.37 6.95 -5.68
CA SER A 63 -7.85 8.31 -5.82
C SER A 63 -9.15 8.49 -5.03
N GLY A 64 -9.28 9.65 -4.41
CA GLY A 64 -10.46 9.96 -3.62
C GLY A 64 -11.11 11.25 -4.10
N PRO A 65 -12.42 11.40 -3.72
CA PRO A 65 -13.18 12.58 -4.11
C PRO A 65 -12.77 13.80 -3.28
N SER A 66 -12.92 13.65 -1.97
CA SER A 66 -12.56 14.72 -1.06
C SER A 66 -13.56 15.88 -1.20
N SER A 67 -14.00 16.38 -0.06
CA SER A 67 -14.95 17.48 -0.04
C SER A 67 -14.35 18.70 -0.73
N GLY A 68 -15.20 19.40 -1.46
CA GLY A 68 -14.76 20.60 -2.17
C GLY A 68 -15.94 21.50 -2.51
N GLY A 1 17.01 20.38 2.21
CA GLY A 1 16.55 20.69 0.86
C GLY A 1 15.12 21.25 0.89
N SER A 2 14.18 20.41 0.46
CA SER A 2 12.79 20.81 0.43
C SER A 2 11.90 19.56 0.35
N SER A 3 11.28 19.25 1.47
CA SER A 3 10.39 18.09 1.55
C SER A 3 9.21 18.38 2.48
N GLY A 4 8.11 18.77 1.87
CA GLY A 4 6.91 19.08 2.62
C GLY A 4 6.10 17.82 2.93
N SER A 5 4.91 17.76 2.36
CA SER A 5 4.05 16.61 2.56
C SER A 5 4.76 15.33 2.13
N SER A 6 4.28 14.21 2.66
CA SER A 6 4.85 12.92 2.34
C SER A 6 4.01 11.79 2.95
N GLY A 7 2.98 11.40 2.22
CA GLY A 7 2.10 10.35 2.68
C GLY A 7 1.19 9.86 1.55
N LYS A 8 1.76 9.04 0.69
CA LYS A 8 1.01 8.50 -0.43
C LYS A 8 0.26 7.23 0.01
N TYR A 9 -0.64 6.79 -0.84
CA TYR A 9 -1.43 5.61 -0.55
C TYR A 9 -1.70 4.79 -1.82
N VAL A 10 -2.06 3.54 -1.62
CA VAL A 10 -2.36 2.66 -2.74
C VAL A 10 -3.65 1.90 -2.46
N LYS A 11 -4.38 1.62 -3.54
CA LYS A 11 -5.64 0.90 -3.43
C LYS A 11 -5.45 -0.53 -3.95
N ILE A 12 -5.85 -1.48 -3.11
CA ILE A 12 -5.74 -2.88 -3.48
C ILE A 12 -6.79 -3.22 -4.53
N LEU A 13 -6.32 -3.80 -5.63
CA LEU A 13 -7.21 -4.18 -6.71
C LEU A 13 -7.63 -5.64 -6.54
N TYR A 14 -6.82 -6.38 -5.80
CA TYR A 14 -7.08 -7.78 -5.55
C TYR A 14 -6.70 -8.17 -4.11
N ASP A 15 -7.51 -9.05 -3.54
CA ASP A 15 -7.27 -9.51 -2.19
C ASP A 15 -6.06 -10.44 -2.18
N PHE A 16 -4.99 -9.95 -1.56
CA PHE A 16 -3.76 -10.74 -1.48
C PHE A 16 -3.50 -11.19 -0.04
N THR A 17 -3.02 -12.42 0.07
CA THR A 17 -2.73 -12.99 1.38
C THR A 17 -1.24 -13.35 1.48
N ALA A 18 -0.59 -12.72 2.44
CA ALA A 18 0.84 -12.97 2.66
C ALA A 18 1.12 -14.46 2.51
N ARG A 19 1.91 -14.79 1.49
CA ARG A 19 2.25 -16.18 1.24
C ARG A 19 3.60 -16.51 1.90
N ASN A 20 4.27 -15.47 2.36
CA ASN A 20 5.55 -15.66 3.01
C ASN A 20 5.66 -14.70 4.21
N ALA A 21 6.84 -14.65 4.79
CA ALA A 21 7.08 -13.79 5.94
C ALA A 21 7.28 -12.35 5.46
N ASN A 22 7.80 -12.23 4.24
CA ASN A 22 8.05 -10.93 3.66
C ASN A 22 6.87 -10.55 2.76
N GLU A 23 5.67 -10.80 3.26
CA GLU A 23 4.46 -10.48 2.52
C GLU A 23 3.42 -9.87 3.46
N LEU A 24 2.47 -9.17 2.85
CA LEU A 24 1.41 -8.53 3.60
C LEU A 24 0.05 -9.04 3.11
N SER A 25 -0.86 -9.21 4.05
CA SER A 25 -2.20 -9.68 3.72
C SER A 25 -3.17 -8.50 3.65
N VAL A 26 -3.69 -8.29 2.46
CA VAL A 26 -4.63 -7.20 2.24
C VAL A 26 -5.81 -7.71 1.40
N LEU A 27 -6.91 -6.99 1.49
CA LEU A 27 -8.11 -7.36 0.75
C LEU A 27 -8.23 -6.46 -0.48
N LYS A 28 -9.28 -6.72 -1.26
CA LYS A 28 -9.53 -5.94 -2.46
C LYS A 28 -10.35 -4.70 -2.10
N ASP A 29 -10.01 -3.60 -2.76
CA ASP A 29 -10.71 -2.34 -2.52
C ASP A 29 -10.08 -1.64 -1.31
N GLU A 30 -9.21 -2.37 -0.63
CA GLU A 30 -8.54 -1.83 0.54
C GLU A 30 -7.56 -0.73 0.14
N VAL A 31 -7.09 0.00 1.14
CA VAL A 31 -6.15 1.09 0.88
C VAL A 31 -5.01 1.00 1.91
N LEU A 32 -3.80 0.89 1.39
CA LEU A 32 -2.63 0.80 2.24
C LEU A 32 -1.77 2.05 2.04
N GLU A 33 -0.70 2.13 2.82
CA GLU A 33 0.20 3.25 2.75
C GLU A 33 1.53 2.84 2.09
N VAL A 34 1.82 3.48 0.97
CA VAL A 34 3.04 3.18 0.24
C VAL A 34 4.21 3.91 0.90
N LEU A 35 5.28 3.16 1.11
CA LEU A 35 6.47 3.73 1.73
C LEU A 35 7.64 3.66 0.73
N GLU A 36 7.84 2.47 0.19
CA GLU A 36 8.91 2.26 -0.76
C GLU A 36 8.33 1.87 -2.13
N ASP A 37 8.71 2.65 -3.14
CA ASP A 37 8.24 2.40 -4.49
C ASP A 37 9.42 2.48 -5.46
N GLY A 38 9.14 2.13 -6.71
CA GLY A 38 10.17 2.16 -7.73
C GLY A 38 10.73 0.75 -7.99
N ARG A 39 10.42 -0.15 -7.07
CA ARG A 39 10.88 -1.52 -7.18
C ARG A 39 9.72 -2.44 -7.55
N GLN A 40 10.09 -3.64 -7.98
CA GLN A 40 9.09 -4.63 -8.36
C GLN A 40 7.96 -4.68 -7.33
N TRP A 41 8.31 -5.16 -6.15
CA TRP A 41 7.35 -5.26 -5.07
C TRP A 41 7.42 -3.99 -4.23
N TRP A 42 6.26 -3.44 -3.93
CA TRP A 42 6.18 -2.23 -3.13
C TRP A 42 6.09 -2.62 -1.67
N LYS A 43 6.38 -1.65 -0.81
CA LYS A 43 6.34 -1.90 0.63
C LYS A 43 5.23 -1.05 1.25
N LEU A 44 4.09 -1.69 1.49
CA LEU A 44 2.95 -1.02 2.07
C LEU A 44 2.85 -1.38 3.56
N ARG A 45 2.13 -0.55 4.29
CA ARG A 45 1.95 -0.78 5.72
C ARG A 45 0.47 -0.64 6.10
N SER A 46 -0.06 -1.70 6.68
CA SER A 46 -1.45 -1.70 7.10
C SER A 46 -1.66 -0.73 8.26
N ARG A 47 -2.92 -0.39 8.49
CA ARG A 47 -3.27 0.53 9.55
C ARG A 47 -2.82 -0.02 10.90
N SER A 48 -2.66 -1.33 10.95
CA SER A 48 -2.23 -2.00 12.16
C SER A 48 -0.79 -1.62 12.48
N GLY A 49 -0.08 -1.16 11.46
CA GLY A 49 1.30 -0.76 11.62
C GLY A 49 2.24 -1.77 10.94
N GLN A 50 1.67 -2.90 10.58
CA GLN A 50 2.44 -3.95 9.92
C GLN A 50 2.96 -3.46 8.57
N ALA A 51 4.07 -4.04 8.15
CA ALA A 51 4.68 -3.68 6.87
C ALA A 51 5.17 -4.94 6.17
N GLY A 52 4.79 -5.06 4.91
CA GLY A 52 5.18 -6.21 4.10
C GLY A 52 5.31 -5.83 2.62
N TYR A 53 5.76 -6.80 1.84
CA TYR A 53 5.93 -6.58 0.42
C TYR A 53 4.84 -7.30 -0.38
N VAL A 54 4.41 -6.64 -1.46
CA VAL A 54 3.38 -7.20 -2.31
C VAL A 54 3.66 -6.82 -3.76
N PRO A 55 2.96 -7.53 -4.69
CA PRO A 55 3.12 -7.28 -6.11
C PRO A 55 2.43 -5.98 -6.52
N CYS A 56 3.03 -5.30 -7.49
CA CYS A 56 2.48 -4.06 -7.99
C CYS A 56 1.40 -4.37 -9.02
N ASN A 57 1.20 -5.67 -9.24
CA ASN A 57 0.21 -6.11 -10.19
C ASN A 57 -1.20 -5.91 -9.61
N ILE A 58 -1.25 -5.92 -8.29
CA ILE A 58 -2.52 -5.74 -7.59
C ILE A 58 -2.64 -4.28 -7.14
N LEU A 59 -1.48 -3.65 -6.97
CA LEU A 59 -1.45 -2.26 -6.55
C LEU A 59 -2.01 -1.37 -7.66
N GLY A 60 -2.52 -0.22 -7.26
CA GLY A 60 -3.08 0.72 -8.21
C GLY A 60 -3.08 2.14 -7.64
N GLU A 61 -3.00 3.11 -8.55
CA GLU A 61 -2.98 4.51 -8.15
C GLU A 61 -4.27 4.87 -7.41
N ALA A 62 -4.11 5.64 -6.35
CA ALA A 62 -5.24 6.06 -5.54
C ALA A 62 -5.44 7.57 -5.70
N SER A 63 -6.68 8.00 -5.46
CA SER A 63 -7.02 9.41 -5.57
C SER A 63 -7.31 9.99 -4.19
N GLY A 64 -6.24 10.17 -3.42
CA GLY A 64 -6.37 10.72 -2.08
C GLY A 64 -6.54 12.24 -2.12
N PRO A 65 -6.98 12.80 -0.96
CA PRO A 65 -7.19 14.23 -0.85
C PRO A 65 -5.86 14.97 -0.74
N SER A 66 -5.84 16.17 -1.30
CA SER A 66 -4.64 16.99 -1.28
C SER A 66 -4.89 18.25 -0.44
N SER A 67 -5.91 19.00 -0.84
CA SER A 67 -6.25 20.22 -0.14
C SER A 67 -6.98 19.89 1.16
N GLY A 68 -7.07 20.88 2.03
CA GLY A 68 -7.74 20.71 3.31
C GLY A 68 -6.89 21.27 4.45
N GLY A 1 -10.62 13.54 12.18
CA GLY A 1 -9.63 12.98 11.28
C GLY A 1 -8.52 14.01 10.99
N SER A 2 -7.29 13.56 11.21
CA SER A 2 -6.14 14.42 10.98
C SER A 2 -5.25 13.83 9.89
N SER A 3 -4.35 14.66 9.38
CA SER A 3 -3.43 14.23 8.34
C SER A 3 -2.94 12.81 8.63
N GLY A 4 -2.24 12.67 9.74
CA GLY A 4 -1.70 11.38 10.14
C GLY A 4 -0.72 10.84 9.09
N SER A 5 0.42 11.51 9.00
CA SER A 5 1.44 11.10 8.05
C SER A 5 0.91 11.24 6.62
N SER A 6 1.09 12.43 6.07
CA SER A 6 0.64 12.71 4.72
C SER A 6 1.59 12.08 3.70
N GLY A 7 1.04 11.71 2.57
CA GLY A 7 1.82 11.10 1.51
C GLY A 7 0.92 10.55 0.40
N LYS A 8 1.25 9.34 -0.04
CA LYS A 8 0.48 8.71 -1.09
C LYS A 8 -0.10 7.39 -0.57
N TYR A 9 -1.02 6.83 -1.34
CA TYR A 9 -1.65 5.58 -0.97
C TYR A 9 -1.92 4.71 -2.20
N VAL A 10 -2.28 3.46 -1.95
CA VAL A 10 -2.55 2.52 -3.02
C VAL A 10 -3.84 1.76 -2.70
N LYS A 11 -4.69 1.64 -3.72
CA LYS A 11 -5.96 0.94 -3.56
C LYS A 11 -5.78 -0.53 -3.95
N ILE A 12 -6.07 -1.40 -3.00
CA ILE A 12 -5.95 -2.83 -3.24
C ILE A 12 -6.98 -3.25 -4.28
N LEU A 13 -6.48 -3.63 -5.45
CA LEU A 13 -7.33 -4.06 -6.54
C LEU A 13 -7.82 -5.49 -6.26
N TYR A 14 -6.99 -6.23 -5.53
CA TYR A 14 -7.32 -7.61 -5.20
C TYR A 14 -6.86 -7.94 -3.77
N ASP A 15 -7.65 -8.77 -3.12
CA ASP A 15 -7.34 -9.18 -1.76
C ASP A 15 -6.15 -10.15 -1.78
N PHE A 16 -5.13 -9.79 -1.01
CA PHE A 16 -3.94 -10.62 -0.93
C PHE A 16 -3.62 -10.98 0.51
N THR A 17 -3.10 -12.19 0.68
CA THR A 17 -2.75 -12.68 2.01
C THR A 17 -1.27 -13.05 2.07
N ALA A 18 -0.54 -12.29 2.88
CA ALA A 18 0.89 -12.53 3.04
C ALA A 18 1.16 -14.03 3.08
N ARG A 19 1.88 -14.51 2.08
CA ARG A 19 2.21 -15.92 2.00
C ARG A 19 3.57 -16.19 2.64
N ASN A 20 4.31 -15.11 2.86
CA ASN A 20 5.62 -15.22 3.47
C ASN A 20 5.74 -14.19 4.60
N ALA A 21 6.93 -14.11 5.17
CA ALA A 21 7.20 -13.18 6.25
C ALA A 21 7.45 -11.79 5.66
N ASN A 22 7.96 -11.78 4.45
CA ASN A 22 8.25 -10.52 3.77
C ASN A 22 7.05 -10.12 2.92
N GLU A 23 5.86 -10.29 3.50
CA GLU A 23 4.63 -9.93 2.81
C GLU A 23 3.63 -9.33 3.79
N LEU A 24 2.64 -8.64 3.22
CA LEU A 24 1.62 -8.01 4.03
C LEU A 24 0.24 -8.52 3.60
N SER A 25 -0.63 -8.67 4.59
CA SER A 25 -1.98 -9.15 4.31
C SER A 25 -2.94 -7.97 4.16
N VAL A 26 -3.45 -7.82 2.95
CA VAL A 26 -4.37 -6.74 2.66
C VAL A 26 -5.69 -7.33 2.12
N LEU A 27 -6.66 -6.45 1.96
CA LEU A 27 -7.97 -6.86 1.45
C LEU A 27 -8.27 -6.10 0.16
N LYS A 28 -9.31 -6.55 -0.53
CA LYS A 28 -9.71 -5.92 -1.77
C LYS A 28 -10.60 -4.71 -1.46
N ASP A 29 -10.38 -3.65 -2.22
CA ASP A 29 -11.14 -2.42 -2.04
C ASP A 29 -10.54 -1.62 -0.89
N GLU A 30 -9.43 -2.13 -0.36
CA GLU A 30 -8.75 -1.47 0.74
C GLU A 30 -7.68 -0.52 0.21
N VAL A 31 -7.22 0.35 1.09
CA VAL A 31 -6.20 1.33 0.71
C VAL A 31 -5.12 1.35 1.79
N LEU A 32 -3.90 1.03 1.37
CA LEU A 32 -2.77 1.01 2.29
C LEU A 32 -1.84 2.18 1.96
N GLU A 33 -0.79 2.29 2.76
CA GLU A 33 0.18 3.36 2.57
C GLU A 33 1.49 2.80 2.01
N VAL A 34 1.99 3.45 0.98
CA VAL A 34 3.22 3.03 0.35
C VAL A 34 4.41 3.60 1.12
N LEU A 35 5.35 2.72 1.44
CA LEU A 35 6.53 3.11 2.18
C LEU A 35 7.69 3.33 1.20
N GLU A 36 7.92 2.32 0.37
CA GLU A 36 8.98 2.40 -0.61
C GLU A 36 8.45 2.05 -2.00
N ASP A 37 8.86 2.85 -2.98
CA ASP A 37 8.44 2.64 -4.35
C ASP A 37 9.66 2.70 -5.27
N GLY A 38 9.41 2.40 -6.54
CA GLY A 38 10.47 2.42 -7.53
C GLY A 38 10.97 1.00 -7.82
N ARG A 39 10.40 0.05 -7.09
CA ARG A 39 10.78 -1.34 -7.26
C ARG A 39 9.55 -2.18 -7.59
N GLN A 40 9.81 -3.37 -8.12
CA GLN A 40 8.72 -4.27 -8.50
C GLN A 40 7.67 -4.34 -7.39
N TRP A 41 8.05 -5.00 -6.30
CA TRP A 41 7.14 -5.13 -5.17
C TRP A 41 7.28 -3.88 -4.30
N TRP A 42 6.14 -3.28 -3.99
CA TRP A 42 6.11 -2.08 -3.18
C TRP A 42 6.09 -2.51 -1.71
N LYS A 43 6.41 -1.56 -0.84
CA LYS A 43 6.42 -1.82 0.59
C LYS A 43 5.34 -0.98 1.26
N LEU A 44 4.26 -1.66 1.63
CA LEU A 44 3.15 -0.99 2.29
C LEU A 44 3.14 -1.36 3.77
N ARG A 45 2.35 -0.61 4.53
CA ARG A 45 2.23 -0.85 5.96
C ARG A 45 0.78 -0.77 6.41
N SER A 46 0.33 -1.82 7.08
CA SER A 46 -1.04 -1.87 7.57
C SER A 46 -1.19 -0.99 8.81
N ARG A 47 -2.44 -0.74 9.17
CA ARG A 47 -2.74 0.09 10.34
C ARG A 47 -2.32 -0.65 11.62
N SER A 48 -2.01 -1.92 11.46
CA SER A 48 -1.59 -2.73 12.59
C SER A 48 -0.09 -2.55 12.85
N GLY A 49 0.48 -1.59 12.13
CA GLY A 49 1.90 -1.31 12.27
C GLY A 49 2.74 -2.37 11.56
N GLN A 50 2.07 -3.18 10.76
CA GLN A 50 2.74 -4.24 10.01
C GLN A 50 3.17 -3.73 8.64
N ALA A 51 4.34 -4.20 8.21
CA ALA A 51 4.88 -3.80 6.92
C ALA A 51 5.35 -5.04 6.16
N GLY A 52 4.88 -5.17 4.94
CA GLY A 52 5.24 -6.30 4.11
C GLY A 52 5.22 -5.92 2.62
N TYR A 53 5.95 -6.69 1.84
CA TYR A 53 6.03 -6.45 0.40
C TYR A 53 4.90 -7.18 -0.34
N VAL A 54 4.54 -6.62 -1.48
CA VAL A 54 3.48 -7.21 -2.29
C VAL A 54 3.70 -6.83 -3.76
N PRO A 55 2.97 -7.56 -4.66
CA PRO A 55 3.07 -7.31 -6.08
C PRO A 55 2.33 -6.03 -6.45
N CYS A 56 2.89 -5.32 -7.43
CA CYS A 56 2.29 -4.08 -7.89
C CYS A 56 1.22 -4.42 -8.94
N ASN A 57 1.07 -5.72 -9.17
CA ASN A 57 0.10 -6.20 -10.13
C ASN A 57 -1.31 -6.06 -9.54
N ILE A 58 -1.35 -5.98 -8.22
CA ILE A 58 -2.62 -5.84 -7.52
C ILE A 58 -2.78 -4.40 -7.03
N LEU A 59 -1.66 -3.71 -6.96
CA LEU A 59 -1.66 -2.33 -6.52
C LEU A 59 -2.23 -1.43 -7.62
N GLY A 60 -2.79 -0.31 -7.20
CA GLY A 60 -3.38 0.63 -8.13
C GLY A 60 -3.03 2.07 -7.75
N GLU A 61 -3.98 2.96 -7.99
CA GLU A 61 -3.79 4.36 -7.68
C GLU A 61 -4.84 4.84 -6.68
N ALA A 62 -4.40 5.71 -5.78
CA ALA A 62 -5.29 6.23 -4.76
C ALA A 62 -5.34 7.76 -4.87
N SER A 63 -6.47 8.32 -4.48
CA SER A 63 -6.65 9.76 -4.54
C SER A 63 -7.75 10.19 -3.55
N GLY A 64 -7.44 11.21 -2.77
CA GLY A 64 -8.38 11.73 -1.80
C GLY A 64 -9.13 12.94 -2.34
N PRO A 65 -10.32 13.20 -1.74
CA PRO A 65 -11.15 14.31 -2.16
C PRO A 65 -10.57 15.64 -1.65
N SER A 66 -9.35 15.92 -2.09
CA SER A 66 -8.67 17.14 -1.70
C SER A 66 -9.10 18.30 -2.60
N SER A 67 -9.84 19.23 -2.00
CA SER A 67 -10.32 20.38 -2.74
C SER A 67 -9.19 21.40 -2.93
N GLY A 68 -8.73 21.51 -4.16
CA GLY A 68 -7.66 22.44 -4.48
C GLY A 68 -7.89 23.10 -5.84
N GLY A 1 -1.83 10.61 14.41
CA GLY A 1 -1.70 11.07 15.78
C GLY A 1 -0.66 12.18 15.90
N SER A 2 -1.16 13.41 15.93
CA SER A 2 -0.28 14.57 16.03
C SER A 2 0.71 14.59 14.86
N SER A 3 1.41 15.70 14.75
CA SER A 3 2.38 15.86 13.68
C SER A 3 1.67 15.98 12.33
N GLY A 4 1.01 14.90 11.94
CA GLY A 4 0.28 14.87 10.69
C GLY A 4 0.81 13.77 9.78
N SER A 5 0.30 13.77 8.55
CA SER A 5 0.72 12.77 7.57
C SER A 5 0.01 13.02 6.23
N SER A 6 0.76 13.57 5.29
CA SER A 6 0.23 13.87 3.98
C SER A 6 1.14 13.26 2.89
N GLY A 7 0.79 12.05 2.49
CA GLY A 7 1.55 11.35 1.47
C GLY A 7 0.63 10.74 0.41
N LYS A 8 1.11 9.66 -0.19
CA LYS A 8 0.35 8.98 -1.22
C LYS A 8 -0.05 7.60 -0.70
N TYR A 9 -1.10 7.05 -1.32
CA TYR A 9 -1.59 5.74 -0.93
C TYR A 9 -1.91 4.88 -2.16
N VAL A 10 -2.21 3.62 -1.90
CA VAL A 10 -2.53 2.69 -2.97
C VAL A 10 -3.85 1.99 -2.66
N LYS A 11 -4.52 1.56 -3.72
CA LYS A 11 -5.79 0.88 -3.56
C LYS A 11 -5.64 -0.58 -4.01
N ILE A 12 -5.98 -1.49 -3.10
CA ILE A 12 -5.88 -2.90 -3.38
C ILE A 12 -6.97 -3.29 -4.38
N LEU A 13 -6.53 -3.79 -5.53
CA LEU A 13 -7.45 -4.21 -6.58
C LEU A 13 -7.87 -5.66 -6.33
N TYR A 14 -7.05 -6.36 -5.56
CA TYR A 14 -7.33 -7.75 -5.24
C TYR A 14 -6.78 -8.12 -3.86
N ASP A 15 -7.59 -8.86 -3.12
CA ASP A 15 -7.21 -9.28 -1.78
C ASP A 15 -5.99 -10.20 -1.88
N PHE A 16 -5.03 -9.95 -0.99
CA PHE A 16 -3.82 -10.74 -0.95
C PHE A 16 -3.54 -11.28 0.45
N THR A 17 -3.17 -12.55 0.50
CA THR A 17 -2.88 -13.19 1.77
C THR A 17 -1.37 -13.35 1.96
N ALA A 18 -0.79 -12.41 2.68
CA ALA A 18 0.64 -12.44 2.94
C ALA A 18 1.08 -13.87 3.22
N ARG A 19 1.90 -14.39 2.33
CA ARG A 19 2.41 -15.75 2.47
C ARG A 19 3.33 -15.85 3.67
N ASN A 20 4.08 -14.77 3.90
CA ASN A 20 5.01 -14.73 5.02
C ASN A 20 5.00 -13.33 5.63
N ALA A 21 5.88 -13.13 6.60
CA ALA A 21 5.99 -11.85 7.27
C ALA A 21 6.42 -10.78 6.26
N ASN A 22 7.49 -11.09 5.54
CA ASN A 22 8.02 -10.17 4.54
C ASN A 22 6.85 -9.64 3.70
N GLU A 23 5.80 -10.44 3.62
CA GLU A 23 4.63 -10.06 2.85
C GLU A 23 3.57 -9.44 3.77
N LEU A 24 2.71 -8.62 3.18
CA LEU A 24 1.65 -7.98 3.92
C LEU A 24 0.30 -8.51 3.46
N SER A 25 -0.63 -8.59 4.40
CA SER A 25 -1.96 -9.07 4.09
C SER A 25 -2.94 -7.90 3.96
N VAL A 26 -3.56 -7.82 2.79
CA VAL A 26 -4.51 -6.76 2.52
C VAL A 26 -5.77 -7.34 1.87
N LEU A 27 -6.80 -6.52 1.79
CA LEU A 27 -8.05 -6.95 1.21
C LEU A 27 -8.36 -6.09 -0.02
N LYS A 28 -9.48 -6.39 -0.66
CA LYS A 28 -9.89 -5.65 -1.84
C LYS A 28 -10.67 -4.41 -1.41
N ASP A 29 -10.53 -3.36 -2.20
CA ASP A 29 -11.23 -2.12 -1.91
C ASP A 29 -10.55 -1.41 -0.73
N GLU A 30 -9.43 -1.99 -0.31
CA GLU A 30 -8.67 -1.44 0.80
C GLU A 30 -7.64 -0.42 0.29
N VAL A 31 -7.17 0.41 1.21
CA VAL A 31 -6.20 1.42 0.87
C VAL A 31 -5.03 1.36 1.86
N LEU A 32 -3.89 0.90 1.36
CA LEU A 32 -2.71 0.78 2.19
C LEU A 32 -1.78 1.96 1.91
N GLU A 33 -0.84 2.17 2.82
CA GLU A 33 0.11 3.26 2.70
C GLU A 33 1.41 2.76 2.08
N VAL A 34 1.87 3.47 1.07
CA VAL A 34 3.09 3.11 0.38
C VAL A 34 4.29 3.65 1.17
N LEU A 35 5.26 2.77 1.37
CA LEU A 35 6.46 3.14 2.12
C LEU A 35 7.63 3.32 1.14
N GLU A 36 7.83 2.28 0.32
CA GLU A 36 8.90 2.31 -0.66
C GLU A 36 8.36 1.94 -2.04
N ASP A 37 8.73 2.75 -3.02
CA ASP A 37 8.29 2.51 -4.39
C ASP A 37 9.50 2.62 -5.33
N GLY A 38 9.26 2.28 -6.59
CA GLY A 38 10.31 2.33 -7.59
C GLY A 38 10.88 0.94 -7.84
N ARG A 39 10.50 0.00 -6.98
CA ARG A 39 10.97 -1.36 -7.10
C ARG A 39 9.82 -2.29 -7.49
N GLN A 40 10.19 -3.45 -8.00
CA GLN A 40 9.21 -4.44 -8.42
C GLN A 40 8.06 -4.50 -7.41
N TRP A 41 8.35 -5.07 -6.25
CA TRP A 41 7.35 -5.19 -5.20
C TRP A 41 7.42 -3.93 -4.34
N TRP A 42 6.25 -3.38 -4.06
CA TRP A 42 6.15 -2.18 -3.25
C TRP A 42 6.11 -2.60 -1.78
N LYS A 43 6.38 -1.63 -0.91
CA LYS A 43 6.38 -1.88 0.52
C LYS A 43 5.32 -1.00 1.18
N LEU A 44 4.24 -1.66 1.63
CA LEU A 44 3.15 -0.95 2.28
C LEU A 44 3.10 -1.36 3.75
N ARG A 45 2.33 -0.60 4.51
CA ARG A 45 2.18 -0.87 5.94
C ARG A 45 0.70 -0.89 6.32
N SER A 46 0.30 -1.98 6.97
CA SER A 46 -1.08 -2.12 7.40
C SER A 46 -1.39 -1.12 8.50
N ARG A 47 -2.68 -0.87 8.68
CA ARG A 47 -3.13 0.06 9.70
C ARG A 47 -2.70 -0.43 11.09
N SER A 48 -2.33 -1.70 11.15
CA SER A 48 -1.92 -2.30 12.40
C SER A 48 -0.48 -1.88 12.72
N GLY A 49 0.20 -1.38 11.70
CA GLY A 49 1.57 -0.94 11.85
C GLY A 49 2.54 -1.89 11.16
N GLN A 50 2.01 -3.05 10.76
CA GLN A 50 2.82 -4.04 10.08
C GLN A 50 3.23 -3.53 8.70
N ALA A 51 4.35 -4.08 8.22
CA ALA A 51 4.87 -3.69 6.92
C ALA A 51 5.35 -4.94 6.17
N GLY A 52 4.89 -5.07 4.94
CA GLY A 52 5.27 -6.22 4.12
C GLY A 52 5.27 -5.83 2.64
N TYR A 53 5.90 -6.69 1.85
CA TYR A 53 5.99 -6.47 0.41
C TYR A 53 4.85 -7.19 -0.33
N VAL A 54 4.49 -6.63 -1.47
CA VAL A 54 3.43 -7.21 -2.28
C VAL A 54 3.65 -6.85 -3.75
N PRO A 55 2.92 -7.57 -4.64
CA PRO A 55 3.03 -7.34 -6.06
C PRO A 55 2.33 -6.05 -6.47
N CYS A 56 2.94 -5.35 -7.41
CA CYS A 56 2.38 -4.09 -7.89
C CYS A 56 1.30 -4.42 -8.92
N ASN A 57 1.11 -5.70 -9.15
CA ASN A 57 0.10 -6.16 -10.10
C ASN A 57 -1.30 -5.92 -9.52
N ILE A 58 -1.39 -6.04 -8.21
CA ILE A 58 -2.65 -5.83 -7.52
C ILE A 58 -2.75 -4.36 -7.07
N LEU A 59 -1.59 -3.73 -6.95
CA LEU A 59 -1.54 -2.34 -6.54
C LEU A 59 -2.07 -1.45 -7.67
N GLY A 60 -2.64 -0.33 -7.26
CA GLY A 60 -3.19 0.61 -8.23
C GLY A 60 -2.91 2.06 -7.80
N GLU A 61 -3.83 2.93 -8.16
CA GLU A 61 -3.70 4.34 -7.82
C GLU A 61 -4.86 4.79 -6.93
N ALA A 62 -4.52 5.47 -5.86
CA ALA A 62 -5.52 5.97 -4.93
C ALA A 62 -5.83 7.43 -5.25
N SER A 63 -7.13 7.72 -5.28
CA SER A 63 -7.58 9.07 -5.58
C SER A 63 -8.41 9.61 -4.42
N GLY A 64 -7.77 10.42 -3.59
CA GLY A 64 -8.45 11.01 -2.44
C GLY A 64 -8.50 10.01 -1.28
N PRO A 65 -9.01 10.52 -0.12
CA PRO A 65 -9.13 9.70 1.06
C PRO A 65 -10.31 8.72 0.94
N SER A 66 -10.05 7.49 1.35
CA SER A 66 -11.08 6.45 1.29
C SER A 66 -11.86 6.42 2.60
N SER A 67 -13.03 7.05 2.58
CA SER A 67 -13.88 7.09 3.75
C SER A 67 -14.50 5.72 4.00
N GLY A 68 -15.16 5.21 2.97
CA GLY A 68 -15.80 3.90 3.06
C GLY A 68 -17.26 3.98 2.59
N GLY A 1 6.99 27.98 -4.42
CA GLY A 1 7.32 26.59 -4.17
C GLY A 1 6.12 25.83 -3.62
N SER A 2 5.64 24.89 -4.41
CA SER A 2 4.50 24.09 -4.02
C SER A 2 4.78 23.41 -2.68
N SER A 3 3.78 23.45 -1.81
CA SER A 3 3.90 22.83 -0.50
C SER A 3 3.77 21.32 -0.62
N GLY A 4 4.66 20.62 0.07
CA GLY A 4 4.66 19.17 0.06
C GLY A 4 4.70 18.60 1.48
N SER A 5 3.86 17.61 1.71
CA SER A 5 3.79 16.96 3.01
C SER A 5 2.96 15.68 2.93
N SER A 6 1.72 15.85 2.50
CA SER A 6 0.81 14.71 2.37
C SER A 6 1.53 13.56 1.68
N GLY A 7 1.04 12.35 1.94
CA GLY A 7 1.62 11.16 1.35
C GLY A 7 0.64 10.50 0.38
N LYS A 8 1.19 9.65 -0.48
CA LYS A 8 0.37 8.94 -1.46
C LYS A 8 -0.11 7.63 -0.85
N TYR A 9 -1.16 7.09 -1.47
CA TYR A 9 -1.73 5.84 -1.01
C TYR A 9 -1.91 4.85 -2.16
N VAL A 10 -2.18 3.61 -1.80
CA VAL A 10 -2.39 2.56 -2.78
C VAL A 10 -3.67 1.81 -2.48
N LYS A 11 -4.48 1.61 -3.51
CA LYS A 11 -5.74 0.89 -3.36
C LYS A 11 -5.55 -0.56 -3.82
N ILE A 12 -5.94 -1.48 -2.94
CA ILE A 12 -5.82 -2.89 -3.25
C ILE A 12 -6.86 -3.27 -4.30
N LEU A 13 -6.37 -3.67 -5.46
CA LEU A 13 -7.25 -4.06 -6.55
C LEU A 13 -7.72 -5.50 -6.33
N TYR A 14 -6.93 -6.23 -5.56
CA TYR A 14 -7.25 -7.62 -5.27
C TYR A 14 -6.83 -7.99 -3.85
N ASP A 15 -7.67 -8.79 -3.21
CA ASP A 15 -7.41 -9.22 -1.85
C ASP A 15 -6.19 -10.15 -1.85
N PHE A 16 -5.16 -9.72 -1.12
CA PHE A 16 -3.93 -10.49 -1.03
C PHE A 16 -3.69 -10.97 0.40
N THR A 17 -3.09 -12.15 0.52
CA THR A 17 -2.80 -12.72 1.81
C THR A 17 -1.30 -12.99 1.95
N ALA A 18 -0.74 -12.50 3.04
CA ALA A 18 0.68 -12.68 3.31
C ALA A 18 0.96 -14.16 3.56
N ARG A 19 1.69 -14.76 2.63
CA ARG A 19 2.03 -16.17 2.75
C ARG A 19 3.48 -16.32 3.24
N ASN A 20 4.12 -15.19 3.48
CA ASN A 20 5.49 -15.19 3.95
C ASN A 20 5.70 -13.99 4.89
N ALA A 21 6.88 -13.96 5.48
CA ALA A 21 7.22 -12.88 6.41
C ALA A 21 7.41 -11.58 5.62
N ASN A 22 7.90 -11.73 4.41
CA ASN A 22 8.14 -10.58 3.55
C ASN A 22 6.89 -10.32 2.72
N GLU A 23 5.74 -10.41 3.38
CA GLU A 23 4.46 -10.18 2.70
C GLU A 23 3.49 -9.49 3.65
N LEU A 24 2.52 -8.81 3.05
CA LEU A 24 1.52 -8.10 3.83
C LEU A 24 0.13 -8.61 3.45
N SER A 25 -0.72 -8.73 4.46
CA SER A 25 -2.08 -9.20 4.26
C SER A 25 -3.03 -8.02 4.12
N VAL A 26 -3.69 -7.97 2.97
CA VAL A 26 -4.63 -6.90 2.70
C VAL A 26 -5.84 -7.46 1.94
N LEU A 27 -6.90 -6.68 1.92
CA LEU A 27 -8.12 -7.08 1.24
C LEU A 27 -8.29 -6.24 -0.03
N LYS A 28 -9.36 -6.54 -0.76
CA LYS A 28 -9.65 -5.82 -1.99
C LYS A 28 -10.48 -4.57 -1.67
N ASP A 29 -10.18 -3.50 -2.39
CA ASP A 29 -10.89 -2.25 -2.18
C ASP A 29 -10.25 -1.48 -1.03
N GLU A 30 -9.35 -2.17 -0.33
CA GLU A 30 -8.66 -1.56 0.80
C GLU A 30 -7.67 -0.51 0.31
N VAL A 31 -7.17 0.27 1.25
CA VAL A 31 -6.21 1.32 0.93
C VAL A 31 -5.07 1.29 1.94
N LEU A 32 -3.90 0.91 1.45
CA LEU A 32 -2.72 0.83 2.28
C LEU A 32 -1.81 2.03 2.00
N GLU A 33 -0.82 2.20 2.86
CA GLU A 33 0.12 3.29 2.72
C GLU A 33 1.42 2.80 2.07
N VAL A 34 1.86 3.54 1.06
CA VAL A 34 3.09 3.18 0.36
C VAL A 34 4.28 3.85 1.04
N LEU A 35 5.31 3.05 1.27
CA LEU A 35 6.52 3.54 1.92
C LEU A 35 7.69 3.47 0.93
N GLU A 36 7.82 2.32 0.30
CA GLU A 36 8.88 2.10 -0.66
C GLU A 36 8.30 1.76 -2.04
N ASP A 37 8.75 2.50 -3.05
CA ASP A 37 8.28 2.28 -4.40
C ASP A 37 9.47 2.37 -5.37
N GLY A 38 9.19 2.06 -6.63
CA GLY A 38 10.22 2.11 -7.65
C GLY A 38 10.77 0.72 -7.94
N ARG A 39 10.42 -0.22 -7.06
CA ARG A 39 10.87 -1.59 -7.21
C ARG A 39 9.70 -2.50 -7.59
N GLN A 40 10.04 -3.68 -8.06
CA GLN A 40 9.04 -4.65 -8.46
C GLN A 40 7.92 -4.71 -7.41
N TRP A 41 8.29 -5.11 -6.21
CA TRP A 41 7.34 -5.23 -5.12
C TRP A 41 7.47 -3.97 -4.25
N TRP A 42 6.32 -3.38 -3.95
CA TRP A 42 6.30 -2.17 -3.14
C TRP A 42 6.20 -2.60 -1.67
N LYS A 43 6.55 -1.68 -0.79
CA LYS A 43 6.51 -1.94 0.63
C LYS A 43 5.43 -1.08 1.28
N LEU A 44 4.28 -1.70 1.51
CA LEU A 44 3.16 -1.02 2.12
C LEU A 44 3.05 -1.40 3.59
N ARG A 45 2.24 -0.65 4.32
CA ARG A 45 2.06 -0.91 5.73
C ARG A 45 0.56 -0.94 6.08
N SER A 46 0.13 -2.08 6.59
CA SER A 46 -1.26 -2.26 6.96
C SER A 46 -1.61 -1.36 8.15
N ARG A 47 -2.76 -0.72 8.06
CA ARG A 47 -3.20 0.17 9.13
C ARG A 47 -3.09 -0.53 10.48
N SER A 48 -3.05 -1.85 10.43
CA SER A 48 -2.93 -2.65 11.65
C SER A 48 -1.57 -2.41 12.29
N GLY A 49 -0.61 -2.03 11.46
CA GLY A 49 0.74 -1.78 11.94
C GLY A 49 1.71 -2.84 11.44
N GLN A 50 1.38 -3.40 10.28
CA GLN A 50 2.22 -4.43 9.68
C GLN A 50 2.74 -3.96 8.32
N ALA A 51 4.04 -4.11 8.14
CA ALA A 51 4.68 -3.71 6.89
C ALA A 51 5.21 -4.96 6.18
N GLY A 52 4.83 -5.08 4.92
CA GLY A 52 5.25 -6.21 4.11
C GLY A 52 5.35 -5.83 2.63
N TYR A 53 5.81 -6.78 1.84
CA TYR A 53 5.95 -6.55 0.41
C TYR A 53 4.85 -7.27 -0.37
N VAL A 54 4.46 -6.67 -1.49
CA VAL A 54 3.42 -7.23 -2.33
C VAL A 54 3.66 -6.81 -3.78
N PRO A 55 2.94 -7.51 -4.70
CA PRO A 55 3.06 -7.21 -6.12
C PRO A 55 2.33 -5.92 -6.48
N CYS A 56 2.93 -5.17 -7.40
CA CYS A 56 2.36 -3.91 -7.83
C CYS A 56 1.28 -4.21 -8.87
N ASN A 57 1.08 -5.50 -9.12
CA ASN A 57 0.09 -5.94 -10.09
C ASN A 57 -1.31 -5.77 -9.48
N ILE A 58 -1.36 -5.79 -8.16
CA ILE A 58 -2.62 -5.64 -7.46
C ILE A 58 -2.73 -4.22 -6.93
N LEU A 59 -1.59 -3.56 -6.84
CA LEU A 59 -1.56 -2.19 -6.36
C LEU A 59 -2.26 -1.27 -7.36
N GLY A 60 -2.74 -0.15 -6.85
CA GLY A 60 -3.44 0.81 -7.69
C GLY A 60 -3.38 2.22 -7.08
N GLU A 61 -3.28 3.21 -7.95
CA GLU A 61 -3.23 4.59 -7.50
C GLU A 61 -4.50 4.96 -6.74
N ALA A 62 -4.32 5.30 -5.48
CA ALA A 62 -5.45 5.66 -4.63
C ALA A 62 -5.68 7.18 -4.73
N SER A 63 -6.89 7.53 -5.11
CA SER A 63 -7.25 8.93 -5.25
C SER A 63 -8.09 9.38 -4.04
N GLY A 64 -9.14 8.61 -3.78
CA GLY A 64 -10.02 8.91 -2.65
C GLY A 64 -11.26 9.67 -3.13
N PRO A 65 -12.34 9.57 -2.31
CA PRO A 65 -13.60 10.23 -2.63
C PRO A 65 -13.49 11.74 -2.39
N SER A 66 -13.17 12.46 -3.45
CA SER A 66 -13.04 13.91 -3.37
C SER A 66 -12.14 14.29 -2.20
N SER A 67 -10.83 14.21 -2.46
CA SER A 67 -9.85 14.54 -1.44
C SER A 67 -9.55 16.05 -1.46
N GLY A 68 -8.95 16.51 -0.38
CA GLY A 68 -8.61 17.92 -0.27
C GLY A 68 -7.90 18.21 1.06
N GLY A 1 -4.75 13.51 15.31
CA GLY A 1 -4.28 13.40 13.94
C GLY A 1 -4.93 14.48 13.06
N SER A 2 -6.20 14.26 12.77
CA SER A 2 -6.95 15.19 11.94
C SER A 2 -6.14 15.55 10.69
N SER A 3 -6.34 14.74 9.66
CA SER A 3 -5.64 14.96 8.40
C SER A 3 -4.13 14.87 8.61
N GLY A 4 -3.41 14.76 7.51
CA GLY A 4 -1.96 14.67 7.57
C GLY A 4 -1.30 15.75 6.72
N SER A 5 0.03 15.74 6.72
CA SER A 5 0.78 16.71 5.95
C SER A 5 0.63 16.43 4.46
N SER A 6 1.12 15.27 4.05
CA SER A 6 1.04 14.87 2.66
C SER A 6 1.55 13.43 2.50
N GLY A 7 1.29 12.88 1.31
CA GLY A 7 1.71 11.52 1.03
C GLY A 7 0.77 10.87 0.00
N LYS A 8 1.19 9.71 -0.49
CA LYS A 8 0.41 8.98 -1.46
C LYS A 8 -0.06 7.66 -0.85
N TYR A 9 -1.01 7.04 -1.52
CA TYR A 9 -1.54 5.77 -1.05
C TYR A 9 -1.85 4.83 -2.21
N VAL A 10 -2.25 3.61 -1.87
CA VAL A 10 -2.58 2.62 -2.88
C VAL A 10 -3.89 1.93 -2.51
N LYS A 11 -4.67 1.61 -3.54
CA LYS A 11 -5.95 0.95 -3.34
C LYS A 11 -5.85 -0.49 -3.82
N ILE A 12 -5.76 -1.40 -2.86
CA ILE A 12 -5.68 -2.82 -3.18
C ILE A 12 -6.75 -3.18 -4.21
N LEU A 13 -6.30 -3.74 -5.32
CA LEU A 13 -7.21 -4.14 -6.38
C LEU A 13 -7.67 -5.58 -6.14
N TYR A 14 -6.78 -6.37 -5.57
CA TYR A 14 -7.07 -7.76 -5.28
C TYR A 14 -6.64 -8.13 -3.86
N ASP A 15 -7.51 -8.86 -3.18
CA ASP A 15 -7.23 -9.28 -1.83
C ASP A 15 -6.01 -10.19 -1.82
N PHE A 16 -4.95 -9.70 -1.20
CA PHE A 16 -3.71 -10.45 -1.11
C PHE A 16 -3.47 -10.96 0.32
N THR A 17 -2.99 -12.19 0.40
CA THR A 17 -2.71 -12.80 1.69
C THR A 17 -1.22 -13.10 1.83
N ALA A 18 -0.62 -12.52 2.85
CA ALA A 18 0.80 -12.72 3.10
C ALA A 18 1.09 -14.21 3.12
N ARG A 19 1.88 -14.64 2.15
CA ARG A 19 2.25 -16.04 2.05
C ARG A 19 3.65 -16.27 2.64
N ASN A 20 4.24 -15.19 3.11
CA ASN A 20 5.56 -15.25 3.69
C ASN A 20 5.68 -14.19 4.79
N ALA A 21 6.89 -14.09 5.34
CA ALA A 21 7.14 -13.13 6.39
C ALA A 21 7.34 -11.74 5.77
N ASN A 22 7.95 -11.73 4.60
CA ASN A 22 8.20 -10.49 3.89
C ASN A 22 7.00 -10.18 2.98
N GLU A 23 5.81 -10.36 3.54
CA GLU A 23 4.59 -10.11 2.80
C GLU A 23 3.52 -9.52 3.72
N LEU A 24 2.69 -8.66 3.15
CA LEU A 24 1.63 -8.02 3.91
C LEU A 24 0.29 -8.61 3.49
N SER A 25 -0.62 -8.67 4.45
CA SER A 25 -1.95 -9.22 4.20
C SER A 25 -2.96 -8.08 4.09
N VAL A 26 -3.54 -7.95 2.91
CA VAL A 26 -4.53 -6.93 2.66
C VAL A 26 -5.71 -7.52 1.89
N LEU A 27 -6.83 -6.82 1.94
CA LEU A 27 -8.03 -7.27 1.25
C LEU A 27 -8.27 -6.39 0.02
N LYS A 28 -9.32 -6.73 -0.70
CA LYS A 28 -9.67 -5.98 -1.90
C LYS A 28 -10.51 -4.76 -1.51
N ASP A 29 -10.33 -3.69 -2.28
CA ASP A 29 -11.06 -2.46 -2.03
C ASP A 29 -10.45 -1.74 -0.82
N GLU A 30 -9.29 -2.24 -0.40
CA GLU A 30 -8.61 -1.66 0.74
C GLU A 30 -7.60 -0.61 0.28
N VAL A 31 -7.25 0.29 1.19
CA VAL A 31 -6.31 1.35 0.88
C VAL A 31 -5.17 1.32 1.91
N LEU A 32 -3.99 0.95 1.42
CA LEU A 32 -2.82 0.88 2.27
C LEU A 32 -1.92 2.09 2.00
N GLU A 33 -0.84 2.16 2.76
CA GLU A 33 0.10 3.26 2.62
C GLU A 33 1.41 2.75 1.99
N VAL A 34 1.85 3.46 0.96
CA VAL A 34 3.07 3.09 0.28
C VAL A 34 4.27 3.68 1.03
N LEU A 35 5.24 2.81 1.31
CA LEU A 35 6.43 3.23 2.02
C LEU A 35 7.59 3.36 1.04
N GLU A 36 7.84 2.27 0.32
CA GLU A 36 8.92 2.24 -0.65
C GLU A 36 8.37 1.87 -2.03
N ASP A 37 8.78 2.66 -3.02
CA ASP A 37 8.33 2.44 -4.39
C ASP A 37 9.55 2.46 -5.32
N GLY A 38 9.29 2.11 -6.57
CA GLY A 38 10.36 2.09 -7.57
C GLY A 38 11.08 0.74 -7.57
N ARG A 39 10.46 -0.23 -6.91
CA ARG A 39 11.04 -1.56 -6.83
C ARG A 39 10.03 -2.61 -7.29
N GLN A 40 10.56 -3.76 -7.69
CA GLN A 40 9.72 -4.85 -8.16
C GLN A 40 8.44 -4.93 -7.32
N TRP A 41 8.63 -5.16 -6.03
CA TRP A 41 7.51 -5.27 -5.11
C TRP A 41 7.48 -4.01 -4.24
N TRP A 42 6.29 -3.49 -4.04
CA TRP A 42 6.12 -2.29 -3.23
C TRP A 42 6.08 -2.71 -1.76
N LYS A 43 6.34 -1.75 -0.89
CA LYS A 43 6.33 -2.00 0.54
C LYS A 43 5.32 -1.08 1.22
N LEU A 44 4.22 -1.67 1.65
CA LEU A 44 3.18 -0.90 2.32
C LEU A 44 3.17 -1.25 3.80
N ARG A 45 2.44 -0.45 4.57
CA ARG A 45 2.35 -0.66 6.00
C ARG A 45 0.91 -0.42 6.47
N SER A 46 0.32 -1.48 6.99
CA SER A 46 -1.05 -1.41 7.48
C SER A 46 -1.10 -0.52 8.73
N ARG A 47 -2.33 -0.18 9.12
CA ARG A 47 -2.53 0.65 10.29
C ARG A 47 -2.21 -0.14 11.57
N SER A 48 -1.99 -1.44 11.39
CA SER A 48 -1.67 -2.31 12.51
C SER A 48 -0.17 -2.25 12.80
N GLY A 49 0.50 -1.34 12.12
CA GLY A 49 1.94 -1.17 12.30
C GLY A 49 2.71 -2.25 11.55
N GLN A 50 1.97 -3.04 10.78
CA GLN A 50 2.58 -4.11 10.01
C GLN A 50 3.13 -3.56 8.68
N ALA A 51 4.15 -4.25 8.19
CA ALA A 51 4.77 -3.85 6.93
C ALA A 51 5.24 -5.09 6.19
N GLY A 52 4.86 -5.16 4.92
CA GLY A 52 5.24 -6.28 4.08
C GLY A 52 5.37 -5.86 2.61
N TYR A 53 5.82 -6.80 1.79
CA TYR A 53 5.99 -6.54 0.38
C TYR A 53 4.93 -7.26 -0.45
N VAL A 54 4.49 -6.60 -1.50
CA VAL A 54 3.47 -7.17 -2.38
C VAL A 54 3.74 -6.72 -3.82
N PRO A 55 3.09 -7.44 -4.78
CA PRO A 55 3.25 -7.12 -6.18
C PRO A 55 2.48 -5.86 -6.56
N CYS A 56 3.07 -5.08 -7.45
CA CYS A 56 2.45 -3.84 -7.90
C CYS A 56 1.39 -4.20 -8.94
N ASN A 57 1.29 -5.47 -9.24
CA ASN A 57 0.34 -5.95 -10.22
C ASN A 57 -1.08 -5.78 -9.66
N ILE A 58 -1.20 -6.01 -8.36
CA ILE A 58 -2.49 -5.89 -7.69
C ILE A 58 -2.67 -4.45 -7.22
N LEU A 59 -1.55 -3.77 -7.03
CA LEU A 59 -1.57 -2.39 -6.59
C LEU A 59 -2.08 -1.50 -7.72
N GLY A 60 -2.62 -0.35 -7.33
CA GLY A 60 -3.15 0.60 -8.30
C GLY A 60 -3.10 2.03 -7.75
N GLU A 61 -2.80 2.96 -8.64
CA GLU A 61 -2.73 4.36 -8.27
C GLU A 61 -4.07 4.84 -7.72
N ALA A 62 -4.05 5.27 -6.47
CA ALA A 62 -5.26 5.76 -5.83
C ALA A 62 -5.39 7.26 -6.06
N SER A 63 -6.58 7.78 -5.79
CA SER A 63 -6.84 9.20 -5.97
C SER A 63 -6.76 9.91 -4.62
N GLY A 64 -6.76 11.24 -4.69
CA GLY A 64 -6.68 12.05 -3.49
C GLY A 64 -7.42 13.37 -3.68
N PRO A 65 -7.82 13.98 -2.53
CA PRO A 65 -8.54 15.25 -2.56
C PRO A 65 -7.58 16.40 -2.87
N SER A 66 -6.90 16.27 -4.00
CA SER A 66 -5.96 17.30 -4.42
C SER A 66 -5.57 17.07 -5.89
N SER A 67 -4.94 15.93 -6.13
CA SER A 67 -4.50 15.58 -7.48
C SER A 67 -3.87 16.81 -8.15
N GLY A 68 -2.64 17.08 -7.75
CA GLY A 68 -1.91 18.21 -8.31
C GLY A 68 -0.74 17.73 -9.19
#